data_3VUN
#
_entry.id   3VUN
#
_cell.length_a   170.016
_cell.length_b   98.130
_cell.length_c   144.776
_cell.angle_alpha   90.00
_cell.angle_beta   113.11
_cell.angle_gamma   90.00
#
_symmetry.space_group_name_H-M   'C 1 2 1'
#
loop_
_entity.id
_entity.type
_entity.pdbx_description
1 polymer 'Hemagglutinin HA1 chain'
2 polymer 'Hemagglutinin HA2 chain'
3 branched beta-D-galactopyranose-(1-4)-2-acetamido-2-deoxy-beta-D-glucopyranose-(1-2)-alpha-D-mannopyranose-(1-6)-[2-acetamido-2-deoxy-beta-D-glucopyranose-(1-2)-alpha-D-mannopyranose-(1-3)]beta-D-mannopyranose-(1-4)-2-acetamido-2-deoxy-beta-D-glucopyranose-(1-4)-[alpha-L-fucopyranose-(1-6)]2-acetamido-2-deoxy-beta-D-glucopyranose
4 branched 2-acetamido-2-deoxy-beta-D-glucopyranose-(1-4)-2-acetamido-2-deoxy-beta-D-glucopyranose
5 branched alpha-D-mannopyranose-(1-6)-beta-D-mannopyranose-(1-4)-2-acetamido-2-deoxy-beta-D-glucopyranose-(1-4)-2-acetamido-2-deoxy-beta-D-glucopyranose
6 non-polymer 2-acetamido-2-deoxy-beta-D-glucopyranose
#
loop_
_entity_poly.entity_id
_entity_poly.type
_entity_poly.pdbx_seq_one_letter_code
_entity_poly.pdbx_strand_id
1 'polypeptide(L)'
;QDLPGNDNSTATLCLGHHAVPNGTLVKTITDDQIEVTNATELVQSSSTGKICNNPHRILDGIDCTLIDALLGDPHCDVFQ
NETWDLFVERSKAFSNCYPYDVPDYASLRSLVASSGTLEFITEGFTWTGVTQNGGSNACKRGPSSGFFSRLNWLTKSGST
YPVLNVTMPNNDNFDKLYIWGVHHPSTNQEQTSLYVQASGRVTVSTRRSQQTIIPNIGSRPWVRGLSSRISIYWTIVKPG
DVLVINSNGNLIAPRGYFKMRTGKSSIMRSDAPIDTCISECITPNGSIPNDKPFQNVNKITYGACPKYVKQNTLKLATGM
RNVPEKQTR
;
A,C,E
2 'polypeptide(L)'
;GLFGAIAGFIENGWEGMIDGWYGFRHQNSEGTGQAADLKSTQAAIDQINGKLNRVIEKTNEKFHQIEKEFSEVEGRIQDL
EKYVEDTKIDLWSYNAELLVALENQHTIDLTDSEMNKLFEKTRRQLRENAEDMGNGCFKIYHKCDNACIESIRNGTYDHD
VYRDEALNNRFQIKG
;
B,D,F
#
loop_
_chem_comp.id
_chem_comp.type
_chem_comp.name
_chem_comp.formula
BMA D-saccharide, beta linking beta-D-mannopyranose 'C6 H12 O6'
FUC L-saccharide, alpha linking alpha-L-fucopyranose 'C6 H12 O5'
GAL D-saccharide, beta linking beta-D-galactopyranose 'C6 H12 O6'
MAN D-saccharide, alpha linking alpha-D-mannopyranose 'C6 H12 O6'
NAG D-saccharide, beta linking 2-acetamido-2-deoxy-beta-D-glucopyranose 'C8 H15 N O6'
#
# COMPACT_ATOMS: atom_id res chain seq x y z
N ASP A 7 -31.12 68.37 -7.55
CA ASP A 7 -30.41 67.99 -6.28
C ASP A 7 -30.43 66.47 -6.03
N ASN A 8 -31.51 65.82 -6.45
CA ASN A 8 -31.76 64.39 -6.21
C ASN A 8 -31.09 63.45 -7.22
N SER A 9 -30.41 62.42 -6.69
CA SER A 9 -29.82 61.33 -7.49
C SER A 9 -29.37 60.16 -6.58
N THR A 10 -28.86 59.10 -7.20
CA THR A 10 -28.46 57.89 -6.49
C THR A 10 -26.95 57.66 -6.57
N ALA A 11 -26.53 56.40 -6.37
CA ALA A 11 -25.12 55.99 -6.48
C ALA A 11 -25.04 54.47 -6.71
N THR A 12 -23.94 54.01 -7.31
CA THR A 12 -23.75 52.58 -7.57
C THR A 12 -22.49 52.05 -6.88
N LEU A 13 -22.65 50.95 -6.15
CA LEU A 13 -21.52 50.24 -5.53
C LEU A 13 -21.51 48.82 -6.02
N CYS A 14 -20.48 48.49 -6.79
CA CYS A 14 -20.29 47.14 -7.28
C CYS A 14 -19.25 46.41 -6.43
N LEU A 15 -19.44 45.10 -6.31
CA LEU A 15 -18.47 44.23 -5.67
C LEU A 15 -17.94 43.24 -6.70
N GLY A 16 -16.67 42.89 -6.57
CA GLY A 16 -16.05 41.98 -7.52
C GLY A 16 -14.73 41.43 -7.04
N HIS A 17 -14.14 40.60 -7.90
CA HIS A 17 -12.87 39.92 -7.64
C HIS A 17 -11.97 40.16 -8.82
N HIS A 18 -10.69 39.82 -8.66
CA HIS A 18 -9.73 40.04 -9.73
C HIS A 18 -9.60 38.87 -10.67
N ALA A 19 -9.18 39.17 -11.90
CA ALA A 19 -8.84 38.15 -12.89
C ALA A 19 -7.40 38.36 -13.31
N VAL A 20 -6.86 37.40 -14.05
CA VAL A 20 -5.51 37.56 -14.61
C VAL A 20 -5.52 37.37 -16.13
N PRO A 21 -4.55 38.00 -16.84
CA PRO A 21 -4.45 37.79 -18.28
C PRO A 21 -4.05 36.35 -18.64
N ASN A 22 -3.01 35.83 -17.97
CA ASN A 22 -2.56 34.43 -18.20
C ASN A 22 -3.46 33.36 -17.57
N GLY A 23 -3.11 32.88 -16.37
CA GLY A 23 -3.90 31.85 -15.69
C GLY A 23 -3.44 30.42 -15.95
N THR A 24 -3.81 29.52 -15.05
CA THR A 24 -3.28 28.15 -15.02
C THR A 24 -4.37 27.09 -15.02
N LEU A 25 -4.25 26.12 -15.91
CA LEU A 25 -5.17 24.98 -15.95
C LEU A 25 -4.90 24.04 -14.78
N VAL A 26 -5.99 23.50 -14.23
CA VAL A 26 -5.94 22.74 -12.98
C VAL A 26 -7.00 21.65 -12.99
N LYS A 27 -6.70 20.52 -12.34
CA LYS A 27 -7.67 19.45 -12.21
C LYS A 27 -8.47 19.64 -10.92
N THR A 28 -9.73 19.26 -10.99
CA THR A 28 -10.65 19.45 -9.88
C THR A 28 -11.43 18.14 -9.69
N ILE A 29 -12.53 18.15 -8.93
CA ILE A 29 -13.29 16.93 -8.73
C ILE A 29 -14.32 16.73 -9.87
N THR A 30 -14.86 17.83 -10.35
CA THR A 30 -15.84 17.84 -11.43
C THR A 30 -15.20 18.22 -12.77
N ASP A 31 -13.94 18.65 -12.73
CA ASP A 31 -13.31 19.26 -13.91
C ASP A 31 -11.92 18.75 -14.21
N ASP A 32 -11.80 18.21 -15.42
CA ASP A 32 -10.54 17.71 -15.98
C ASP A 32 -9.52 18.83 -16.09
N GLN A 33 -9.96 19.98 -16.59
CA GLN A 33 -9.16 21.18 -16.57
C GLN A 33 -10.08 22.37 -16.41
N ILE A 34 -9.61 23.36 -15.67
CA ILE A 34 -10.38 24.55 -15.31
C ILE A 34 -9.37 25.62 -14.88
N GLU A 35 -9.61 26.86 -15.27
CA GLU A 35 -8.61 27.90 -15.11
C GLU A 35 -8.72 28.62 -13.78
N VAL A 36 -7.61 28.76 -13.08
CA VAL A 36 -7.57 29.54 -11.85
C VAL A 36 -6.59 30.69 -11.96
N THR A 37 -6.58 31.50 -10.91
CA THR A 37 -5.73 32.68 -10.80
C THR A 37 -4.24 32.33 -10.77
N ASN A 38 -3.89 31.23 -10.11
CA ASN A 38 -2.49 30.85 -9.90
C ASN A 38 -2.36 29.53 -9.15
N ALA A 39 -1.26 28.81 -9.40
CA ALA A 39 -1.01 27.50 -8.80
C ALA A 39 0.48 27.27 -8.53
N THR A 40 0.78 26.18 -7.80
CA THR A 40 2.16 25.73 -7.61
C THR A 40 2.30 24.26 -7.98
N GLU A 41 3.51 23.88 -8.40
CA GLU A 41 3.80 22.49 -8.75
C GLU A 41 4.00 21.66 -7.49
N LEU A 42 3.28 20.54 -7.39
CA LEU A 42 3.47 19.63 -6.27
C LEU A 42 4.42 18.47 -6.58
N VAL A 43 4.79 18.33 -7.86
CA VAL A 43 5.73 17.30 -8.27
C VAL A 43 7.08 17.87 -8.68
N GLN A 44 8.12 17.47 -7.96
CA GLN A 44 9.49 17.83 -8.28
C GLN A 44 9.97 16.93 -9.38
N SER A 45 10.25 17.49 -10.56
CA SER A 45 10.56 16.66 -11.73
C SER A 45 11.93 16.91 -12.37
N SER A 46 12.74 17.78 -11.75
CA SER A 46 14.10 18.02 -12.24
C SER A 46 15.13 17.89 -11.14
N SER A 47 16.38 17.61 -11.53
CA SER A 47 17.50 17.45 -10.61
C SER A 47 18.68 18.33 -11.03
N THR A 48 19.61 18.60 -10.12
CA THR A 48 20.84 19.34 -10.48
C THR A 48 21.74 18.49 -11.36
N GLY A 49 21.71 17.18 -11.15
CA GLY A 49 22.56 16.26 -11.89
C GLY A 49 23.74 15.77 -11.07
N LYS A 50 24.00 16.44 -9.96
CA LYS A 50 25.08 16.04 -9.05
C LYS A 50 24.62 15.82 -7.61
N ILE A 51 25.42 15.08 -6.83
CA ILE A 51 25.09 14.73 -5.44
C ILE A 51 25.83 15.62 -4.43
N CYS A 52 25.07 16.40 -3.68
CA CYS A 52 25.63 17.25 -2.64
C CYS A 52 26.32 16.42 -1.56
N ASN A 53 27.50 16.87 -1.15
CA ASN A 53 28.28 16.18 -0.11
C ASN A 53 27.73 16.39 1.30
N ASN A 54 26.52 16.94 1.39
CA ASN A 54 25.89 17.28 2.67
C ASN A 54 24.37 17.28 2.57
N PRO A 55 23.68 17.00 3.69
CA PRO A 55 24.21 16.77 5.03
C PRO A 55 24.63 15.33 5.28
N HIS A 56 24.52 14.49 4.26
CA HIS A 56 24.87 13.09 4.41
C HIS A 56 26.32 12.88 4.13
N ARG A 57 26.89 11.90 4.82
CA ARG A 57 28.27 11.46 4.63
C ARG A 57 28.32 10.52 3.41
N ILE A 58 28.70 11.06 2.26
CA ILE A 58 28.76 10.28 1.02
C ILE A 58 30.15 9.70 0.83
N LEU A 59 30.22 8.44 0.41
CA LEU A 59 31.51 7.83 0.03
C LEU A 59 31.52 7.36 -1.42
N ASP A 60 32.32 8.03 -2.24
CA ASP A 60 32.46 7.70 -3.64
C ASP A 60 33.28 6.45 -3.80
N GLY A 61 32.65 5.35 -4.20
CA GLY A 61 33.34 4.09 -4.41
C GLY A 61 34.36 4.19 -5.53
N ILE A 62 34.20 5.20 -6.38
CA ILE A 62 34.98 5.34 -7.63
C ILE A 62 34.90 4.04 -8.44
N ASP A 63 36.02 3.33 -8.58
CA ASP A 63 36.02 2.06 -9.33
C ASP A 63 35.99 0.79 -8.45
N CYS A 64 35.35 0.91 -7.28
CA CYS A 64 35.22 -0.22 -6.36
C CYS A 64 33.79 -0.48 -5.96
N THR A 65 33.38 -1.73 -6.05
CA THR A 65 32.12 -2.14 -5.47
C THR A 65 32.33 -2.26 -3.97
N LEU A 66 31.25 -2.13 -3.21
CA LEU A 66 31.31 -2.30 -1.76
C LEU A 66 31.87 -3.68 -1.41
N ILE A 67 31.43 -4.70 -2.13
CA ILE A 67 31.91 -6.06 -1.92
C ILE A 67 33.44 -6.17 -2.12
N ASP A 68 33.96 -5.65 -3.23
CA ASP A 68 35.41 -5.63 -3.49
C ASP A 68 36.18 -4.88 -2.41
N ALA A 69 35.60 -3.78 -1.92
CA ALA A 69 36.21 -2.95 -0.89
C ALA A 69 36.23 -3.69 0.44
N LEU A 70 35.16 -4.43 0.70
CA LEU A 70 34.99 -5.24 1.89
C LEU A 70 36.14 -6.25 1.97
N LEU A 71 36.22 -7.08 0.92
CA LEU A 71 37.16 -8.20 0.87
C LEU A 71 38.63 -7.78 0.82
N GLY A 72 38.90 -6.65 0.17
CA GLY A 72 40.27 -6.14 0.12
C GLY A 72 40.97 -6.37 -1.20
N ASP A 73 40.23 -6.19 -2.29
CA ASP A 73 40.78 -6.11 -3.64
C ASP A 73 41.86 -5.03 -3.61
N PRO A 74 43.10 -5.35 -3.99
CA PRO A 74 44.20 -4.41 -3.76
C PRO A 74 43.92 -2.96 -4.15
N HIS A 75 43.26 -2.71 -5.28
CA HIS A 75 43.02 -1.33 -5.71
C HIS A 75 41.97 -0.60 -4.88
N CYS A 76 41.24 -1.37 -4.06
CA CYS A 76 40.27 -0.85 -3.12
C CYS A 76 40.83 -0.78 -1.70
N ASP A 77 42.13 -0.60 -1.57
CA ASP A 77 42.77 -0.54 -0.24
C ASP A 77 42.52 0.76 0.48
N VAL A 78 42.17 1.81 -0.27
CA VAL A 78 41.86 3.12 0.28
C VAL A 78 40.66 3.06 1.23
N PHE A 79 39.79 2.08 1.01
CA PHE A 79 38.53 1.99 1.74
C PHE A 79 38.62 1.23 3.08
N GLN A 80 39.82 0.90 3.53
CA GLN A 80 39.97 0.19 4.79
C GLN A 80 39.41 1.02 5.94
N ASN A 81 38.52 0.38 6.73
CA ASN A 81 37.89 1.01 7.90
C ASN A 81 36.91 2.13 7.60
N GLU A 82 36.60 2.33 6.32
CA GLU A 82 35.76 3.44 5.89
C GLU A 82 34.35 3.42 6.46
N THR A 83 33.69 4.57 6.35
CA THR A 83 32.40 4.81 6.99
C THR A 83 31.57 5.64 6.01
N TRP A 84 30.26 5.38 5.97
CA TRP A 84 29.38 6.13 5.08
C TRP A 84 27.97 6.20 5.57
N ASP A 85 27.24 7.21 5.10
CA ASP A 85 25.79 7.25 5.19
C ASP A 85 25.27 6.69 3.88
N LEU A 86 25.85 7.12 2.77
CA LEU A 86 25.55 6.53 1.48
C LEU A 86 26.83 6.11 0.77
N PHE A 87 26.86 4.84 0.40
CA PHE A 87 27.90 4.33 -0.48
C PHE A 87 27.42 4.50 -1.92
N VAL A 88 28.22 5.20 -2.72
CA VAL A 88 27.88 5.40 -4.12
C VAL A 88 28.72 4.43 -4.97
N GLU A 89 28.04 3.58 -5.72
CA GLU A 89 28.70 2.64 -6.61
C GLU A 89 28.62 3.13 -8.05
N ARG A 90 29.78 3.24 -8.70
CA ARG A 90 29.86 3.73 -10.07
C ARG A 90 29.82 2.53 -11.00
N SER A 91 29.38 2.76 -12.24
CA SER A 91 29.30 1.67 -13.21
C SER A 91 30.67 1.33 -13.81
N LYS A 92 31.64 2.22 -13.63
CA LYS A 92 33.01 1.97 -14.10
C LYS A 92 33.83 1.08 -13.14
N ALA A 93 33.18 0.51 -12.14
CA ALA A 93 33.84 -0.34 -11.15
C ALA A 93 34.25 -1.69 -11.72
N PHE A 94 35.47 -2.12 -11.42
CA PHE A 94 35.98 -3.43 -11.81
C PHE A 94 36.49 -4.24 -10.61
N SER A 95 36.63 -5.55 -10.81
CA SER A 95 37.32 -6.41 -9.85
C SER A 95 38.65 -6.81 -10.44
N ASN A 96 39.70 -6.76 -9.64
CA ASN A 96 41.04 -7.09 -10.09
C ASN A 96 41.80 -7.92 -9.04
N CYS A 97 41.13 -8.95 -8.54
CA CYS A 97 41.73 -9.89 -7.63
C CYS A 97 41.45 -11.31 -8.12
N TYR A 98 41.47 -12.29 -7.23
CA TYR A 98 41.11 -13.66 -7.57
C TYR A 98 39.64 -13.72 -8.00
N PRO A 99 39.34 -14.44 -9.09
CA PRO A 99 37.94 -14.62 -9.53
C PRO A 99 37.05 -15.20 -8.43
N TYR A 100 35.85 -14.62 -8.27
CA TYR A 100 34.97 -15.03 -7.18
C TYR A 100 33.47 -14.92 -7.50
N ASP A 101 32.65 -15.55 -6.67
CA ASP A 101 31.20 -15.40 -6.72
C ASP A 101 30.65 -15.46 -5.30
N VAL A 102 29.45 -14.91 -5.12
CA VAL A 102 28.80 -14.91 -3.82
C VAL A 102 27.39 -15.45 -3.93
N PRO A 103 27.16 -16.66 -3.38
CA PRO A 103 25.78 -17.08 -3.12
C PRO A 103 25.08 -16.00 -2.29
N ASP A 104 23.94 -15.52 -2.78
CA ASP A 104 23.26 -14.31 -2.29
C ASP A 104 24.17 -13.08 -2.05
N TYR A 105 24.88 -12.73 -3.13
CA TYR A 105 25.59 -11.46 -3.29
C TYR A 105 24.77 -10.28 -2.80
N ALA A 106 23.49 -10.25 -3.21
CA ALA A 106 22.58 -9.16 -2.89
C ALA A 106 22.46 -8.92 -1.39
N SER A 107 22.22 -9.99 -0.62
CA SER A 107 22.06 -9.88 0.83
C SER A 107 23.31 -9.36 1.51
N LEU A 108 24.47 -9.90 1.13
CA LEU A 108 25.73 -9.42 1.66
C LEU A 108 25.88 -7.93 1.37
N ARG A 109 25.79 -7.56 0.09
CA ARG A 109 25.91 -6.17 -0.36
C ARG A 109 24.98 -5.26 0.42
N SER A 110 23.79 -5.77 0.75
CA SER A 110 22.80 -5.03 1.51
C SER A 110 23.18 -4.90 2.98
N LEU A 111 23.46 -6.02 3.64
CA LEU A 111 23.65 -6.00 5.09
C LEU A 111 24.91 -5.22 5.48
N VAL A 112 25.88 -5.19 4.57
CA VAL A 112 27.10 -4.42 4.77
C VAL A 112 26.81 -2.92 4.55
N ALA A 113 26.02 -2.61 3.52
CA ALA A 113 25.54 -1.25 3.28
C ALA A 113 24.91 -0.63 4.54
N SER A 114 23.94 -1.35 5.11
CA SER A 114 23.23 -0.91 6.32
C SER A 114 24.15 -0.75 7.55
N SER A 115 25.18 -1.57 7.60
CA SER A 115 26.17 -1.47 8.66
C SER A 115 26.83 -0.09 8.58
N GLY A 116 27.17 0.33 7.35
CA GLY A 116 27.74 1.65 7.12
C GLY A 116 29.16 1.81 7.61
N THR A 117 29.89 0.70 7.72
CA THR A 117 31.29 0.68 8.20
C THR A 117 32.04 -0.55 7.70
N LEU A 118 33.34 -0.38 7.50
CA LEU A 118 34.24 -1.44 7.05
C LEU A 118 35.37 -1.69 8.05
N GLU A 119 35.10 -1.34 9.31
CA GLU A 119 36.07 -1.53 10.38
C GLU A 119 36.32 -3.00 10.54
N PHE A 120 37.58 -3.39 10.34
CA PHE A 120 38.00 -4.78 10.41
C PHE A 120 38.94 -4.99 11.58
N ILE A 121 38.58 -5.93 12.46
CA ILE A 121 39.41 -6.23 13.63
C ILE A 121 40.19 -7.52 13.39
N THR A 122 41.52 -7.42 13.38
CA THR A 122 42.37 -8.59 13.19
C THR A 122 42.47 -9.42 14.48
N GLU A 123 42.03 -10.67 14.38
CA GLU A 123 42.06 -11.61 15.50
C GLU A 123 43.12 -12.69 15.31
N GLY A 124 43.80 -13.03 16.41
CA GLY A 124 44.86 -14.02 16.39
C GLY A 124 44.32 -15.43 16.22
N PHE A 125 43.99 -15.78 14.98
CA PHE A 125 43.64 -17.16 14.64
C PHE A 125 44.89 -18.00 14.55
N THR A 126 44.81 -19.26 14.95
CA THR A 126 45.96 -20.18 14.87
C THR A 126 45.69 -21.33 13.92
N TRP A 127 46.47 -21.38 12.85
CA TRP A 127 46.31 -22.40 11.81
C TRP A 127 47.45 -23.38 11.89
N THR A 128 47.24 -24.45 12.67
CA THR A 128 48.29 -25.43 12.92
C THR A 128 48.51 -26.36 11.71
N GLY A 129 49.77 -26.47 11.28
CA GLY A 129 50.17 -27.42 10.26
C GLY A 129 49.72 -27.12 8.84
N VAL A 130 49.51 -25.83 8.54
CA VAL A 130 49.12 -25.38 7.20
C VAL A 130 49.83 -24.06 6.82
N THR A 131 50.12 -23.89 5.54
CA THR A 131 50.77 -22.66 5.05
C THR A 131 49.75 -21.53 4.84
N GLN A 132 50.10 -20.32 5.28
CA GLN A 132 49.20 -19.17 5.19
C GLN A 132 49.63 -18.15 4.12
N ASN A 133 48.78 -17.16 3.91
CA ASN A 133 49.10 -15.99 3.10
C ASN A 133 49.36 -16.28 1.63
N GLY A 134 48.58 -17.23 1.10
CA GLY A 134 48.69 -17.62 -0.29
C GLY A 134 48.31 -16.48 -1.21
N GLY A 135 49.20 -16.15 -2.14
CA GLY A 135 48.96 -15.11 -3.15
C GLY A 135 48.65 -15.63 -4.55
N SER A 136 48.55 -14.73 -5.52
CA SER A 136 48.21 -15.07 -6.90
C SER A 136 48.47 -13.89 -7.84
N ASN A 137 48.92 -14.19 -9.07
CA ASN A 137 49.16 -13.16 -10.08
C ASN A 137 47.89 -12.46 -10.57
N ALA A 138 46.73 -13.07 -10.34
CA ALA A 138 45.45 -12.47 -10.68
C ALA A 138 45.04 -11.37 -9.70
N CYS A 139 45.89 -11.11 -8.71
CA CYS A 139 45.57 -10.18 -7.63
C CYS A 139 46.85 -9.50 -7.13
N LYS A 140 47.49 -8.74 -8.01
CA LYS A 140 48.80 -8.15 -7.72
C LYS A 140 48.76 -7.09 -6.62
N ARG A 141 49.80 -7.08 -5.78
CA ARG A 141 49.98 -6.08 -4.73
C ARG A 141 51.33 -5.40 -4.89
N GLY A 142 51.34 -4.17 -5.39
CA GLY A 142 52.58 -3.44 -5.63
C GLY A 142 53.51 -4.23 -6.55
N PRO A 143 54.73 -4.55 -6.07
CA PRO A 143 55.69 -5.26 -6.92
C PRO A 143 55.31 -6.72 -7.18
N SER A 144 55.04 -7.47 -6.11
CA SER A 144 54.73 -8.89 -6.22
C SER A 144 53.23 -9.14 -6.36
N SER A 145 52.81 -10.38 -6.10
CA SER A 145 51.41 -10.77 -6.20
C SER A 145 50.81 -11.02 -4.82
N GLY A 146 49.49 -10.83 -4.69
CA GLY A 146 48.83 -10.95 -3.39
C GLY A 146 47.45 -11.59 -3.40
N PHE A 147 46.58 -11.09 -2.52
CA PHE A 147 45.23 -11.64 -2.32
C PHE A 147 44.33 -10.58 -1.69
N PHE A 148 43.07 -10.92 -1.47
CA PHE A 148 42.19 -10.07 -0.68
C PHE A 148 42.84 -9.79 0.67
N SER A 149 42.76 -8.55 1.15
CA SER A 149 43.45 -8.18 2.39
C SER A 149 42.80 -8.76 3.67
N ARG A 150 41.50 -8.99 3.61
CA ARG A 150 40.72 -9.47 4.75
C ARG A 150 40.57 -11.00 4.73
N LEU A 151 41.44 -11.66 3.95
CA LEU A 151 41.34 -13.10 3.75
C LEU A 151 42.70 -13.85 3.73
N ASN A 152 42.71 -15.03 4.34
CA ASN A 152 43.89 -15.86 4.47
C ASN A 152 43.79 -17.15 3.65
N TRP A 153 44.70 -17.32 2.71
CA TRP A 153 44.72 -18.50 1.85
C TRP A 153 45.57 -19.60 2.44
N LEU A 154 44.91 -20.67 2.87
CA LEU A 154 45.56 -21.78 3.54
C LEU A 154 45.89 -22.93 2.59
N THR A 155 47.19 -23.18 2.38
CA THR A 155 47.69 -24.37 1.67
C THR A 155 48.28 -25.35 2.69
N LYS A 156 49.00 -26.39 2.24
CA LYS A 156 49.45 -27.45 3.16
C LYS A 156 50.91 -27.29 3.61
N SER A 157 51.28 -27.99 4.69
CA SER A 157 52.64 -27.96 5.25
C SER A 157 53.41 -29.22 4.89
N GLY A 158 54.60 -29.03 4.32
CA GLY A 158 55.38 -30.13 3.77
C GLY A 158 54.54 -30.81 2.70
N SER A 159 53.80 -31.85 3.12
CA SER A 159 52.81 -32.50 2.28
C SER A 159 51.67 -33.06 3.13
N THR A 160 51.27 -32.30 4.14
CA THR A 160 50.19 -32.71 5.04
C THR A 160 49.25 -31.55 5.41
N TYR A 161 47.96 -31.74 5.15
CA TYR A 161 46.94 -30.74 5.47
C TYR A 161 45.97 -31.32 6.51
N PRO A 162 46.25 -31.07 7.81
CA PRO A 162 45.49 -31.64 8.93
C PRO A 162 44.06 -31.13 8.96
N VAL A 163 43.22 -31.78 9.76
CA VAL A 163 41.85 -31.32 9.99
C VAL A 163 41.88 -30.06 10.85
N LEU A 164 41.53 -28.93 10.24
CA LEU A 164 41.53 -27.64 10.92
C LEU A 164 40.35 -27.54 11.87
N ASN A 165 40.64 -27.30 13.13
CA ASN A 165 39.61 -27.19 14.17
C ASN A 165 39.94 -26.03 15.09
N VAL A 166 39.33 -24.87 14.82
CA VAL A 166 39.60 -23.62 15.57
C VAL A 166 38.33 -22.98 16.11
N THR A 167 38.51 -22.16 17.15
CA THR A 167 37.39 -21.45 17.78
C THR A 167 37.73 -19.97 17.98
N MET A 168 36.70 -19.15 18.12
CA MET A 168 36.86 -17.73 18.36
C MET A 168 35.59 -17.16 19.01
N PRO A 169 35.52 -17.20 20.35
CA PRO A 169 34.31 -16.80 21.08
C PRO A 169 34.13 -15.29 21.06
N ASN A 170 32.89 -14.84 20.86
CA ASN A 170 32.58 -13.41 20.92
C ASN A 170 32.35 -12.98 22.37
N ASN A 171 33.43 -12.53 23.00
CA ASN A 171 33.39 -12.09 24.39
C ASN A 171 33.16 -10.59 24.51
N ASP A 172 32.69 -9.97 23.43
CA ASP A 172 32.37 -8.56 23.42
C ASP A 172 30.85 -8.39 23.50
N ASN A 173 30.39 -7.14 23.47
CA ASN A 173 28.96 -6.85 23.59
C ASN A 173 28.26 -6.47 22.29
N PHE A 174 29.03 -6.40 21.21
CA PHE A 174 28.53 -6.09 19.88
C PHE A 174 28.57 -7.33 18.99
N ASP A 175 27.90 -7.26 17.85
CA ASP A 175 27.93 -8.36 16.89
C ASP A 175 29.22 -8.39 16.07
N LYS A 176 29.64 -9.59 15.69
CA LYS A 176 30.80 -9.79 14.82
C LYS A 176 30.37 -10.29 13.44
N LEU A 177 30.97 -9.72 12.39
CA LEU A 177 30.72 -10.18 11.02
C LEU A 177 31.94 -10.89 10.45
N TYR A 178 31.80 -12.19 10.20
CA TYR A 178 32.89 -12.98 9.63
C TYR A 178 32.69 -13.29 8.15
N ILE A 179 33.70 -12.95 7.35
CA ILE A 179 33.68 -13.20 5.92
C ILE A 179 34.79 -14.21 5.60
N TRP A 180 34.38 -15.36 5.09
CA TRP A 180 35.29 -16.46 4.75
C TRP A 180 34.91 -17.06 3.43
N GLY A 181 35.79 -17.93 2.92
CA GLY A 181 35.58 -18.52 1.59
C GLY A 181 35.91 -19.99 1.44
N VAL A 182 35.61 -20.50 0.24
CA VAL A 182 35.87 -21.89 -0.14
C VAL A 182 36.49 -21.88 -1.52
N HIS A 183 37.55 -22.65 -1.72
CA HIS A 183 38.22 -22.69 -3.01
C HIS A 183 37.74 -23.81 -3.87
N HIS A 184 37.46 -23.50 -5.14
CA HIS A 184 37.08 -24.49 -6.14
C HIS A 184 38.15 -24.56 -7.20
N PRO A 185 38.99 -25.62 -7.15
CA PRO A 185 40.09 -25.79 -8.11
C PRO A 185 39.61 -26.24 -9.51
N SER A 186 40.39 -25.90 -10.53
CA SER A 186 40.10 -26.27 -11.91
C SER A 186 40.23 -27.78 -12.12
N THR A 187 41.37 -28.31 -11.70
CA THR A 187 41.74 -29.71 -11.94
C THR A 187 41.98 -30.48 -10.62
N ASN A 188 41.79 -31.80 -10.66
CA ASN A 188 42.13 -32.69 -9.54
C ASN A 188 43.62 -32.60 -9.23
N GLN A 189 44.40 -32.26 -10.27
CA GLN A 189 45.83 -31.96 -10.20
C GLN A 189 46.10 -30.77 -9.27
N GLU A 190 45.34 -29.69 -9.47
CA GLU A 190 45.43 -28.50 -8.64
C GLU A 190 44.94 -28.78 -7.22
N GLN A 191 43.83 -29.52 -7.10
CA GLN A 191 43.19 -29.85 -5.83
C GLN A 191 44.16 -30.41 -4.79
N THR A 192 44.91 -31.44 -5.16
CA THR A 192 45.79 -32.16 -4.24
C THR A 192 47.12 -31.42 -3.98
N SER A 193 47.59 -30.67 -4.97
CA SER A 193 48.83 -29.90 -4.85
C SER A 193 48.77 -28.85 -3.74
N LEU A 194 47.56 -28.38 -3.44
CA LEU A 194 47.35 -27.36 -2.42
C LEU A 194 46.83 -27.95 -1.13
N TYR A 195 45.93 -28.93 -1.24
CA TYR A 195 45.13 -29.36 -0.09
C TYR A 195 45.29 -30.83 0.32
N VAL A 196 46.12 -31.57 -0.42
CA VAL A 196 46.29 -33.03 -0.21
C VAL A 196 44.99 -33.80 -0.52
N GLN A 197 44.07 -33.85 0.44
CA GLN A 197 42.79 -34.56 0.28
C GLN A 197 42.03 -34.14 -0.97
N ALA A 198 41.87 -35.08 -1.90
CA ALA A 198 41.24 -34.81 -3.21
C ALA A 198 39.79 -34.33 -3.12
N SER A 199 39.22 -34.41 -1.91
CA SER A 199 37.88 -33.89 -1.63
C SER A 199 37.90 -33.07 -0.34
N GLY A 200 37.97 -31.75 -0.48
CA GLY A 200 37.98 -30.83 0.66
C GLY A 200 36.59 -30.64 1.27
N ARG A 201 36.52 -29.80 2.30
CA ARG A 201 35.25 -29.54 3.02
C ARG A 201 35.44 -28.40 4.02
N VAL A 202 34.43 -27.53 4.14
CA VAL A 202 34.46 -26.41 5.08
C VAL A 202 33.16 -26.34 5.88
N THR A 203 33.26 -26.45 7.21
CA THR A 203 32.14 -26.20 8.10
C THR A 203 32.42 -24.96 8.96
N VAL A 204 31.47 -24.02 8.94
CA VAL A 204 31.51 -22.85 9.82
C VAL A 204 30.18 -22.78 10.58
N SER A 205 30.26 -22.60 11.90
CA SER A 205 29.10 -22.77 12.76
C SER A 205 29.13 -21.90 14.02
N THR A 206 27.95 -21.51 14.49
CA THR A 206 27.78 -20.92 15.81
C THR A 206 27.16 -22.00 16.70
N ARG A 207 26.55 -21.61 17.81
CA ARG A 207 25.75 -22.58 18.56
C ARG A 207 24.32 -22.64 18.03
N ARG A 208 23.88 -21.58 17.37
CA ARG A 208 22.52 -21.53 16.83
C ARG A 208 22.36 -22.19 15.46
N SER A 209 23.29 -21.92 14.54
CA SER A 209 23.21 -22.54 13.22
C SER A 209 24.58 -22.93 12.67
N GLN A 210 24.58 -23.39 11.42
CA GLN A 210 25.76 -23.95 10.78
C GLN A 210 25.60 -23.88 9.27
N GLN A 211 26.67 -24.22 8.56
CA GLN A 211 26.67 -24.39 7.11
C GLN A 211 27.95 -25.08 6.69
N THR A 212 27.83 -26.14 5.91
CA THR A 212 28.98 -26.83 5.37
C THR A 212 29.00 -26.73 3.85
N ILE A 213 30.13 -26.31 3.29
CA ILE A 213 30.27 -26.25 1.86
C ILE A 213 31.33 -27.24 1.39
N ILE A 214 30.91 -28.14 0.50
CA ILE A 214 31.85 -29.03 -0.18
C ILE A 214 32.27 -28.41 -1.52
N PRO A 215 33.59 -28.31 -1.75
CA PRO A 215 34.15 -27.71 -2.96
C PRO A 215 33.81 -28.53 -4.19
N ASN A 216 33.83 -27.90 -5.36
CA ASN A 216 33.50 -28.58 -6.61
C ASN A 216 34.48 -28.30 -7.73
N ILE A 217 35.27 -29.33 -8.04
CA ILE A 217 36.33 -29.26 -9.05
C ILE A 217 35.73 -29.17 -10.46
N GLY A 218 36.48 -28.55 -11.37
CA GLY A 218 36.05 -28.37 -12.75
C GLY A 218 36.45 -27.03 -13.32
N SER A 219 36.36 -26.90 -14.64
CA SER A 219 36.71 -25.67 -15.34
C SER A 219 35.56 -24.66 -15.35
N ARG A 220 35.89 -23.42 -15.01
CA ARG A 220 35.05 -22.27 -15.27
C ARG A 220 35.72 -21.50 -16.41
N PRO A 221 35.06 -20.44 -16.93
CA PRO A 221 35.73 -19.67 -17.99
C PRO A 221 36.86 -18.80 -17.44
N TRP A 222 37.85 -18.54 -18.30
CA TRP A 222 38.97 -17.66 -17.98
C TRP A 222 38.52 -16.32 -17.44
N VAL A 223 38.78 -16.09 -16.16
CA VAL A 223 38.65 -14.77 -15.55
C VAL A 223 40.00 -14.42 -14.92
N ARG A 224 40.66 -13.42 -15.50
CA ARG A 224 42.07 -13.10 -15.22
C ARG A 224 42.97 -14.33 -15.32
N GLY A 225 42.89 -15.02 -16.46
CA GLY A 225 43.73 -16.20 -16.73
C GLY A 225 43.49 -17.43 -15.90
N LEU A 226 42.38 -17.46 -15.16
CA LEU A 226 42.10 -18.54 -14.21
C LEU A 226 40.74 -19.23 -14.41
N SER A 227 40.75 -20.56 -14.33
CA SER A 227 39.53 -21.36 -14.39
C SER A 227 38.99 -21.66 -12.99
N SER A 228 39.77 -21.35 -11.96
CA SER A 228 39.34 -21.61 -10.59
C SER A 228 38.50 -20.47 -10.02
N ARG A 229 37.75 -20.76 -8.97
CA ARG A 229 36.89 -19.77 -8.33
C ARG A 229 36.97 -19.84 -6.82
N ILE A 230 36.55 -18.76 -6.16
CA ILE A 230 36.36 -18.75 -4.72
C ILE A 230 34.93 -18.33 -4.39
N SER A 231 34.21 -19.21 -3.69
CA SER A 231 32.89 -18.87 -3.18
C SER A 231 33.02 -18.10 -1.87
N ILE A 232 32.21 -17.08 -1.69
CA ILE A 232 32.28 -16.23 -0.50
C ILE A 232 31.05 -16.41 0.36
N TYR A 233 31.28 -16.62 1.66
CA TYR A 233 30.19 -16.80 2.62
C TYR A 233 30.38 -15.91 3.83
N TRP A 234 29.30 -15.73 4.60
CA TRP A 234 29.32 -14.89 5.80
C TRP A 234 28.62 -15.54 6.97
N THR A 235 29.13 -15.30 8.17
CA THR A 235 28.47 -15.77 9.40
C THR A 235 28.58 -14.71 10.49
N ILE A 236 27.41 -14.29 11.00
CA ILE A 236 27.35 -13.31 12.08
C ILE A 236 27.38 -14.02 13.44
N VAL A 237 28.14 -13.48 14.39
CA VAL A 237 28.29 -14.09 15.70
C VAL A 237 27.81 -13.16 16.81
N LYS A 238 26.72 -13.54 17.47
CA LYS A 238 26.13 -12.75 18.57
C LYS A 238 27.01 -12.73 19.82
N PRO A 239 26.85 -11.70 20.68
CA PRO A 239 27.64 -11.63 21.93
C PRO A 239 27.34 -12.83 22.82
N GLY A 240 28.38 -13.58 23.18
CA GLY A 240 28.22 -14.77 23.99
C GLY A 240 28.40 -16.03 23.18
N ASP A 241 27.95 -16.03 21.93
CA ASP A 241 28.10 -17.17 21.03
C ASP A 241 29.58 -17.44 20.68
N VAL A 242 29.81 -18.52 19.94
CA VAL A 242 31.16 -18.90 19.53
C VAL A 242 31.18 -19.24 18.03
N LEU A 243 32.30 -18.96 17.36
CA LEU A 243 32.49 -19.35 15.97
C LEU A 243 33.44 -20.54 15.90
N VAL A 244 33.01 -21.62 15.26
CA VAL A 244 33.88 -22.79 15.03
C VAL A 244 34.12 -22.94 13.54
N ILE A 245 35.36 -23.28 13.19
CA ILE A 245 35.76 -23.51 11.81
C ILE A 245 36.45 -24.87 11.64
N ASN A 246 35.81 -25.75 10.88
CA ASN A 246 36.38 -27.03 10.47
C ASN A 246 36.83 -26.99 9.02
N SER A 247 37.86 -27.77 8.68
CA SER A 247 38.23 -27.99 7.29
C SER A 247 39.35 -29.00 7.09
N ASN A 248 39.13 -29.94 6.18
CA ASN A 248 40.16 -30.87 5.72
C ASN A 248 40.76 -30.40 4.39
N GLY A 249 40.36 -29.21 3.96
CA GLY A 249 40.87 -28.60 2.74
C GLY A 249 39.99 -27.50 2.16
N ASN A 250 40.57 -26.72 1.26
CA ASN A 250 39.88 -25.69 0.46
C ASN A 250 39.29 -24.55 1.30
N LEU A 251 39.98 -24.18 2.37
CA LEU A 251 39.49 -23.14 3.28
C LEU A 251 40.20 -21.82 3.07
N ILE A 252 39.41 -20.79 2.75
CA ILE A 252 39.89 -19.41 2.68
C ILE A 252 39.51 -18.74 3.99
N ALA A 253 40.47 -18.72 4.90
CA ALA A 253 40.29 -18.27 6.28
C ALA A 253 40.01 -16.78 6.43
N PRO A 254 39.20 -16.39 7.45
CA PRO A 254 39.06 -14.98 7.80
C PRO A 254 40.23 -14.51 8.68
N ARG A 255 40.58 -13.23 8.60
CA ARG A 255 41.67 -12.67 9.40
C ARG A 255 41.16 -12.04 10.68
N GLY A 256 39.84 -11.93 10.78
CA GLY A 256 39.14 -11.30 11.90
C GLY A 256 37.72 -10.95 11.51
N TYR A 257 37.14 -9.93 12.15
CA TYR A 257 35.75 -9.57 11.87
C TYR A 257 35.55 -8.12 11.51
N PHE A 258 34.40 -7.84 10.92
CA PHE A 258 33.91 -6.49 10.68
C PHE A 258 32.92 -6.13 11.76
N LYS A 259 32.98 -4.88 12.24
CA LYS A 259 31.99 -4.41 13.19
C LYS A 259 30.66 -4.13 12.48
N MET A 260 29.58 -4.09 13.25
CA MET A 260 28.27 -3.84 12.71
C MET A 260 27.61 -2.67 13.43
N ARG A 261 26.91 -1.85 12.66
CA ARG A 261 26.13 -0.75 13.22
C ARG A 261 24.70 -0.83 12.67
N THR A 262 23.73 -0.43 13.49
CA THR A 262 22.34 -0.32 13.05
C THR A 262 22.16 1.14 12.67
N GLY A 263 22.55 1.47 11.45
CA GLY A 263 22.59 2.85 11.03
C GLY A 263 21.43 3.23 10.16
N LYS A 264 21.41 4.50 9.77
CA LYS A 264 20.53 4.96 8.73
C LYS A 264 21.28 4.94 7.39
N SER A 265 22.32 4.10 7.31
CA SER A 265 23.20 4.07 6.12
C SER A 265 22.75 3.07 5.05
N SER A 266 23.15 3.34 3.80
CA SER A 266 22.72 2.56 2.64
C SER A 266 23.67 2.72 1.46
N ILE A 267 23.26 2.21 0.30
CA ILE A 267 24.09 2.16 -0.91
C ILE A 267 23.25 2.58 -2.11
N MET A 268 23.90 3.10 -3.15
CA MET A 268 23.20 3.58 -4.34
C MET A 268 24.08 3.53 -5.59
N ARG A 269 23.55 2.96 -6.65
CA ARG A 269 24.27 2.92 -7.93
C ARG A 269 24.01 4.24 -8.63
N SER A 270 25.07 4.95 -9.00
CA SER A 270 24.93 6.23 -9.69
C SER A 270 26.26 6.73 -10.23
N ASP A 271 26.17 7.51 -11.31
CA ASP A 271 27.37 8.11 -11.92
C ASP A 271 27.40 9.63 -11.79
N ALA A 272 26.42 10.19 -11.08
CA ALA A 272 26.37 11.62 -10.82
C ALA A 272 27.64 12.08 -10.10
N PRO A 273 28.23 13.21 -10.53
CA PRO A 273 29.39 13.72 -9.81
C PRO A 273 28.98 14.12 -8.38
N ILE A 274 29.95 14.46 -7.57
CA ILE A 274 29.66 14.88 -6.21
C ILE A 274 30.09 16.32 -6.04
N ASP A 275 29.29 17.11 -5.35
CA ASP A 275 29.51 18.54 -5.27
C ASP A 275 29.58 19.04 -3.84
N THR A 276 30.00 20.29 -3.70
CA THR A 276 29.97 20.95 -2.42
C THR A 276 28.70 21.77 -2.29
N CYS A 277 27.72 21.21 -1.57
CA CYS A 277 26.43 21.84 -1.33
C CYS A 277 25.64 21.03 -0.31
N ILE A 278 24.49 21.54 0.10
CA ILE A 278 23.63 20.86 1.09
C ILE A 278 22.26 20.53 0.49
N SER A 279 22.06 19.28 0.10
CA SER A 279 20.74 18.80 -0.28
C SER A 279 20.39 17.52 0.45
N GLU A 280 19.35 17.60 1.30
CA GLU A 280 18.89 16.50 2.13
C GLU A 280 18.46 15.28 1.33
N CYS A 281 17.71 15.50 0.24
CA CYS A 281 17.22 14.38 -0.55
C CYS A 281 18.19 14.04 -1.66
N ILE A 282 18.52 12.76 -1.79
CA ILE A 282 19.42 12.26 -2.81
C ILE A 282 18.69 11.26 -3.72
N THR A 283 19.04 11.31 -4.99
CA THR A 283 18.52 10.40 -6.01
C THR A 283 19.67 10.04 -6.96
N PRO A 284 19.60 8.87 -7.64
CA PRO A 284 20.72 8.53 -8.53
C PRO A 284 20.96 9.55 -9.65
N ASN A 285 19.92 10.33 -10.00
CA ASN A 285 20.02 11.40 -10.98
C ASN A 285 20.72 12.63 -10.43
N GLY A 286 21.01 12.61 -9.12
CA GLY A 286 21.58 13.76 -8.42
C GLY A 286 20.68 14.10 -7.27
N SER A 287 21.01 15.15 -6.53
CA SER A 287 20.17 15.59 -5.41
C SER A 287 18.96 16.34 -5.93
N ILE A 288 17.85 16.24 -5.20
CA ILE A 288 16.64 17.00 -5.52
C ILE A 288 16.14 17.73 -4.27
N PRO A 289 15.57 18.93 -4.43
CA PRO A 289 15.05 19.62 -3.25
C PRO A 289 13.79 18.91 -2.74
N ASN A 290 13.51 19.05 -1.45
CA ASN A 290 12.33 18.39 -0.88
C ASN A 290 11.20 19.33 -0.46
N ASP A 291 11.12 20.48 -1.12
CA ASP A 291 10.08 21.47 -0.84
C ASP A 291 8.70 20.98 -1.27
N LYS A 292 8.66 20.05 -2.22
CA LYS A 292 7.41 19.53 -2.73
C LYS A 292 7.07 18.19 -2.08
N PRO A 293 5.77 17.84 -2.02
CA PRO A 293 5.38 16.56 -1.40
C PRO A 293 5.63 15.38 -2.31
N PHE A 294 5.60 15.62 -3.63
CA PHE A 294 5.75 14.55 -4.60
C PHE A 294 6.92 14.80 -5.57
N GLN A 295 7.51 13.71 -6.04
CA GLN A 295 8.60 13.76 -6.99
C GLN A 295 8.43 12.73 -8.11
N ASN A 296 8.98 13.06 -9.28
CA ASN A 296 8.88 12.22 -10.46
C ASN A 296 10.24 11.88 -11.05
N VAL A 297 11.30 12.15 -10.30
CA VAL A 297 12.67 11.94 -10.77
C VAL A 297 13.03 10.45 -10.78
N ASN A 298 12.94 9.79 -9.62
CA ASN A 298 13.34 8.39 -9.50
C ASN A 298 12.74 7.78 -8.23
N LYS A 299 12.29 6.54 -8.34
CA LYS A 299 11.76 5.79 -7.18
C LYS A 299 12.84 5.52 -6.14
N ILE A 300 14.08 5.35 -6.61
CA ILE A 300 15.24 5.13 -5.75
C ILE A 300 15.69 6.47 -5.13
N THR A 301 15.56 6.58 -3.80
CA THR A 301 15.95 7.81 -3.09
C THR A 301 16.62 7.52 -1.75
N TYR A 302 17.41 8.48 -1.29
CA TYR A 302 17.97 8.42 0.06
C TYR A 302 17.76 9.76 0.75
N GLY A 303 17.41 9.73 2.03
CA GLY A 303 17.18 10.96 2.81
C GLY A 303 15.72 11.32 2.98
N ALA A 304 15.46 12.50 3.54
CA ALA A 304 14.08 13.00 3.69
C ALA A 304 13.56 13.51 2.35
N CYS A 305 12.81 12.66 1.66
CA CYS A 305 12.44 12.92 0.28
C CYS A 305 10.93 13.03 0.06
N PRO A 306 10.53 13.70 -1.05
CA PRO A 306 9.14 13.65 -1.48
C PRO A 306 8.78 12.25 -1.92
N LYS A 307 7.50 11.87 -1.81
CA LYS A 307 7.05 10.54 -2.24
C LYS A 307 7.14 10.43 -3.76
N TYR A 308 7.67 9.32 -4.25
CA TYR A 308 7.72 9.11 -5.70
C TYR A 308 6.34 8.81 -6.24
N VAL A 309 6.03 9.46 -7.36
CA VAL A 309 4.69 9.39 -7.96
C VAL A 309 4.78 9.30 -9.48
N LYS A 310 3.79 8.66 -10.10
CA LYS A 310 3.80 8.44 -11.55
C LYS A 310 3.66 9.70 -12.41
N GLN A 311 2.96 10.72 -11.90
CA GLN A 311 2.70 11.96 -12.63
C GLN A 311 3.91 12.90 -12.69
N ASN A 312 4.08 13.58 -13.82
CA ASN A 312 5.18 14.56 -13.95
C ASN A 312 4.81 15.95 -13.42
N THR A 313 3.52 16.25 -13.47
CA THR A 313 2.99 17.53 -13.01
C THR A 313 1.72 17.33 -12.17
N LEU A 314 1.51 18.24 -11.23
CA LEU A 314 0.34 18.24 -10.37
C LEU A 314 0.18 19.62 -9.74
N LYS A 315 -0.59 20.48 -10.42
CA LYS A 315 -0.78 21.85 -9.99
C LYS A 315 -1.76 21.90 -8.84
N LEU A 316 -1.41 22.64 -7.79
CA LEU A 316 -2.33 22.90 -6.68
C LEU A 316 -2.78 24.36 -6.73
N ALA A 317 -4.08 24.58 -6.93
CA ALA A 317 -4.65 25.93 -6.99
C ALA A 317 -4.32 26.77 -5.77
N THR A 318 -3.71 27.93 -6.00
CA THR A 318 -3.40 28.89 -4.95
C THR A 318 -4.11 30.22 -5.24
N GLY A 319 -5.31 30.13 -5.80
CA GLY A 319 -6.10 31.29 -6.15
C GLY A 319 -7.48 30.91 -6.64
N MET A 320 -8.35 31.89 -6.74
CA MET A 320 -9.73 31.67 -7.15
C MET A 320 -9.87 31.27 -8.61
N ARG A 321 -11.07 30.82 -8.99
CA ARG A 321 -11.39 30.62 -10.39
C ARG A 321 -11.11 31.93 -11.14
N ASN A 322 -10.56 31.81 -12.34
CA ASN A 322 -10.25 32.98 -13.15
C ASN A 322 -11.34 33.24 -14.18
N VAL A 323 -12.01 34.39 -14.06
CA VAL A 323 -13.05 34.77 -15.02
C VAL A 323 -12.69 36.12 -15.65
N PRO A 324 -12.21 36.10 -16.90
CA PRO A 324 -11.69 37.32 -17.50
C PRO A 324 -12.75 38.12 -18.25
N GLU A 325 -12.43 39.38 -18.54
CA GLU A 325 -13.30 40.28 -19.31
C GLU A 325 -13.25 39.93 -20.80
N GLY B 1 -18.34 27.26 -8.51
CA GLY B 1 -18.41 27.51 -7.04
C GLY B 1 -19.78 27.31 -6.43
N LEU B 2 -19.80 26.65 -5.27
CA LEU B 2 -21.05 26.30 -4.58
C LEU B 2 -21.91 27.51 -4.20
N PHE B 3 -21.31 28.71 -4.19
CA PHE B 3 -22.02 29.89 -3.73
C PHE B 3 -22.56 30.75 -4.87
N GLY B 4 -22.12 30.45 -6.09
CA GLY B 4 -22.56 31.13 -7.30
C GLY B 4 -22.21 32.60 -7.41
N ALA B 5 -21.11 33.01 -6.77
CA ALA B 5 -20.68 34.41 -6.83
C ALA B 5 -19.66 34.59 -7.95
N ILE B 6 -18.42 34.16 -7.68
CA ILE B 6 -17.39 34.14 -8.70
C ILE B 6 -17.86 33.17 -9.77
N ALA B 7 -17.84 33.61 -11.02
CA ALA B 7 -18.41 32.85 -12.15
C ALA B 7 -19.87 32.51 -11.89
N GLY B 8 -20.58 33.42 -11.23
CA GLY B 8 -22.00 33.29 -10.95
C GLY B 8 -22.66 34.63 -11.17
N PHE B 9 -23.31 35.17 -10.14
CA PHE B 9 -24.01 36.45 -10.24
C PHE B 9 -23.08 37.64 -10.41
N ILE B 10 -21.78 37.41 -10.26
CA ILE B 10 -20.76 38.36 -10.69
C ILE B 10 -20.19 37.81 -12.00
N GLU B 11 -20.58 38.42 -13.12
CA GLU B 11 -20.32 37.83 -14.44
C GLU B 11 -18.85 37.63 -14.79
N ASN B 12 -18.00 38.60 -14.43
CA ASN B 12 -16.56 38.48 -14.61
C ASN B 12 -15.72 39.18 -13.53
N GLY B 13 -14.43 38.85 -13.49
CA GLY B 13 -13.50 39.49 -12.59
C GLY B 13 -12.98 40.82 -13.10
N TRP B 14 -11.97 41.35 -12.40
CA TRP B 14 -11.38 42.63 -12.76
C TRP B 14 -9.89 42.53 -12.89
N GLU B 15 -9.44 42.37 -14.12
CA GLU B 15 -8.01 42.33 -14.45
C GLU B 15 -7.28 43.59 -13.99
N GLY B 16 -8.03 44.69 -13.89
CA GLY B 16 -7.50 45.95 -13.38
C GLY B 16 -7.09 45.87 -11.92
N MET B 17 -7.93 45.24 -11.09
CA MET B 17 -7.68 45.18 -9.65
C MET B 17 -6.38 44.45 -9.30
N ILE B 18 -5.32 45.25 -9.13
CA ILE B 18 -4.01 44.73 -8.75
C ILE B 18 -3.81 44.78 -7.24
N ASP B 19 -4.44 45.75 -6.59
CA ASP B 19 -4.24 46.02 -5.16
C ASP B 19 -4.77 44.95 -4.19
N GLY B 20 -5.51 43.97 -4.69
CA GLY B 20 -6.05 42.91 -3.84
C GLY B 20 -6.97 41.93 -4.56
N TRP B 21 -7.59 41.04 -3.80
CA TRP B 21 -8.37 39.92 -4.35
C TRP B 21 -9.84 40.22 -4.51
N TYR B 22 -10.39 40.93 -3.54
CA TYR B 22 -11.79 41.37 -3.57
C TYR B 22 -11.84 42.89 -3.36
N GLY B 23 -12.80 43.55 -3.98
CA GLY B 23 -12.91 44.99 -3.86
C GLY B 23 -14.15 45.63 -4.40
N PHE B 24 -14.10 46.95 -4.52
CA PHE B 24 -15.24 47.77 -4.88
C PHE B 24 -14.94 48.72 -6.06
N ARG B 25 -15.67 48.55 -7.16
CA ARG B 25 -15.75 49.57 -8.21
C ARG B 25 -17.03 50.36 -7.95
N HIS B 26 -16.93 51.69 -7.96
CA HIS B 26 -18.12 52.52 -7.75
C HIS B 26 -18.35 53.62 -8.74
N GLN B 27 -19.54 54.21 -8.65
CA GLN B 27 -19.98 55.26 -9.56
C GLN B 27 -20.97 56.12 -8.79
N ASN B 28 -20.54 57.33 -8.40
CA ASN B 28 -21.40 58.27 -7.69
C ASN B 28 -21.53 59.60 -8.41
N SER B 29 -22.11 60.59 -7.72
CA SER B 29 -22.25 61.94 -8.27
C SER B 29 -20.88 62.59 -8.52
N GLU B 30 -19.94 62.38 -7.61
CA GLU B 30 -18.64 63.04 -7.69
C GLU B 30 -17.59 62.28 -8.51
N GLY B 31 -17.96 61.15 -9.10
CA GLY B 31 -17.09 60.44 -10.04
C GLY B 31 -16.94 58.94 -9.89
N THR B 32 -15.68 58.49 -9.91
CA THR B 32 -15.34 57.07 -9.93
C THR B 32 -14.32 56.70 -8.85
N GLY B 33 -14.53 55.53 -8.25
CA GLY B 33 -13.60 54.94 -7.32
C GLY B 33 -13.38 53.47 -7.61
N GLN B 34 -12.48 52.87 -6.84
CA GLN B 34 -12.05 51.50 -7.02
C GLN B 34 -11.00 51.22 -5.98
N ALA B 35 -11.33 50.37 -5.02
CA ALA B 35 -10.37 49.96 -4.01
C ALA B 35 -10.57 48.49 -3.68
N ALA B 36 -9.54 47.85 -3.13
CA ALA B 36 -9.62 46.46 -2.72
C ALA B 36 -9.88 46.31 -1.22
N ASP B 37 -10.69 45.32 -0.85
CA ASP B 37 -11.01 45.05 0.55
C ASP B 37 -9.95 44.15 1.15
N LEU B 38 -9.33 44.59 2.24
CA LEU B 38 -8.26 43.81 2.87
C LEU B 38 -8.76 42.58 3.61
N LYS B 39 -9.70 42.78 4.53
CA LYS B 39 -10.18 41.70 5.40
C LYS B 39 -10.57 40.41 4.63
N SER B 40 -11.39 40.55 3.59
CA SER B 40 -11.78 39.41 2.77
C SER B 40 -10.59 38.81 2.01
N THR B 41 -9.76 39.68 1.42
CA THR B 41 -8.55 39.24 0.72
C THR B 41 -7.61 38.47 1.66
N GLN B 42 -7.40 39.03 2.84
CA GLN B 42 -6.52 38.42 3.84
C GLN B 42 -7.06 37.03 4.19
N ALA B 43 -8.34 36.98 4.56
CA ALA B 43 -9.04 35.74 4.90
C ALA B 43 -8.76 34.64 3.87
N ALA B 44 -8.92 34.98 2.60
CA ALA B 44 -8.71 34.04 1.50
C ALA B 44 -7.25 33.63 1.35
N ILE B 45 -6.34 34.57 1.59
CA ILE B 45 -4.92 34.31 1.46
C ILE B 45 -4.39 33.44 2.62
N ASP B 46 -4.83 33.72 3.84
CA ASP B 46 -4.44 32.95 5.02
C ASP B 46 -4.83 31.49 4.93
N GLN B 47 -6.04 31.22 4.44
CA GLN B 47 -6.56 29.86 4.34
C GLN B 47 -5.87 29.08 3.26
N ILE B 48 -5.67 29.73 2.12
CA ILE B 48 -4.89 29.15 1.01
C ILE B 48 -3.44 28.92 1.43
N ASN B 49 -2.87 29.87 2.19
CA ASN B 49 -1.56 29.64 2.79
C ASN B 49 -1.60 28.56 3.85
N GLY B 50 -2.62 28.60 4.70
CA GLY B 50 -2.81 27.60 5.74
C GLY B 50 -2.83 26.20 5.17
N LYS B 51 -3.47 26.04 4.01
CA LYS B 51 -3.60 24.74 3.40
C LYS B 51 -2.38 24.33 2.59
N LEU B 52 -1.69 25.33 2.03
CA LEU B 52 -0.42 25.11 1.33
C LEU B 52 0.60 24.52 2.29
N ASN B 53 0.71 25.11 3.47
CA ASN B 53 1.59 24.61 4.51
C ASN B 53 1.27 23.17 4.91
N ARG B 54 -0.02 22.86 5.04
CA ARG B 54 -0.45 21.48 5.34
C ARG B 54 0.06 20.48 4.30
N VAL B 55 -0.10 20.82 3.02
CA VAL B 55 0.34 19.98 1.92
C VAL B 55 1.87 19.86 1.84
N ILE B 56 2.56 20.97 2.02
CA ILE B 56 4.04 21.00 1.97
C ILE B 56 4.69 20.44 3.24
N GLU B 57 3.91 20.30 4.33
CA GLU B 57 4.38 19.69 5.58
C GLU B 57 5.20 18.42 5.31
N LYS B 58 6.49 18.51 5.63
CA LYS B 58 7.46 17.42 5.47
C LYS B 58 6.90 16.04 5.77
N THR B 59 6.67 15.26 4.71
CA THR B 59 6.23 13.87 4.87
C THR B 59 7.40 13.01 5.39
N ASN B 60 7.24 11.68 5.39
CA ASN B 60 8.21 10.78 6.00
C ASN B 60 9.60 10.72 5.34
N GLU B 61 10.50 9.94 5.95
CA GLU B 61 11.91 9.85 5.53
C GLU B 61 12.49 8.44 5.72
N LYS B 62 12.76 7.78 4.59
CA LYS B 62 13.31 6.43 4.60
C LYS B 62 14.83 6.50 4.51
N PHE B 63 15.49 5.36 4.63
CA PHE B 63 16.92 5.29 4.41
C PHE B 63 17.27 4.05 3.59
N HIS B 64 17.57 2.94 4.25
CA HIS B 64 17.78 1.69 3.53
C HIS B 64 16.46 1.05 3.23
N GLN B 65 16.20 0.92 1.94
CA GLN B 65 14.96 0.36 1.42
C GLN B 65 15.29 -0.95 0.74
N ILE B 66 14.38 -1.45 -0.08
CA ILE B 66 14.70 -2.58 -0.96
C ILE B 66 15.38 -2.07 -2.23
N GLU B 67 15.94 -3.00 -2.99
CA GLU B 67 16.46 -2.71 -4.32
C GLU B 67 15.29 -2.53 -5.29
N LYS B 68 15.47 -1.67 -6.28
CA LYS B 68 14.39 -1.31 -7.18
C LYS B 68 14.75 -1.47 -8.66
N GLU B 69 16.01 -1.83 -8.93
CA GLU B 69 16.45 -2.15 -10.28
C GLU B 69 17.34 -3.39 -10.28
N PHE B 70 17.25 -4.16 -11.36
CA PHE B 70 17.85 -5.49 -11.41
C PHE B 70 18.47 -5.73 -12.78
N SER B 71 19.73 -6.16 -12.79
CA SER B 71 20.44 -6.40 -14.03
C SER B 71 20.20 -7.83 -14.52
N GLU B 72 19.88 -8.72 -13.58
CA GLU B 72 19.65 -10.14 -13.85
C GLU B 72 18.18 -10.53 -13.80
N VAL B 73 17.84 -11.70 -14.34
CA VAL B 73 16.49 -12.25 -14.25
C VAL B 73 16.49 -13.32 -13.16
N GLU B 74 15.66 -13.14 -12.14
CA GLU B 74 15.74 -13.97 -10.94
C GLU B 74 14.45 -14.70 -10.63
N GLY B 75 13.36 -14.31 -11.25
CA GLY B 75 12.07 -14.94 -10.99
C GLY B 75 11.33 -14.43 -9.77
N ARG B 76 11.00 -15.35 -8.86
CA ARG B 76 9.94 -15.17 -7.85
C ARG B 76 10.17 -14.06 -6.82
N ILE B 77 11.33 -14.10 -6.15
CA ILE B 77 11.67 -13.07 -5.15
C ILE B 77 11.74 -11.69 -5.81
N GLN B 78 12.29 -11.63 -7.02
CA GLN B 78 12.37 -10.39 -7.77
C GLN B 78 10.98 -9.93 -8.27
N ASP B 79 10.13 -10.89 -8.61
CA ASP B 79 8.75 -10.59 -8.95
C ASP B 79 8.06 -9.89 -7.79
N LEU B 80 8.25 -10.44 -6.58
CA LEU B 80 7.69 -9.86 -5.37
C LEU B 80 8.26 -8.48 -5.04
N GLU B 81 9.57 -8.30 -5.22
CA GLU B 81 10.19 -6.98 -5.02
C GLU B 81 9.58 -5.92 -5.94
N LYS B 82 9.41 -6.25 -7.21
CA LYS B 82 8.88 -5.32 -8.21
C LYS B 82 7.42 -4.98 -7.97
N TYR B 83 6.62 -6.00 -7.66
CA TYR B 83 5.19 -5.84 -7.40
C TYR B 83 4.94 -4.97 -6.17
N VAL B 84 5.74 -5.18 -5.13
CA VAL B 84 5.66 -4.34 -3.94
C VAL B 84 5.97 -2.89 -4.28
N GLU B 85 7.02 -2.68 -5.07
CA GLU B 85 7.38 -1.33 -5.49
C GLU B 85 6.28 -0.68 -6.35
N ASP B 86 5.73 -1.44 -7.29
CA ASP B 86 4.67 -0.91 -8.15
C ASP B 86 3.38 -0.57 -7.43
N THR B 87 2.91 -1.44 -6.54
CA THR B 87 1.65 -1.16 -5.83
C THR B 87 1.80 0.03 -4.88
N LYS B 88 3.00 0.20 -4.31
CA LYS B 88 3.30 1.39 -3.50
C LYS B 88 3.20 2.66 -4.34
N ILE B 89 3.92 2.70 -5.46
CA ILE B 89 3.89 3.87 -6.35
C ILE B 89 2.47 4.19 -6.84
N ASP B 90 1.67 3.15 -7.07
CA ASP B 90 0.30 3.36 -7.52
C ASP B 90 -0.56 4.00 -6.42
N LEU B 91 -0.47 3.46 -5.20
CA LEU B 91 -1.27 4.00 -4.10
C LEU B 91 -0.89 5.43 -3.76
N TRP B 92 0.39 5.79 -3.89
CA TRP B 92 0.82 7.19 -3.75
C TRP B 92 0.37 8.06 -4.88
N SER B 93 0.38 7.51 -6.09
CA SER B 93 -0.07 8.25 -7.25
C SER B 93 -1.54 8.61 -7.14
N TYR B 94 -2.33 7.72 -6.55
CA TYR B 94 -3.76 7.96 -6.35
C TYR B 94 -3.94 9.03 -5.29
N ASN B 95 -3.18 8.93 -4.21
CA ASN B 95 -3.28 9.88 -3.12
C ASN B 95 -2.96 11.29 -3.57
N ALA B 96 -1.93 11.41 -4.40
CA ALA B 96 -1.51 12.67 -4.98
C ALA B 96 -2.56 13.24 -5.91
N GLU B 97 -3.16 12.36 -6.72
CA GLU B 97 -4.15 12.77 -7.71
C GLU B 97 -5.43 13.25 -7.01
N LEU B 98 -5.91 12.44 -6.07
CA LEU B 98 -7.12 12.75 -5.29
C LEU B 98 -6.90 13.94 -4.36
N LEU B 99 -5.68 14.11 -3.87
CA LEU B 99 -5.38 15.27 -3.04
C LEU B 99 -5.66 16.59 -3.77
N VAL B 100 -5.02 16.80 -4.92
CA VAL B 100 -5.17 18.08 -5.60
C VAL B 100 -6.61 18.30 -6.05
N ALA B 101 -7.27 17.22 -6.49
CA ALA B 101 -8.66 17.26 -6.88
C ALA B 101 -9.54 17.79 -5.75
N LEU B 102 -9.45 17.18 -4.57
CA LEU B 102 -10.12 17.65 -3.36
C LEU B 102 -9.69 19.07 -2.97
N GLU B 103 -8.38 19.30 -2.88
CA GLU B 103 -7.86 20.61 -2.51
C GLU B 103 -8.33 21.70 -3.47
N ASN B 104 -8.17 21.46 -4.78
CA ASN B 104 -8.53 22.45 -5.79
C ASN B 104 -10.00 22.82 -5.78
N GLN B 105 -10.85 21.79 -5.80
CA GLN B 105 -12.31 21.97 -5.68
C GLN B 105 -12.64 22.84 -4.47
N HIS B 106 -12.00 22.55 -3.34
CA HIS B 106 -12.19 23.33 -2.13
C HIS B 106 -11.71 24.74 -2.30
N THR B 107 -10.48 24.90 -2.78
CA THR B 107 -9.89 26.24 -2.94
C THR B 107 -10.85 27.16 -3.71
N ILE B 108 -11.48 26.63 -4.75
CA ILE B 108 -12.45 27.37 -5.55
C ILE B 108 -13.68 27.80 -4.74
N ASP B 109 -14.28 26.85 -4.02
CA ASP B 109 -15.46 27.14 -3.19
C ASP B 109 -15.12 28.08 -2.03
N LEU B 110 -13.90 27.97 -1.52
CA LEU B 110 -13.43 28.82 -0.45
C LEU B 110 -13.40 30.28 -0.87
N THR B 111 -12.78 30.55 -2.03
CA THR B 111 -12.71 31.90 -2.60
C THR B 111 -14.09 32.40 -3.02
N ASP B 112 -14.92 31.51 -3.56
CA ASP B 112 -16.29 31.85 -3.89
C ASP B 112 -17.04 32.33 -2.64
N SER B 113 -16.97 31.53 -1.58
CA SER B 113 -17.52 31.90 -0.27
C SER B 113 -17.03 33.26 0.22
N GLU B 114 -15.71 33.46 0.26
CA GLU B 114 -15.16 34.74 0.72
C GLU B 114 -15.73 35.94 -0.04
N MET B 115 -15.92 35.77 -1.35
CA MET B 115 -16.59 36.76 -2.19
C MET B 115 -18.00 37.01 -1.67
N ASN B 116 -18.78 35.92 -1.55
CA ASN B 116 -20.14 35.97 -1.04
C ASN B 116 -20.26 36.58 0.36
N LYS B 117 -19.29 36.28 1.23
CA LYS B 117 -19.25 36.87 2.57
C LYS B 117 -19.20 38.39 2.49
N LEU B 118 -18.35 38.91 1.62
CA LEU B 118 -18.16 40.35 1.45
C LEU B 118 -19.46 41.00 0.99
N PHE B 119 -20.14 40.32 0.07
CA PHE B 119 -21.39 40.80 -0.46
C PHE B 119 -22.46 40.92 0.62
N GLU B 120 -22.66 39.84 1.37
CA GLU B 120 -23.66 39.82 2.43
C GLU B 120 -23.29 40.75 3.57
N LYS B 121 -21.99 40.94 3.80
CA LYS B 121 -21.54 41.86 4.84
C LYS B 121 -21.96 43.28 4.49
N THR B 122 -21.76 43.64 3.21
CA THR B 122 -22.13 44.95 2.69
C THR B 122 -23.66 45.14 2.64
N ARG B 123 -24.37 44.10 2.22
CA ARG B 123 -25.83 44.08 2.18
C ARG B 123 -26.45 44.44 3.54
N ARG B 124 -25.87 43.88 4.61
CA ARG B 124 -26.38 44.10 5.96
C ARG B 124 -26.03 45.48 6.47
N GLN B 125 -24.88 45.97 6.02
CA GLN B 125 -24.36 47.27 6.40
C GLN B 125 -25.24 48.40 5.84
N LEU B 126 -25.81 48.17 4.66
CA LEU B 126 -26.64 49.16 3.99
C LEU B 126 -28.11 49.19 4.42
N ARG B 127 -28.58 48.09 5.00
CA ARG B 127 -29.97 47.96 5.47
C ARG B 127 -30.98 48.34 4.40
N GLU B 128 -31.70 49.44 4.61
CA GLU B 128 -32.78 49.86 3.73
C GLU B 128 -32.37 50.93 2.71
N ASN B 129 -31.11 51.31 2.74
CA ASN B 129 -30.63 52.43 1.92
C ASN B 129 -30.19 52.03 0.50
N ALA B 130 -30.23 50.74 0.20
CA ALA B 130 -29.78 50.21 -1.10
C ALA B 130 -30.64 49.05 -1.63
N GLU B 131 -30.38 48.61 -2.86
CA GLU B 131 -31.07 47.47 -3.47
C GLU B 131 -30.15 46.64 -4.36
N ASP B 132 -30.31 45.33 -4.35
CA ASP B 132 -29.47 44.42 -5.13
C ASP B 132 -29.91 44.37 -6.58
N MET B 133 -29.04 44.82 -7.49
CA MET B 133 -29.33 44.86 -8.93
C MET B 133 -29.28 43.46 -9.56
N GLY B 134 -28.58 42.53 -8.91
CA GLY B 134 -28.48 41.16 -9.39
C GLY B 134 -27.10 40.81 -9.92
N ASN B 135 -26.34 41.84 -10.29
CA ASN B 135 -25.00 41.66 -10.86
C ASN B 135 -23.89 41.91 -9.86
N GLY B 136 -24.24 41.86 -8.58
CA GLY B 136 -23.26 42.10 -7.52
C GLY B 136 -23.07 43.58 -7.24
N CYS B 137 -23.98 44.40 -7.74
CA CYS B 137 -23.96 45.83 -7.48
C CYS B 137 -25.23 46.25 -6.75
N PHE B 138 -25.08 47.26 -5.90
CA PHE B 138 -26.21 47.89 -5.27
C PHE B 138 -26.52 49.21 -5.94
N LYS B 139 -27.77 49.66 -5.80
CA LYS B 139 -28.10 51.04 -6.08
C LYS B 139 -28.33 51.68 -4.73
N ILE B 140 -27.42 52.57 -4.36
CA ILE B 140 -27.54 53.35 -3.13
C ILE B 140 -28.50 54.50 -3.42
N TYR B 141 -29.71 54.42 -2.85
CA TYR B 141 -30.78 55.36 -3.16
C TYR B 141 -30.62 56.75 -2.53
N HIS B 142 -29.43 57.05 -2.03
CA HIS B 142 -29.14 58.40 -1.54
C HIS B 142 -27.90 59.00 -2.14
N LYS B 143 -27.60 60.22 -1.72
CA LYS B 143 -26.40 60.93 -2.13
C LYS B 143 -25.22 60.34 -1.37
N CYS B 144 -24.21 59.85 -2.09
CA CYS B 144 -23.11 59.13 -1.47
C CYS B 144 -21.75 59.39 -2.13
N ASP B 145 -21.10 60.46 -1.69
CA ASP B 145 -19.80 60.91 -2.20
C ASP B 145 -18.68 59.90 -1.92
N ASN B 146 -17.43 60.27 -2.25
CA ASN B 146 -16.28 59.39 -1.99
C ASN B 146 -16.06 59.15 -0.49
N ALA B 147 -16.36 60.16 0.32
CA ALA B 147 -16.28 60.04 1.77
C ALA B 147 -17.33 59.07 2.32
N CYS B 148 -18.50 59.05 1.68
CA CYS B 148 -19.58 58.13 2.05
C CYS B 148 -19.23 56.69 1.67
N ILE B 149 -18.84 56.48 0.41
CA ILE B 149 -18.40 55.18 -0.10
C ILE B 149 -17.33 54.59 0.81
N GLU B 150 -16.37 55.43 1.18
CA GLU B 150 -15.28 55.06 2.07
C GLU B 150 -15.83 54.41 3.35
N SER B 151 -16.76 55.09 4.02
CA SER B 151 -17.32 54.61 5.30
C SER B 151 -17.86 53.17 5.21
N ILE B 152 -18.44 52.83 4.06
CA ILE B 152 -18.87 51.46 3.81
C ILE B 152 -17.65 50.56 3.78
N ARG B 153 -16.68 50.92 2.95
CA ARG B 153 -15.44 50.16 2.78
C ARG B 153 -14.75 49.84 4.10
N ASN B 154 -14.60 50.85 4.95
CA ASN B 154 -13.93 50.68 6.24
C ASN B 154 -14.88 50.23 7.37
N GLY B 155 -16.10 49.88 7.01
CA GLY B 155 -17.06 49.27 7.92
C GLY B 155 -17.79 50.20 8.87
N THR B 156 -17.60 51.51 8.72
CA THR B 156 -18.17 52.49 9.66
C THR B 156 -19.36 53.27 9.09
N TYR B 157 -20.09 52.67 8.14
CA TYR B 157 -21.26 53.30 7.53
C TYR B 157 -22.44 53.33 8.50
N ASP B 158 -22.98 54.54 8.73
CA ASP B 158 -24.17 54.73 9.56
C ASP B 158 -25.41 54.89 8.69
N HIS B 159 -26.28 53.90 8.72
CA HIS B 159 -27.47 53.87 7.88
C HIS B 159 -28.55 54.83 8.34
N ASP B 160 -28.57 55.16 9.64
CA ASP B 160 -29.57 56.09 10.17
C ASP B 160 -29.46 57.45 9.50
N VAL B 161 -28.24 57.98 9.45
CA VAL B 161 -27.96 59.27 8.82
C VAL B 161 -28.68 59.41 7.46
N TYR B 162 -28.62 58.34 6.66
CA TYR B 162 -29.11 58.38 5.28
C TYR B 162 -30.51 57.78 5.08
N ARG B 163 -30.97 56.98 6.05
CA ARG B 163 -32.22 56.24 5.94
C ARG B 163 -33.37 57.07 5.38
N ASP B 164 -33.69 58.19 6.05
CA ASP B 164 -34.83 59.02 5.66
C ASP B 164 -34.75 59.52 4.23
N GLU B 165 -33.56 59.94 3.83
CA GLU B 165 -33.31 60.38 2.46
C GLU B 165 -33.46 59.23 1.46
N ALA B 166 -32.77 58.13 1.71
CA ALA B 166 -32.80 56.96 0.82
C ALA B 166 -34.18 56.29 0.78
N LEU B 167 -34.75 56.06 1.96
CA LEU B 167 -36.07 55.44 2.09
C LEU B 167 -37.09 56.21 1.26
N ASN B 168 -37.03 57.54 1.36
CA ASN B 168 -37.91 58.44 0.63
C ASN B 168 -37.66 58.44 -0.88
N ASN B 169 -36.41 58.21 -1.26
CA ASN B 169 -36.04 58.17 -2.68
C ASN B 169 -36.45 56.85 -3.33
N ARG B 170 -36.59 55.82 -2.50
CA ARG B 170 -36.85 54.47 -2.95
C ARG B 170 -38.32 54.20 -3.31
N PHE B 171 -39.27 54.93 -2.72
CA PHE B 171 -40.70 54.63 -2.90
C PHE B 171 -41.52 55.62 -3.73
N GLN B 172 -40.86 56.56 -4.41
CA GLN B 172 -41.57 57.58 -5.20
C GLN B 172 -42.26 57.00 -6.44
N ILE B 173 -43.46 57.53 -6.73
CA ILE B 173 -44.26 57.10 -7.89
C ILE B 173 -43.86 57.89 -9.14
N ASP C 7 -59.11 45.81 -11.28
CA ASP C 7 -57.88 45.02 -11.54
C ASP C 7 -56.95 45.03 -10.33
N ASN C 8 -57.15 44.06 -9.43
CA ASN C 8 -56.39 44.00 -8.18
C ASN C 8 -56.17 42.57 -7.68
N SER C 9 -54.98 42.03 -7.97
CA SER C 9 -54.59 40.68 -7.54
C SER C 9 -53.07 40.47 -7.56
N THR C 10 -52.63 39.42 -6.87
CA THR C 10 -51.22 39.04 -6.82
C THR C 10 -50.99 37.75 -7.61
N ALA C 11 -49.83 37.13 -7.43
CA ALA C 11 -49.47 35.86 -8.09
C ALA C 11 -48.41 35.10 -7.30
N THR C 12 -48.42 33.77 -7.40
CA THR C 12 -47.47 32.92 -6.69
C THR C 12 -46.50 32.22 -7.64
N LEU C 13 -45.21 32.27 -7.31
CA LEU C 13 -44.18 31.60 -8.09
C LEU C 13 -43.35 30.72 -7.18
N CYS C 14 -43.53 29.41 -7.32
CA CYS C 14 -42.80 28.44 -6.52
C CYS C 14 -41.61 27.90 -7.30
N LEU C 15 -40.52 27.68 -6.58
CA LEU C 15 -39.35 27.01 -7.13
C LEU C 15 -39.21 25.64 -6.48
N GLY C 16 -38.67 24.69 -7.25
CA GLY C 16 -38.50 23.35 -6.74
C GLY C 16 -37.66 22.48 -7.64
N HIS C 17 -37.44 21.26 -7.18
CA HIS C 17 -36.67 20.23 -7.86
C HIS C 17 -37.55 19.03 -8.05
N HIS C 18 -37.02 18.01 -8.72
CA HIS C 18 -37.80 16.80 -8.97
C HIS C 18 -37.50 15.69 -8.00
N ALA C 19 -38.47 14.78 -7.86
CA ALA C 19 -38.30 13.58 -7.08
C ALA C 19 -38.61 12.38 -7.97
N VAL C 20 -38.25 11.18 -7.51
CA VAL C 20 -38.60 9.97 -8.23
C VAL C 20 -39.46 9.03 -7.39
N PRO C 21 -40.30 8.21 -8.04
CA PRO C 21 -41.06 7.18 -7.32
C PRO C 21 -40.12 6.14 -6.69
N ASN C 22 -39.21 5.57 -7.49
CA ASN C 22 -38.23 4.59 -7.01
C ASN C 22 -37.15 5.18 -6.08
N GLY C 23 -35.96 5.46 -6.61
CA GLY C 23 -34.86 6.05 -5.82
C GLY C 23 -33.85 5.03 -5.32
N THR C 24 -32.66 5.51 -4.98
CA THR C 24 -31.53 4.61 -4.70
C THR C 24 -30.79 4.98 -3.44
N LEU C 25 -30.59 3.98 -2.58
CA LEU C 25 -29.81 4.17 -1.37
C LEU C 25 -28.33 4.25 -1.70
N VAL C 26 -27.65 5.15 -1.01
CA VAL C 26 -26.27 5.50 -1.29
C VAL C 26 -25.55 5.82 0.03
N LYS C 27 -24.24 5.59 0.06
CA LYS C 27 -23.45 5.92 1.24
C LYS C 27 -22.86 7.32 1.12
N THR C 28 -22.88 8.06 2.21
CA THR C 28 -22.39 9.43 2.21
C THR C 28 -21.34 9.54 3.34
N ILE C 29 -20.94 10.75 3.71
CA ILE C 29 -19.98 10.91 4.80
C ILE C 29 -20.64 10.89 6.18
N THR C 30 -21.84 11.45 6.28
CA THR C 30 -22.57 11.52 7.54
C THR C 30 -23.71 10.51 7.58
N ASP C 31 -23.96 9.84 6.46
CA ASP C 31 -25.09 8.93 6.36
C ASP C 31 -24.72 7.58 5.78
N ASP C 32 -25.00 6.55 6.58
CA ASP C 32 -24.82 5.17 6.17
C ASP C 32 -25.62 4.93 4.89
N GLN C 33 -26.93 5.08 4.97
CA GLN C 33 -27.74 4.99 3.78
C GLN C 33 -28.65 6.21 3.69
N ILE C 34 -28.77 6.73 2.47
CA ILE C 34 -29.53 7.94 2.19
C ILE C 34 -30.02 7.84 0.74
N GLU C 35 -31.23 8.29 0.47
CA GLU C 35 -31.85 8.08 -0.84
C GLU C 35 -31.59 9.23 -1.83
N VAL C 36 -31.07 8.89 -3.00
CA VAL C 36 -30.92 9.88 -4.06
C VAL C 36 -31.75 9.57 -5.29
N THR C 37 -31.76 10.54 -6.20
CA THR C 37 -32.46 10.45 -7.47
C THR C 37 -31.96 9.31 -8.37
N ASN C 38 -30.66 9.03 -8.30
CA ASN C 38 -30.03 8.02 -9.17
C ASN C 38 -28.58 7.77 -8.80
N ALA C 39 -28.08 6.59 -9.16
CA ALA C 39 -26.67 6.24 -8.98
C ALA C 39 -26.14 5.31 -10.09
N THR C 40 -24.84 5.04 -10.05
CA THR C 40 -24.22 4.03 -10.92
C THR C 40 -23.27 3.15 -10.15
N GLU C 41 -23.21 1.88 -10.52
CA GLU C 41 -22.35 0.91 -9.88
C GLU C 41 -20.90 1.17 -10.24
N LEU C 42 -20.05 1.30 -9.22
CA LEU C 42 -18.61 1.47 -9.46
C LEU C 42 -17.81 0.15 -9.39
N VAL C 43 -18.42 -0.87 -8.79
CA VAL C 43 -17.76 -2.18 -8.68
C VAL C 43 -18.32 -3.16 -9.72
N GLN C 44 -17.44 -3.62 -10.61
CA GLN C 44 -17.78 -4.63 -11.60
C GLN C 44 -17.75 -5.99 -10.90
N SER C 45 -18.86 -6.70 -10.93
CA SER C 45 -19.00 -7.91 -10.10
C SER C 45 -19.50 -9.16 -10.83
N SER C 46 -19.72 -9.05 -12.14
CA SER C 46 -20.04 -10.23 -12.96
C SER C 46 -19.09 -10.34 -14.15
N SER C 47 -19.07 -11.52 -14.77
CA SER C 47 -18.19 -11.81 -15.91
C SER C 47 -18.95 -12.52 -17.02
N THR C 48 -18.44 -12.46 -18.25
CA THR C 48 -19.11 -13.18 -19.36
C THR C 48 -18.99 -14.70 -19.19
N GLY C 49 -17.90 -15.14 -18.56
CA GLY C 49 -17.64 -16.55 -18.34
C GLY C 49 -16.61 -17.15 -19.28
N LYS C 50 -16.25 -16.42 -20.32
CA LYS C 50 -15.20 -16.85 -21.27
C LYS C 50 -14.20 -15.75 -21.63
N ILE C 51 -13.03 -16.15 -22.12
CA ILE C 51 -11.94 -15.23 -22.44
C ILE C 51 -11.94 -14.85 -23.92
N CYS C 52 -12.08 -13.56 -24.18
CA CYS C 52 -12.05 -13.03 -25.54
C CYS C 52 -10.66 -13.21 -26.14
N ASN C 53 -10.61 -13.62 -27.41
CA ASN C 53 -9.34 -13.78 -28.11
C ASN C 53 -8.65 -12.46 -28.49
N ASN C 54 -9.20 -11.34 -28.01
CA ASN C 54 -8.69 -10.00 -28.30
C ASN C 54 -8.83 -9.04 -27.13
N PRO C 55 -7.97 -8.02 -27.07
CA PRO C 55 -6.94 -7.71 -28.03
C PRO C 55 -5.60 -8.38 -27.69
N HIS C 56 -5.61 -9.26 -26.69
CA HIS C 56 -4.41 -9.96 -26.29
C HIS C 56 -4.27 -11.23 -27.07
N ARG C 57 -3.02 -11.64 -27.28
CA ARG C 57 -2.69 -12.90 -27.93
C ARG C 57 -2.74 -14.02 -26.88
N ILE C 58 -3.81 -14.81 -26.92
CA ILE C 58 -4.01 -15.86 -25.92
C ILE C 58 -3.55 -17.21 -26.47
N LEU C 59 -2.81 -17.98 -25.67
CA LEU C 59 -2.48 -19.37 -26.03
C LEU C 59 -3.07 -20.35 -25.03
N ASP C 60 -4.02 -21.15 -25.51
CA ASP C 60 -4.67 -22.16 -24.71
C ASP C 60 -3.72 -23.35 -24.63
N GLY C 61 -3.27 -23.64 -23.42
CA GLY C 61 -2.36 -24.77 -23.19
C GLY C 61 -3.04 -26.12 -23.27
N ILE C 62 -4.36 -26.12 -23.48
CA ILE C 62 -5.20 -27.33 -23.39
C ILE C 62 -4.75 -28.25 -22.24
N ASP C 63 -4.09 -29.36 -22.56
CA ASP C 63 -3.61 -30.30 -21.53
C ASP C 63 -2.09 -30.28 -21.33
N CYS C 64 -1.49 -29.13 -21.59
CA CYS C 64 -0.06 -28.94 -21.38
C CYS C 64 0.19 -27.76 -20.46
N THR C 65 1.11 -27.95 -19.52
CA THR C 65 1.56 -26.86 -18.70
C THR C 65 2.71 -26.20 -19.43
N LEU C 66 2.92 -24.91 -19.19
CA LEU C 66 4.01 -24.17 -19.82
C LEU C 66 5.35 -24.90 -19.66
N ILE C 67 5.61 -25.44 -18.48
CA ILE C 67 6.84 -26.20 -18.24
C ILE C 67 6.94 -27.42 -19.17
N ASP C 68 5.88 -28.23 -19.25
CA ASP C 68 5.82 -29.40 -20.13
C ASP C 68 6.01 -29.03 -21.60
N ALA C 69 5.39 -27.92 -22.01
CA ALA C 69 5.53 -27.37 -23.35
C ALA C 69 6.99 -26.96 -23.59
N LEU C 70 7.56 -26.26 -22.61
CA LEU C 70 8.93 -25.78 -22.67
C LEU C 70 9.88 -26.94 -22.95
N LEU C 71 9.84 -27.93 -22.05
CA LEU C 71 10.74 -29.07 -22.07
C LEU C 71 10.58 -29.94 -23.32
N GLY C 72 9.34 -30.09 -23.80
CA GLY C 72 9.10 -30.86 -25.01
C GLY C 72 8.48 -32.22 -24.77
N ASP C 73 7.61 -32.31 -23.76
CA ASP C 73 6.73 -33.46 -23.55
C ASP C 73 6.08 -33.78 -24.90
N PRO C 74 6.21 -35.03 -25.37
CA PRO C 74 5.74 -35.32 -26.74
C PRO C 74 4.33 -34.84 -27.08
N HIS C 75 3.38 -34.95 -26.16
CA HIS C 75 2.00 -34.52 -26.46
C HIS C 75 1.85 -33.01 -26.49
N CYS C 76 2.93 -32.30 -26.15
CA CYS C 76 2.98 -30.84 -26.19
C CYS C 76 3.78 -30.31 -27.37
N ASP C 77 4.04 -31.17 -28.36
CA ASP C 77 4.88 -30.81 -29.51
C ASP C 77 4.29 -29.70 -30.38
N VAL C 78 2.99 -29.47 -30.23
CA VAL C 78 2.30 -28.41 -30.96
C VAL C 78 2.80 -27.03 -30.55
N PHE C 79 3.33 -26.93 -29.34
CA PHE C 79 3.70 -25.65 -28.75
C PHE C 79 5.14 -25.20 -29.04
N GLN C 80 5.83 -25.91 -29.93
CA GLN C 80 7.19 -25.53 -30.29
C GLN C 80 7.22 -24.14 -30.92
N ASN C 81 8.08 -23.27 -30.41
CA ASN C 81 8.28 -21.90 -30.91
C ASN C 81 7.12 -20.93 -30.71
N GLU C 82 6.08 -21.42 -30.03
CA GLU C 82 4.89 -20.63 -29.71
C GLU C 82 5.16 -19.34 -28.93
N THR C 83 4.17 -18.46 -28.97
CA THR C 83 4.27 -17.11 -28.46
C THR C 83 2.91 -16.73 -27.89
N TRP C 84 2.91 -15.92 -26.84
CA TRP C 84 1.66 -15.52 -26.20
C TRP C 84 1.77 -14.20 -25.52
N ASP C 85 0.63 -13.57 -25.28
CA ASP C 85 0.52 -12.49 -24.31
C ASP C 85 0.08 -13.14 -23.00
N LEU C 86 -1.01 -13.92 -23.06
CA LEU C 86 -1.41 -14.70 -21.92
C LEU C 86 -1.35 -16.18 -22.29
N PHE C 87 -0.68 -16.94 -21.42
CA PHE C 87 -0.68 -18.39 -21.49
C PHE C 87 -1.68 -18.90 -20.47
N VAL C 88 -2.68 -19.62 -20.96
CA VAL C 88 -3.72 -20.14 -20.10
C VAL C 88 -3.46 -21.61 -19.83
N GLU C 89 -3.25 -21.93 -18.56
CA GLU C 89 -3.06 -23.30 -18.11
C GLU C 89 -4.38 -23.85 -17.65
N ARG C 90 -4.77 -25.00 -18.21
CA ARG C 90 -6.05 -25.64 -17.89
C ARG C 90 -5.83 -26.64 -16.78
N SER C 91 -6.85 -26.90 -15.97
CA SER C 91 -6.69 -27.78 -14.81
C SER C 91 -6.51 -29.24 -15.24
N LYS C 92 -6.96 -29.58 -16.46
CA LYS C 92 -6.89 -30.94 -16.97
C LYS C 92 -5.54 -31.31 -17.59
N ALA C 93 -4.50 -30.55 -17.24
CA ALA C 93 -3.17 -30.74 -17.82
C ALA C 93 -2.44 -31.90 -17.15
N PHE C 94 -1.80 -32.73 -17.97
CA PHE C 94 -1.03 -33.88 -17.50
C PHE C 94 0.36 -33.95 -18.12
N SER C 95 1.31 -34.46 -17.35
CA SER C 95 2.64 -34.77 -17.86
C SER C 95 2.69 -36.24 -18.27
N ASN C 96 3.26 -36.51 -19.43
CA ASN C 96 3.39 -37.87 -19.96
C ASN C 96 4.79 -38.12 -20.57
N CYS C 97 5.81 -37.70 -19.84
CA CYS C 97 7.17 -37.95 -20.24
C CYS C 97 7.91 -38.60 -19.05
N TYR C 98 9.24 -38.49 -19.02
CA TYR C 98 10.02 -38.95 -17.89
C TYR C 98 9.60 -38.15 -16.66
N PRO C 99 9.37 -38.84 -15.52
CA PRO C 99 9.06 -38.18 -14.25
C PRO C 99 10.10 -37.13 -13.88
N TYR C 100 9.65 -35.97 -13.41
CA TYR C 100 10.57 -34.86 -13.10
C TYR C 100 10.15 -33.95 -11.93
N ASP C 101 11.05 -33.07 -11.54
CA ASP C 101 10.78 -32.03 -10.54
C ASP C 101 11.71 -30.84 -10.74
N VAL C 102 11.24 -29.66 -10.35
CA VAL C 102 12.01 -28.44 -10.53
C VAL C 102 12.19 -27.70 -9.20
N PRO C 103 13.42 -27.68 -8.68
CA PRO C 103 13.77 -26.71 -7.64
C PRO C 103 13.41 -25.30 -8.14
N ASP C 104 12.70 -24.54 -7.30
CA ASP C 104 11.93 -23.36 -7.71
C ASP C 104 11.22 -23.47 -9.09
N TYR C 105 10.35 -24.47 -9.16
CA TYR C 105 9.38 -24.62 -10.25
C TYR C 105 8.70 -23.29 -10.51
N ALA C 106 8.24 -22.65 -9.43
CA ALA C 106 7.56 -21.36 -9.49
C ALA C 106 8.31 -20.33 -10.32
N SER C 107 9.61 -20.19 -10.07
CA SER C 107 10.43 -19.16 -10.74
C SER C 107 10.61 -19.44 -12.23
N LEU C 108 10.87 -20.70 -12.58
CA LEU C 108 10.99 -21.07 -13.98
C LEU C 108 9.69 -20.74 -14.68
N ARG C 109 8.58 -21.23 -14.13
CA ARG C 109 7.24 -20.98 -14.70
C ARG C 109 6.99 -19.48 -14.88
N SER C 110 7.43 -18.69 -13.90
CA SER C 110 7.26 -17.24 -13.94
C SER C 110 8.12 -16.61 -15.04
N LEU C 111 9.42 -16.88 -15.02
CA LEU C 111 10.34 -16.18 -15.91
C LEU C 111 10.10 -16.50 -17.37
N VAL C 112 9.62 -17.70 -17.63
CA VAL C 112 9.31 -18.14 -18.99
C VAL C 112 7.98 -17.51 -19.42
N ALA C 113 7.01 -17.49 -18.51
CA ALA C 113 5.74 -16.79 -18.74
C ALA C 113 5.97 -15.39 -19.29
N SER C 114 6.79 -14.62 -18.57
CA SER C 114 7.08 -13.21 -18.88
C SER C 114 7.85 -13.02 -20.18
N SER C 115 8.70 -13.99 -20.50
CA SER C 115 9.42 -14.00 -21.75
C SER C 115 8.41 -14.02 -22.90
N GLY C 116 7.38 -14.86 -22.76
CA GLY C 116 6.29 -14.95 -23.74
C GLY C 116 6.71 -15.51 -25.09
N THR C 117 7.62 -16.49 -25.06
CA THR C 117 8.13 -17.15 -26.28
C THR C 117 8.83 -18.46 -25.93
N LEU C 118 8.73 -19.43 -26.85
CA LEU C 118 9.35 -20.74 -26.70
C LEU C 118 10.30 -21.08 -27.85
N GLU C 119 10.77 -20.04 -28.54
CA GLU C 119 11.69 -20.22 -29.65
C GLU C 119 12.92 -20.91 -29.11
N PHE C 120 13.27 -22.03 -29.75
CA PHE C 120 14.40 -22.83 -29.35
C PHE C 120 15.45 -22.87 -30.45
N ILE C 121 16.64 -22.37 -30.14
CA ILE C 121 17.73 -22.37 -31.11
C ILE C 121 18.64 -23.56 -30.79
N THR C 122 18.71 -24.51 -31.73
CA THR C 122 19.60 -25.66 -31.58
C THR C 122 21.05 -25.30 -31.88
N GLU C 123 21.92 -25.55 -30.91
CA GLU C 123 23.35 -25.30 -31.06
C GLU C 123 24.15 -26.59 -31.12
N GLY C 124 25.17 -26.60 -31.97
CA GLY C 124 26.02 -27.76 -32.16
C GLY C 124 26.95 -27.98 -31.00
N PHE C 125 26.42 -28.57 -29.94
CA PHE C 125 27.23 -29.07 -28.83
C PHE C 125 27.88 -30.37 -29.26
N THR C 126 29.12 -30.58 -28.84
CA THR C 126 29.82 -31.83 -29.13
C THR C 126 30.02 -32.63 -27.85
N TRP C 127 29.50 -33.86 -27.85
CA TRP C 127 29.59 -34.73 -26.69
C TRP C 127 30.56 -35.85 -26.95
N THR C 128 31.82 -35.62 -26.57
CA THR C 128 32.90 -36.57 -26.84
C THR C 128 32.79 -37.84 -25.99
N GLY C 129 32.70 -38.97 -26.67
CA GLY C 129 32.79 -40.29 -26.04
C GLY C 129 31.63 -40.67 -25.13
N VAL C 130 30.44 -40.17 -25.42
CA VAL C 130 29.22 -40.57 -24.70
C VAL C 130 28.06 -40.74 -25.69
N THR C 131 27.15 -41.67 -25.40
CA THR C 131 25.99 -41.90 -26.27
C THR C 131 24.90 -40.85 -26.04
N GLN C 132 24.22 -40.47 -27.12
CA GLN C 132 23.20 -39.42 -27.06
C GLN C 132 21.78 -39.92 -27.32
N ASN C 133 20.81 -39.01 -27.21
CA ASN C 133 19.42 -39.25 -27.59
C ASN C 133 18.77 -40.40 -26.83
N GLY C 134 19.07 -40.49 -25.54
CA GLY C 134 18.51 -41.53 -24.69
C GLY C 134 17.00 -41.42 -24.62
N GLY C 135 16.31 -42.49 -25.03
CA GLY C 135 14.85 -42.57 -25.00
C GLY C 135 14.32 -43.26 -23.74
N SER C 136 13.00 -43.51 -23.69
CA SER C 136 12.35 -44.14 -22.53
C SER C 136 10.88 -44.46 -22.82
N ASN C 137 10.41 -45.60 -22.33
CA ASN C 137 9.01 -46.00 -22.50
C ASN C 137 8.02 -45.10 -21.77
N ALA C 138 8.51 -44.40 -20.76
CA ALA C 138 7.67 -43.47 -19.99
C ALA C 138 7.43 -42.15 -20.73
N CYS C 139 7.93 -42.05 -21.96
CA CYS C 139 7.83 -40.83 -22.76
C CYS C 139 7.75 -41.18 -24.25
N LYS C 140 6.69 -41.87 -24.64
CA LYS C 140 6.53 -42.40 -26.01
C LYS C 140 6.46 -41.31 -27.08
N ARG C 141 7.09 -41.58 -28.22
CA ARG C 141 7.04 -40.69 -29.39
C ARG C 141 6.59 -41.48 -30.61
N GLY C 142 5.28 -41.43 -30.88
CA GLY C 142 4.70 -42.20 -31.99
C GLY C 142 4.88 -43.70 -31.81
N PRO C 143 5.54 -44.37 -32.78
CA PRO C 143 5.70 -45.83 -32.70
C PRO C 143 6.59 -46.26 -31.55
N SER C 144 7.86 -45.83 -31.60
CA SER C 144 8.85 -46.17 -30.58
C SER C 144 8.74 -45.22 -29.39
N SER C 145 9.72 -45.31 -28.49
CA SER C 145 9.79 -44.46 -27.31
C SER C 145 10.77 -43.30 -27.51
N GLY C 146 10.71 -42.29 -26.63
CA GLY C 146 11.55 -41.10 -26.74
C GLY C 146 11.84 -40.36 -25.44
N PHE C 147 11.87 -39.03 -25.52
CA PHE C 147 12.27 -38.16 -24.41
C PHE C 147 11.74 -36.73 -24.63
N PHE C 148 12.02 -35.82 -23.71
CA PHE C 148 11.77 -34.40 -23.93
C PHE C 148 12.48 -33.95 -25.21
N SER C 149 11.85 -33.08 -25.99
CA SER C 149 12.43 -32.67 -27.27
C SER C 149 13.58 -31.67 -27.13
N ARG C 150 13.54 -30.87 -26.07
CA ARG C 150 14.53 -29.83 -25.85
C ARG C 150 15.67 -30.31 -24.95
N LEU C 151 15.79 -31.63 -24.81
CA LEU C 151 16.80 -32.25 -23.93
C LEU C 151 17.49 -33.50 -24.51
N ASN C 152 18.78 -33.64 -24.22
CA ASN C 152 19.60 -34.73 -24.72
C ASN C 152 20.06 -35.64 -23.57
N TRP C 153 19.64 -36.90 -23.61
CA TRP C 153 20.00 -37.88 -22.59
C TRP C 153 21.28 -38.59 -22.90
N LEU C 154 22.30 -38.34 -22.09
CA LEU C 154 23.65 -38.85 -22.31
C LEU C 154 23.98 -40.08 -21.45
N THR C 155 24.18 -41.23 -22.13
CA THR C 155 24.66 -42.47 -21.49
C THR C 155 26.15 -42.67 -21.85
N LYS C 156 26.70 -43.86 -21.60
CA LYS C 156 28.14 -44.08 -21.81
C LYS C 156 28.48 -44.75 -23.14
N SER C 157 29.75 -44.66 -23.54
CA SER C 157 30.27 -45.27 -24.79
C SER C 157 31.09 -46.51 -24.51
N GLY C 158 30.68 -47.64 -25.09
CA GLY C 158 31.31 -48.94 -24.82
C GLY C 158 31.12 -49.28 -23.35
N SER C 159 32.04 -48.77 -22.52
CA SER C 159 31.91 -48.79 -21.06
C SER C 159 32.75 -47.68 -20.45
N THR C 160 32.80 -46.54 -21.14
CA THR C 160 33.57 -45.38 -20.69
C THR C 160 32.81 -44.06 -20.89
N TYR C 161 32.57 -43.36 -19.77
CA TYR C 161 31.89 -42.07 -19.75
C TYR C 161 32.88 -41.02 -19.25
N PRO C 162 33.57 -40.33 -20.17
CA PRO C 162 34.66 -39.40 -19.82
C PRO C 162 34.18 -38.17 -19.07
N VAL C 163 35.11 -37.36 -18.58
CA VAL C 163 34.79 -36.09 -17.93
C VAL C 163 34.42 -35.05 -19.01
N LEU C 164 33.13 -34.74 -19.09
CA LEU C 164 32.60 -33.86 -20.13
C LEU C 164 32.99 -32.41 -19.87
N ASN C 165 33.67 -31.81 -20.84
CA ASN C 165 34.10 -30.41 -20.74
C ASN C 165 33.73 -29.68 -22.03
N VAL C 166 32.59 -29.01 -22.01
CA VAL C 166 32.07 -28.30 -23.20
C VAL C 166 31.78 -26.82 -22.94
N THR C 167 31.87 -26.02 -23.99
CA THR C 167 31.68 -24.57 -23.90
C THR C 167 30.76 -24.08 -25.00
N MET C 168 30.06 -22.98 -24.73
CA MET C 168 29.19 -22.35 -25.70
C MET C 168 29.06 -20.87 -25.38
N PRO C 169 29.91 -20.05 -26.01
CA PRO C 169 29.93 -18.61 -25.71
C PRO C 169 28.76 -17.87 -26.37
N ASN C 170 28.19 -16.91 -25.64
CA ASN C 170 27.12 -16.07 -26.18
C ASN C 170 27.71 -14.94 -27.03
N ASN C 171 27.74 -15.16 -28.34
CA ASN C 171 28.29 -14.18 -29.28
C ASN C 171 27.20 -13.31 -29.91
N ASP C 172 26.02 -13.34 -29.31
CA ASP C 172 24.91 -12.56 -29.80
C ASP C 172 24.65 -11.38 -28.86
N ASN C 173 23.61 -10.60 -29.16
CA ASN C 173 23.29 -9.41 -28.37
C ASN C 173 22.12 -9.59 -27.41
N PHE C 174 21.49 -10.76 -27.46
CA PHE C 174 20.38 -11.12 -26.58
C PHE C 174 20.81 -12.08 -25.47
N ASP C 175 19.96 -12.23 -24.46
CA ASP C 175 20.20 -13.23 -23.43
C ASP C 175 19.81 -14.64 -23.92
N LYS C 176 20.53 -15.65 -23.41
CA LYS C 176 20.24 -17.04 -23.71
C LYS C 176 19.69 -17.78 -22.49
N LEU C 177 18.64 -18.57 -22.68
CA LEU C 177 18.10 -19.41 -21.60
C LEU C 177 18.35 -20.89 -21.86
N TYR C 178 19.28 -21.47 -21.09
CA TYR C 178 19.55 -22.90 -21.18
C TYR C 178 18.80 -23.66 -20.10
N ILE C 179 18.11 -24.71 -20.53
CA ILE C 179 17.40 -25.60 -19.64
C ILE C 179 18.09 -26.96 -19.73
N TRP C 180 18.59 -27.42 -18.59
CA TRP C 180 19.36 -28.66 -18.50
C TRP C 180 19.02 -29.39 -17.27
N GLY C 181 19.36 -30.68 -17.23
CA GLY C 181 18.93 -31.56 -16.14
C GLY C 181 19.99 -32.45 -15.52
N VAL C 182 19.57 -33.16 -14.48
CA VAL C 182 20.41 -34.09 -13.73
C VAL C 182 19.59 -35.34 -13.45
N HIS C 183 20.18 -36.50 -13.68
CA HIS C 183 19.48 -37.76 -13.45
C HIS C 183 19.70 -38.29 -12.05
N HIS C 184 18.64 -38.83 -11.46
CA HIS C 184 18.71 -39.49 -10.16
C HIS C 184 18.20 -40.90 -10.32
N PRO C 185 19.12 -41.89 -10.42
CA PRO C 185 18.73 -43.29 -10.61
C PRO C 185 18.17 -43.96 -9.34
N SER C 186 17.29 -44.94 -9.55
CA SER C 186 16.66 -45.70 -8.45
C SER C 186 17.66 -46.55 -7.67
N THR C 187 18.49 -47.30 -8.40
CA THR C 187 19.43 -48.26 -7.82
C THR C 187 20.89 -47.96 -8.21
N ASN C 188 21.84 -48.32 -7.34
CA ASN C 188 23.27 -48.23 -7.65
C ASN C 188 23.62 -49.06 -8.88
N GLN C 189 22.82 -50.11 -9.10
CA GLN C 189 22.88 -50.99 -10.26
C GLN C 189 22.60 -50.23 -11.57
N GLU C 190 21.60 -49.35 -11.52
CA GLU C 190 21.21 -48.51 -12.66
C GLU C 190 22.25 -47.42 -12.91
N GLN C 191 22.69 -46.78 -11.83
CA GLN C 191 23.68 -45.68 -11.85
C GLN C 191 24.91 -46.00 -12.70
N THR C 192 25.48 -47.18 -12.51
CA THR C 192 26.73 -47.58 -13.17
C THR C 192 26.53 -48.03 -14.61
N SER C 193 25.38 -48.66 -14.89
CA SER C 193 25.05 -49.16 -16.22
C SER C 193 24.96 -48.08 -17.29
N LEU C 194 24.56 -46.87 -16.88
CA LEU C 194 24.38 -45.76 -17.80
C LEU C 194 25.54 -44.78 -17.75
N TYR C 195 26.20 -44.68 -16.61
CA TYR C 195 27.18 -43.61 -16.41
C TYR C 195 28.57 -44.06 -15.94
N VAL C 196 28.74 -45.36 -15.73
CA VAL C 196 30.00 -45.94 -15.22
C VAL C 196 30.26 -45.56 -13.75
N GLN C 197 30.79 -44.36 -13.53
CA GLN C 197 31.10 -43.87 -12.18
C GLN C 197 29.87 -43.84 -11.27
N ALA C 198 29.92 -44.61 -10.18
CA ALA C 198 28.77 -44.78 -9.27
C ALA C 198 28.34 -43.50 -8.54
N SER C 199 29.13 -42.44 -8.70
CA SER C 199 28.79 -41.12 -8.18
C SER C 199 29.05 -40.04 -9.24
N GLY C 200 27.99 -39.64 -9.95
CA GLY C 200 28.08 -38.61 -10.99
C GLY C 200 28.14 -37.22 -10.41
N ARG C 201 28.19 -36.21 -11.29
CA ARG C 201 28.28 -34.80 -10.87
C ARG C 201 28.11 -33.86 -12.08
N VAL C 202 27.32 -32.80 -11.90
CA VAL C 202 27.08 -31.82 -12.95
C VAL C 202 27.40 -30.40 -12.46
N THR C 203 28.31 -29.73 -13.15
CA THR C 203 28.57 -28.31 -12.92
C THR C 203 28.21 -27.51 -14.18
N VAL C 204 27.38 -26.48 -14.00
CA VAL C 204 27.04 -25.53 -15.06
C VAL C 204 27.35 -24.13 -14.54
N SER C 205 28.03 -23.32 -15.35
CA SER C 205 28.59 -22.05 -14.89
C SER C 205 28.70 -21.00 -15.99
N THR C 206 28.68 -19.73 -15.56
CA THR C 206 29.05 -18.60 -16.41
C THR C 206 30.37 -18.07 -15.89
N ARG C 207 30.71 -16.82 -16.20
CA ARG C 207 31.83 -16.19 -15.51
C ARG C 207 31.40 -15.51 -14.21
N ARG C 208 30.13 -15.18 -14.10
CA ARG C 208 29.61 -14.52 -12.91
C ARG C 208 29.22 -15.49 -11.79
N SER C 209 28.60 -16.61 -12.15
CA SER C 209 28.18 -17.59 -11.15
C SER C 209 28.22 -19.03 -11.65
N GLN C 210 27.89 -19.95 -10.73
CA GLN C 210 27.99 -21.38 -10.97
C GLN C 210 26.90 -22.09 -10.19
N GLN C 211 26.77 -23.38 -10.44
CA GLN C 211 25.98 -24.29 -9.61
C GLN C 211 26.37 -25.72 -9.91
N THR C 212 26.77 -26.45 -8.87
CA THR C 212 27.08 -27.86 -9.02
C THR C 212 26.02 -28.71 -8.33
N ILE C 213 25.46 -29.66 -9.08
CA ILE C 213 24.51 -30.59 -8.51
C ILE C 213 25.13 -31.99 -8.48
N ILE C 214 25.10 -32.61 -7.30
CA ILE C 214 25.46 -34.02 -7.15
C ILE C 214 24.18 -34.87 -7.11
N PRO C 215 24.11 -35.91 -7.95
CA PRO C 215 22.91 -36.74 -8.07
C PRO C 215 22.72 -37.61 -6.84
N ASN C 216 21.49 -38.05 -6.61
CA ASN C 216 21.18 -38.86 -5.43
C ASN C 216 20.38 -40.12 -5.73
N ILE C 217 21.06 -41.25 -5.58
CA ILE C 217 20.52 -42.58 -5.88
C ILE C 217 19.54 -43.02 -4.80
N GLY C 218 18.48 -43.71 -5.21
CA GLY C 218 17.43 -44.17 -4.30
C GLY C 218 16.06 -44.18 -4.96
N SER C 219 15.14 -44.92 -4.36
CA SER C 219 13.78 -45.05 -4.88
C SER C 219 12.86 -43.88 -4.53
N ARG C 220 12.18 -43.37 -5.55
CA ARG C 220 11.03 -42.49 -5.37
C ARG C 220 9.79 -43.33 -5.63
N PRO C 221 8.58 -42.74 -5.46
CA PRO C 221 7.41 -43.55 -5.78
C PRO C 221 7.18 -43.70 -7.28
N TRP C 222 6.50 -44.78 -7.67
CA TRP C 222 6.15 -45.08 -9.06
C TRP C 222 5.41 -43.95 -9.75
N VAL C 223 6.12 -43.25 -10.63
CA VAL C 223 5.52 -42.29 -11.55
C VAL C 223 5.83 -42.74 -12.97
N ARG C 224 4.77 -43.14 -13.69
CA ARG C 224 4.88 -43.82 -14.99
C ARG C 224 5.84 -45.01 -14.97
N GLY C 225 5.60 -45.94 -14.04
CA GLY C 225 6.37 -47.17 -13.90
C GLY C 225 7.83 -47.02 -13.52
N LEU C 226 8.19 -45.85 -12.99
CA LEU C 226 9.60 -45.50 -12.70
C LEU C 226 9.81 -44.94 -11.30
N SER C 227 10.95 -45.29 -10.71
CA SER C 227 11.37 -44.74 -9.42
C SER C 227 12.42 -43.65 -9.61
N SER C 228 12.96 -43.55 -10.81
CA SER C 228 13.99 -42.56 -11.09
C SER C 228 13.39 -41.19 -11.36
N ARG C 229 14.22 -40.15 -11.25
CA ARG C 229 13.78 -38.78 -11.45
C ARG C 229 14.81 -37.98 -12.24
N ILE C 230 14.32 -36.93 -12.89
CA ILE C 230 15.21 -35.93 -13.47
C ILE C 230 14.89 -34.57 -12.86
N SER C 231 15.91 -33.94 -12.29
CA SER C 231 15.78 -32.60 -11.73
C SER C 231 16.13 -31.57 -12.80
N ILE C 232 15.25 -30.58 -12.97
CA ILE C 232 15.43 -29.57 -14.01
C ILE C 232 16.02 -28.29 -13.45
N TYR C 233 17.04 -27.76 -14.15
CA TYR C 233 17.69 -26.51 -13.75
C TYR C 233 17.81 -25.55 -14.93
N TRP C 234 18.07 -24.27 -14.62
CA TRP C 234 18.19 -23.22 -15.64
C TRP C 234 19.34 -22.29 -15.41
N THR C 235 20.06 -21.96 -16.49
CA THR C 235 21.10 -20.94 -16.45
C THR C 235 20.93 -19.94 -17.61
N ILE C 236 20.88 -18.66 -17.26
CA ILE C 236 20.80 -17.58 -18.23
C ILE C 236 22.21 -17.08 -18.54
N VAL C 237 22.50 -16.85 -19.82
CA VAL C 237 23.82 -16.37 -20.24
C VAL C 237 23.72 -15.01 -20.95
N LYS C 238 24.32 -13.99 -20.34
CA LYS C 238 24.34 -12.63 -20.89
C LYS C 238 25.25 -12.56 -22.12
N PRO C 239 25.04 -11.55 -23.00
CA PRO C 239 25.91 -11.38 -24.16
C PRO C 239 27.37 -11.18 -23.77
N GLY C 240 28.25 -11.99 -24.35
CA GLY C 240 29.67 -11.92 -24.06
C GLY C 240 30.12 -12.85 -22.95
N ASP C 241 29.17 -13.44 -22.22
CA ASP C 241 29.49 -14.45 -21.22
C ASP C 241 29.65 -15.81 -21.91
N VAL C 242 29.95 -16.85 -21.14
CA VAL C 242 30.16 -18.19 -21.68
C VAL C 242 29.46 -19.23 -20.80
N LEU C 243 28.94 -20.29 -21.42
CA LEU C 243 28.35 -21.39 -20.67
C LEU C 243 29.29 -22.57 -20.68
N VAL C 244 29.75 -22.97 -19.50
CA VAL C 244 30.58 -24.18 -19.36
C VAL C 244 29.77 -25.29 -18.69
N ILE C 245 29.89 -26.49 -19.25
CA ILE C 245 29.24 -27.67 -18.69
C ILE C 245 30.28 -28.76 -18.38
N ASN C 246 30.37 -29.11 -17.10
CA ASN C 246 31.18 -30.23 -16.62
C ASN C 246 30.31 -31.40 -16.19
N SER C 247 30.79 -32.62 -16.41
CA SER C 247 30.11 -33.80 -15.89
C SER C 247 30.87 -35.12 -16.06
N ASN C 248 31.02 -35.82 -14.94
CA ASN C 248 31.53 -37.19 -14.95
C ASN C 248 30.39 -38.22 -14.91
N GLY C 249 29.16 -37.72 -15.00
CA GLY C 249 27.96 -38.56 -15.06
C GLY C 249 26.66 -37.85 -14.75
N ASN C 250 25.56 -38.51 -15.12
CA ASN C 250 24.18 -38.10 -14.78
C ASN C 250 23.72 -36.74 -15.31
N LEU C 251 24.21 -36.37 -16.48
CA LEU C 251 23.92 -35.08 -17.10
C LEU C 251 22.87 -35.23 -18.20
N ILE C 252 21.82 -34.40 -18.11
CA ILE C 252 20.80 -34.31 -19.15
C ILE C 252 21.08 -33.06 -19.95
N ALA C 253 21.76 -33.26 -21.08
CA ALA C 253 22.27 -32.18 -21.93
C ALA C 253 21.18 -31.30 -22.55
N PRO C 254 21.44 -29.98 -22.64
CA PRO C 254 20.56 -29.11 -23.42
C PRO C 254 20.91 -29.19 -24.91
N ARG C 255 19.90 -29.08 -25.78
CA ARG C 255 20.12 -29.11 -27.23
C ARG C 255 20.45 -27.72 -27.77
N GLY C 256 20.18 -26.70 -26.96
CA GLY C 256 20.37 -25.30 -27.33
C GLY C 256 19.64 -24.39 -26.34
N TYR C 257 19.38 -23.15 -26.77
CA TYR C 257 18.78 -22.17 -25.86
C TYR C 257 17.41 -21.71 -26.30
N PHE C 258 16.71 -21.12 -25.34
CA PHE C 258 15.47 -20.39 -25.58
C PHE C 258 15.78 -18.90 -25.64
N LYS C 259 15.10 -18.18 -26.53
CA LYS C 259 15.24 -16.72 -26.58
C LYS C 259 14.41 -16.11 -25.46
N MET C 260 14.77 -14.89 -25.08
CA MET C 260 14.10 -14.19 -24.00
C MET C 260 13.63 -12.82 -24.47
N ARG C 261 12.41 -12.45 -24.08
CA ARG C 261 11.87 -11.15 -24.42
C ARG C 261 11.38 -10.44 -23.16
N THR C 262 11.59 -9.12 -23.12
CA THR C 262 11.08 -8.28 -22.04
C THR C 262 9.76 -7.73 -22.55
N GLY C 263 8.66 -8.30 -22.09
CA GLY C 263 7.37 -7.90 -22.62
C GLY C 263 6.30 -7.79 -21.58
N LYS C 264 5.08 -7.68 -22.08
CA LYS C 264 3.91 -7.56 -21.23
C LYS C 264 3.21 -8.92 -21.06
N SER C 265 3.91 -10.01 -21.38
CA SER C 265 3.25 -11.33 -21.39
C SER C 265 3.31 -12.05 -20.03
N SER C 266 2.33 -12.94 -19.81
CA SER C 266 2.15 -13.62 -18.53
C SER C 266 1.34 -14.90 -18.68
N ILE C 267 0.98 -15.50 -17.55
CA ILE C 267 0.34 -16.82 -17.49
C ILE C 267 -0.80 -16.80 -16.48
N MET C 268 -1.81 -17.63 -16.71
CA MET C 268 -2.98 -17.66 -15.84
C MET C 268 -3.64 -19.03 -15.82
N ARG C 269 -3.95 -19.52 -14.62
CA ARG C 269 -4.68 -20.77 -14.48
C ARG C 269 -6.15 -20.45 -14.60
N SER C 270 -6.83 -21.10 -15.54
CA SER C 270 -8.26 -20.87 -15.77
C SER C 270 -8.85 -21.98 -16.62
N ASP C 271 -10.12 -22.28 -16.40
CA ASP C 271 -10.82 -23.28 -17.19
C ASP C 271 -11.88 -22.66 -18.11
N ALA C 272 -11.95 -21.33 -18.15
CA ALA C 272 -12.89 -20.62 -19.01
C ALA C 272 -12.62 -20.87 -20.50
N PRO C 273 -13.67 -21.14 -21.29
CA PRO C 273 -13.51 -21.26 -22.74
C PRO C 273 -12.91 -20.01 -23.37
N ILE C 274 -12.58 -20.09 -24.65
CA ILE C 274 -12.06 -18.93 -25.35
C ILE C 274 -13.00 -18.59 -26.48
N ASP C 275 -13.24 -17.30 -26.67
CA ASP C 275 -14.27 -16.83 -27.57
C ASP C 275 -13.75 -15.78 -28.52
N THR C 276 -14.51 -15.56 -29.59
CA THR C 276 -14.22 -14.49 -30.52
C THR C 276 -14.90 -13.20 -30.08
N CYS C 277 -14.17 -12.37 -29.37
CA CYS C 277 -14.63 -11.05 -28.95
C CYS C 277 -13.44 -10.21 -28.51
N ILE C 278 -13.68 -8.92 -28.29
CA ILE C 278 -12.64 -8.00 -27.84
C ILE C 278 -12.94 -7.57 -26.41
N SER C 279 -12.03 -7.86 -25.48
CA SER C 279 -12.15 -7.38 -24.11
C SER C 279 -10.79 -7.23 -23.46
N GLU C 280 -10.39 -5.98 -23.25
CA GLU C 280 -9.08 -5.64 -22.73
C GLU C 280 -8.73 -6.34 -21.42
N CYS C 281 -9.71 -6.50 -20.53
CA CYS C 281 -9.43 -7.01 -19.19
C CYS C 281 -9.82 -8.47 -19.03
N ILE C 282 -8.86 -9.28 -18.61
CA ILE C 282 -9.08 -10.71 -18.43
C ILE C 282 -8.96 -11.09 -16.95
N THR C 283 -9.83 -12.00 -16.54
CA THR C 283 -9.81 -12.58 -15.21
C THR C 283 -10.00 -14.09 -15.38
N PRO C 284 -9.51 -14.91 -14.43
CA PRO C 284 -9.70 -16.37 -14.55
C PRO C 284 -11.17 -16.79 -14.71
N ASN C 285 -12.08 -15.92 -14.29
CA ASN C 285 -13.52 -16.16 -14.40
C ASN C 285 -14.04 -15.89 -15.82
N GLY C 286 -13.21 -15.26 -16.64
CA GLY C 286 -13.58 -14.84 -17.99
C GLY C 286 -13.14 -13.40 -18.17
N SER C 287 -13.37 -12.85 -19.37
CA SER C 287 -13.08 -11.44 -19.61
C SER C 287 -14.12 -10.58 -18.90
N ILE C 288 -13.68 -9.45 -18.36
CA ILE C 288 -14.61 -8.49 -17.75
C ILE C 288 -14.48 -7.10 -18.38
N PRO C 289 -15.58 -6.33 -18.42
CA PRO C 289 -15.49 -4.96 -18.94
C PRO C 289 -14.73 -4.09 -17.97
N ASN C 290 -14.10 -3.04 -18.46
CA ASN C 290 -13.34 -2.13 -17.59
C ASN C 290 -13.88 -0.69 -17.54
N ASP C 291 -15.19 -0.55 -17.78
CA ASP C 291 -15.83 0.76 -17.75
C ASP C 291 -15.93 1.29 -16.33
N LYS C 292 -15.75 0.40 -15.36
CA LYS C 292 -15.81 0.77 -13.95
C LYS C 292 -14.41 0.90 -13.35
N PRO C 293 -14.27 1.73 -12.30
CA PRO C 293 -12.98 1.87 -11.65
C PRO C 293 -12.62 0.65 -10.81
N PHE C 294 -13.63 0.04 -10.18
CA PHE C 294 -13.41 -1.07 -9.26
C PHE C 294 -14.06 -2.36 -9.73
N GLN C 295 -13.52 -3.49 -9.27
CA GLN C 295 -14.02 -4.80 -9.61
C GLN C 295 -13.97 -5.75 -8.40
N ASN C 296 -14.91 -6.71 -8.39
CA ASN C 296 -15.03 -7.67 -7.29
C ASN C 296 -14.94 -9.13 -7.76
N VAL C 297 -14.58 -9.32 -9.02
CA VAL C 297 -14.59 -10.64 -9.66
C VAL C 297 -13.46 -11.54 -9.15
N ASN C 298 -12.21 -11.08 -9.30
CA ASN C 298 -11.04 -11.87 -8.93
C ASN C 298 -9.85 -10.93 -8.88
N LYS C 299 -8.99 -11.12 -7.87
CA LYS C 299 -7.80 -10.30 -7.70
C LYS C 299 -6.76 -10.58 -8.81
N ILE C 300 -6.77 -11.81 -9.32
CA ILE C 300 -5.95 -12.21 -10.46
C ILE C 300 -6.53 -11.62 -11.75
N THR C 301 -5.76 -10.78 -12.42
CA THR C 301 -6.22 -10.09 -13.64
C THR C 301 -5.10 -9.92 -14.68
N TYR C 302 -5.49 -9.65 -15.91
CA TYR C 302 -4.54 -9.34 -16.97
C TYR C 302 -5.09 -8.28 -17.92
N GLY C 303 -4.28 -7.27 -18.22
CA GLY C 303 -4.71 -6.15 -19.07
C GLY C 303 -5.05 -4.89 -18.29
N ALA C 304 -5.56 -3.89 -18.99
CA ALA C 304 -6.03 -2.65 -18.35
C ALA C 304 -7.33 -2.90 -17.57
N CYS C 305 -7.19 -3.27 -16.30
CA CYS C 305 -8.32 -3.74 -15.51
C CYS C 305 -8.73 -2.75 -14.43
N PRO C 306 -9.97 -2.89 -13.90
CA PRO C 306 -10.34 -2.13 -12.71
C PRO C 306 -9.63 -2.68 -11.48
N LYS C 307 -9.47 -1.85 -10.45
CA LYS C 307 -8.81 -2.27 -9.21
C LYS C 307 -9.66 -3.29 -8.46
N TYR C 308 -9.06 -4.41 -8.04
CA TYR C 308 -9.81 -5.36 -7.23
C TYR C 308 -10.08 -4.78 -5.86
N VAL C 309 -11.31 -4.95 -5.41
CA VAL C 309 -11.78 -4.37 -4.15
C VAL C 309 -12.66 -5.38 -3.42
N LYS C 310 -12.68 -5.29 -2.09
CA LYS C 310 -13.44 -6.25 -1.26
C LYS C 310 -14.96 -6.12 -1.41
N GLN C 311 -15.43 -4.88 -1.55
CA GLN C 311 -16.86 -4.58 -1.73
C GLN C 311 -17.43 -5.17 -3.02
N ASN C 312 -18.67 -5.65 -2.96
CA ASN C 312 -19.34 -6.18 -4.15
C ASN C 312 -20.18 -5.13 -4.87
N THR C 313 -20.53 -4.07 -4.14
CA THR C 313 -21.30 -2.96 -4.70
C THR C 313 -20.84 -1.64 -4.12
N LEU C 314 -20.94 -0.60 -4.93
CA LEU C 314 -20.51 0.72 -4.53
C LEU C 314 -21.15 1.74 -5.47
N LYS C 315 -22.25 2.32 -5.00
CA LYS C 315 -23.07 3.24 -5.78
C LYS C 315 -22.53 4.65 -5.70
N LEU C 316 -22.33 5.28 -6.85
CA LEU C 316 -21.96 6.68 -6.94
C LEU C 316 -23.17 7.51 -7.34
N ALA C 317 -23.60 8.41 -6.45
CA ALA C 317 -24.76 9.26 -6.71
C ALA C 317 -24.59 10.07 -7.99
N THR C 318 -25.57 9.96 -8.89
CA THR C 318 -25.58 10.76 -10.12
C THR C 318 -26.78 11.70 -10.16
N GLY C 319 -27.35 11.96 -8.99
CA GLY C 319 -28.47 12.88 -8.86
C GLY C 319 -28.56 13.46 -7.47
N MET C 320 -29.50 14.39 -7.29
CA MET C 320 -29.72 15.05 -6.02
C MET C 320 -30.33 14.14 -4.96
N ARG C 321 -30.42 14.67 -3.74
CA ARG C 321 -31.19 14.03 -2.68
C ARG C 321 -32.63 13.91 -3.17
N ASN C 322 -33.25 12.76 -2.91
CA ASN C 322 -34.62 12.49 -3.33
C ASN C 322 -35.61 12.73 -2.20
N VAL C 323 -36.40 13.80 -2.30
CA VAL C 323 -37.41 14.10 -1.29
C VAL C 323 -38.81 13.98 -1.93
N PRO C 324 -39.55 12.92 -1.57
CA PRO C 324 -40.79 12.63 -2.26
C PRO C 324 -42.01 13.26 -1.59
N GLU C 325 -43.12 13.32 -2.34
CA GLU C 325 -44.41 13.79 -1.84
C GLU C 325 -45.04 12.74 -0.93
N GLY D 1 -28.18 18.77 3.17
CA GLY D 1 -27.37 19.64 2.26
C GLY D 1 -27.01 20.98 2.88
N LEU D 2 -25.77 21.38 2.70
CA LEU D 2 -25.19 22.57 3.37
C LEU D 2 -25.96 23.87 3.14
N PHE D 3 -26.85 23.90 2.16
CA PHE D 3 -27.53 25.11 1.78
C PHE D 3 -28.99 25.12 2.23
N GLY D 4 -29.48 23.95 2.62
CA GLY D 4 -30.82 23.80 3.18
C GLY D 4 -31.95 24.18 2.25
N ALA D 5 -31.78 23.89 0.95
CA ALA D 5 -32.84 24.12 -0.02
C ALA D 5 -33.58 22.80 -0.25
N ILE D 6 -32.89 21.85 -0.88
CA ILE D 6 -33.45 20.52 -1.10
C ILE D 6 -33.47 19.82 0.25
N ALA D 7 -34.65 19.32 0.63
CA ALA D 7 -34.87 18.79 1.98
C ALA D 7 -34.62 19.87 3.03
N GLY D 8 -34.82 21.13 2.66
CA GLY D 8 -34.66 22.27 3.55
C GLY D 8 -35.91 23.11 3.53
N PHE D 9 -35.77 24.39 3.17
CA PHE D 9 -36.94 25.29 3.08
C PHE D 9 -37.91 24.91 1.94
N ILE D 10 -37.43 24.12 0.98
CA ILE D 10 -38.32 23.46 0.03
C ILE D 10 -38.64 22.08 0.61
N GLU D 11 -39.89 21.88 1.02
CA GLU D 11 -40.28 20.67 1.78
C GLU D 11 -40.21 19.37 0.98
N ASN D 12 -40.58 19.41 -0.30
CA ASN D 12 -40.45 18.23 -1.17
C ASN D 12 -40.19 18.51 -2.65
N GLY D 13 -39.76 17.47 -3.36
CA GLY D 13 -39.56 17.55 -4.80
C GLY D 13 -40.84 17.33 -5.58
N TRP D 14 -40.73 17.33 -6.90
CA TRP D 14 -41.89 17.22 -7.76
C TRP D 14 -41.77 16.07 -8.72
N GLU D 15 -42.48 14.99 -8.41
CA GLU D 15 -42.48 13.77 -9.22
C GLU D 15 -43.09 13.99 -10.60
N GLY D 16 -43.85 15.08 -10.73
CA GLY D 16 -44.37 15.51 -12.01
C GLY D 16 -43.28 16.01 -12.94
N MET D 17 -42.36 16.82 -12.41
CA MET D 17 -41.31 17.45 -13.22
C MET D 17 -40.39 16.43 -13.88
N ILE D 18 -40.71 16.13 -15.14
CA ILE D 18 -39.93 15.19 -15.97
C ILE D 18 -39.00 15.93 -16.91
N ASP D 19 -39.38 17.16 -17.25
CA ASP D 19 -38.66 17.98 -18.24
C ASP D 19 -37.27 18.46 -17.78
N GLY D 20 -36.99 18.38 -16.49
CA GLY D 20 -35.69 18.82 -15.97
C GLY D 20 -35.55 18.63 -14.46
N TRP D 21 -34.47 19.18 -13.90
CA TRP D 21 -34.10 18.94 -12.50
C TRP D 21 -34.60 19.99 -11.55
N TYR D 22 -34.68 21.21 -12.03
CA TYR D 22 -35.15 22.36 -11.27
C TYR D 22 -36.17 23.14 -12.10
N GLY D 23 -37.13 23.78 -11.45
CA GLY D 23 -38.13 24.53 -12.18
C GLY D 23 -39.16 25.29 -11.37
N PHE D 24 -40.22 25.70 -12.05
CA PHE D 24 -41.21 26.62 -11.50
C PHE D 24 -42.65 26.07 -11.58
N ARG D 25 -43.30 25.96 -10.43
CA ARG D 25 -44.76 25.81 -10.35
C ARG D 25 -45.34 27.17 -10.03
N HIS D 26 -46.25 27.65 -10.88
CA HIS D 26 -46.88 28.95 -10.62
C HIS D 26 -48.36 28.96 -10.56
N GLN D 27 -48.89 30.04 -10.00
CA GLN D 27 -50.31 30.24 -9.78
C GLN D 27 -50.57 31.73 -9.96
N ASN D 28 -51.33 32.09 -10.98
CA ASN D 28 -51.72 33.49 -11.20
C ASN D 28 -53.21 33.63 -11.49
N SER D 29 -53.59 34.83 -11.96
CA SER D 29 -54.98 35.08 -12.32
C SER D 29 -55.41 34.20 -13.49
N GLU D 30 -54.56 34.11 -14.52
CA GLU D 30 -54.92 33.40 -15.73
C GLU D 30 -54.75 31.87 -15.64
N GLY D 31 -54.30 31.37 -14.50
CA GLY D 31 -54.28 29.91 -14.29
C GLY D 31 -53.06 29.31 -13.63
N THR D 32 -52.41 28.38 -14.34
CA THR D 32 -51.35 27.55 -13.78
C THR D 32 -50.28 27.17 -14.80
N GLY D 33 -49.02 27.26 -14.36
CA GLY D 33 -47.89 26.84 -15.17
C GLY D 33 -46.96 25.91 -14.42
N GLN D 34 -45.97 25.40 -15.13
CA GLN D 34 -45.04 24.39 -14.61
C GLN D 34 -43.99 24.18 -15.69
N ALA D 35 -42.83 24.80 -15.52
CA ALA D 35 -41.75 24.60 -16.47
C ALA D 35 -40.41 24.41 -15.77
N ALA D 36 -39.52 23.62 -16.40
CA ALA D 36 -38.21 23.34 -15.85
C ALA D 36 -37.15 24.32 -16.37
N ASP D 37 -36.27 24.76 -15.47
CA ASP D 37 -35.21 25.71 -15.81
C ASP D 37 -34.02 24.96 -16.38
N LEU D 38 -33.60 25.32 -17.59
CA LEU D 38 -32.47 24.63 -18.25
C LEU D 38 -31.11 24.98 -17.66
N LYS D 39 -30.83 26.27 -17.51
CA LYS D 39 -29.50 26.75 -17.08
C LYS D 39 -29.01 26.17 -15.74
N SER D 40 -29.91 26.02 -14.76
CA SER D 40 -29.55 25.42 -13.49
C SER D 40 -29.47 23.89 -13.60
N THR D 41 -30.39 23.29 -14.34
CA THR D 41 -30.39 21.83 -14.56
C THR D 41 -29.12 21.39 -15.27
N GLN D 42 -28.77 22.11 -16.34
CA GLN D 42 -27.57 21.83 -17.11
C GLN D 42 -26.34 21.88 -16.21
N ALA D 43 -26.18 23.00 -15.49
CA ALA D 43 -25.07 23.18 -14.55
C ALA D 43 -24.88 21.96 -13.65
N ALA D 44 -25.98 21.53 -13.02
CA ALA D 44 -25.97 20.36 -12.16
C ALA D 44 -25.62 19.07 -12.92
N ILE D 45 -25.95 19.03 -14.20
CA ILE D 45 -25.69 17.82 -14.99
C ILE D 45 -24.23 17.75 -15.47
N ASP D 46 -23.71 18.87 -15.96
CA ASP D 46 -22.33 18.93 -16.44
C ASP D 46 -21.33 18.59 -15.34
N GLN D 47 -21.56 19.14 -14.15
CA GLN D 47 -20.71 18.92 -12.98
C GLN D 47 -20.70 17.46 -12.50
N ILE D 48 -21.89 16.87 -12.42
CA ILE D 48 -22.03 15.44 -12.11
C ILE D 48 -21.46 14.58 -13.24
N ASN D 49 -21.71 14.96 -14.50
CA ASN D 49 -21.05 14.30 -15.62
C ASN D 49 -19.55 14.42 -15.53
N GLY D 50 -19.08 15.65 -15.29
CA GLY D 50 -17.67 15.95 -15.14
C GLY D 50 -17.02 15.12 -14.06
N LYS D 51 -17.73 14.92 -12.95
CA LYS D 51 -17.16 14.17 -11.85
C LYS D 51 -17.23 12.66 -12.05
N LEU D 52 -18.25 12.22 -12.79
CA LEU D 52 -18.39 10.81 -13.19
C LEU D 52 -17.23 10.45 -14.11
N ASN D 53 -16.93 11.33 -15.06
CA ASN D 53 -15.79 11.12 -15.96
C ASN D 53 -14.45 11.08 -15.24
N ARG D 54 -14.28 11.91 -14.21
CA ARG D 54 -13.04 11.85 -13.43
C ARG D 54 -12.86 10.47 -12.77
N VAL D 55 -13.91 9.98 -12.13
CA VAL D 55 -13.92 8.68 -11.46
C VAL D 55 -13.75 7.50 -12.45
N ILE D 56 -14.40 7.58 -13.60
CA ILE D 56 -14.31 6.53 -14.61
C ILE D 56 -13.00 6.57 -15.41
N GLU D 57 -12.29 7.71 -15.36
CA GLU D 57 -10.96 7.86 -15.96
C GLU D 57 -10.12 6.61 -15.74
N LYS D 58 -9.73 5.99 -16.85
CA LYS D 58 -8.92 4.77 -16.90
C LYS D 58 -7.80 4.74 -15.85
N THR D 59 -8.03 3.99 -14.77
CA THR D 59 -6.95 3.73 -13.81
C THR D 59 -5.91 2.81 -14.49
N ASN D 60 -4.80 2.53 -13.81
CA ASN D 60 -3.62 1.91 -14.46
C ASN D 60 -3.80 0.46 -14.98
N GLU D 61 -2.70 -0.09 -15.50
CA GLU D 61 -2.70 -1.42 -16.10
C GLU D 61 -1.42 -2.22 -15.81
N LYS D 62 -1.59 -3.37 -15.15
CA LYS D 62 -0.49 -4.26 -14.83
C LYS D 62 -0.52 -5.43 -15.81
N PHE D 63 0.52 -6.26 -15.78
CA PHE D 63 0.54 -7.45 -16.61
C PHE D 63 1.00 -8.66 -15.82
N HIS D 64 2.30 -8.97 -15.88
CA HIS D 64 2.84 -10.04 -15.04
C HIS D 64 3.04 -9.54 -13.66
N GLN D 65 2.35 -10.17 -12.72
CA GLN D 65 2.37 -9.80 -11.32
C GLN D 65 2.85 -11.00 -10.51
N ILE D 66 2.63 -10.98 -9.21
CA ILE D 66 2.90 -12.14 -8.38
C ILE D 66 1.73 -13.12 -8.45
N GLU D 67 2.00 -14.38 -8.15
CA GLU D 67 0.94 -15.37 -8.00
C GLU D 67 0.12 -15.05 -6.74
N LYS D 68 -1.17 -15.34 -6.79
CA LYS D 68 -2.08 -14.93 -5.73
C LYS D 68 -2.90 -16.11 -5.19
N GLU D 69 -2.66 -17.28 -5.78
CA GLU D 69 -3.19 -18.53 -5.25
C GLU D 69 -2.11 -19.59 -5.24
N PHE D 70 -2.18 -20.45 -4.24
CA PHE D 70 -1.17 -21.47 -3.99
C PHE D 70 -1.86 -22.77 -3.62
N SER D 71 -1.41 -23.89 -4.19
CA SER D 71 -1.97 -25.19 -3.85
C SER D 71 -1.26 -25.79 -2.64
N GLU D 72 0.05 -25.53 -2.54
CA GLU D 72 0.91 -26.05 -1.48
C GLU D 72 1.07 -25.07 -0.33
N VAL D 73 1.67 -25.56 0.76
CA VAL D 73 2.03 -24.74 1.92
C VAL D 73 3.54 -24.56 1.90
N GLU D 74 3.99 -23.31 1.91
CA GLU D 74 5.42 -23.01 1.76
C GLU D 74 5.99 -22.25 2.94
N GLY D 75 5.14 -21.48 3.61
CA GLY D 75 5.60 -20.70 4.75
C GLY D 75 5.99 -19.28 4.39
N ARG D 76 7.23 -18.91 4.72
CA ARG D 76 7.68 -17.51 4.78
C ARG D 76 7.48 -16.67 3.52
N ILE D 77 8.00 -17.15 2.40
CA ILE D 77 7.87 -16.41 1.13
C ILE D 77 6.39 -16.30 0.73
N GLN D 78 5.66 -17.41 0.82
CA GLN D 78 4.21 -17.42 0.56
C GLN D 78 3.45 -16.48 1.52
N ASP D 79 3.79 -16.54 2.81
CA ASP D 79 3.23 -15.62 3.81
C ASP D 79 3.35 -14.18 3.35
N LEU D 80 4.55 -13.83 2.87
CA LEU D 80 4.86 -12.48 2.39
C LEU D 80 4.11 -12.13 1.10
N GLU D 81 3.88 -13.12 0.25
CA GLU D 81 3.12 -12.89 -0.99
C GLU D 81 1.66 -12.59 -0.70
N LYS D 82 1.09 -13.29 0.28
CA LYS D 82 -0.31 -13.12 0.67
C LYS D 82 -0.55 -11.80 1.40
N TYR D 83 0.39 -11.44 2.27
CA TYR D 83 0.29 -10.21 3.07
C TYR D 83 0.41 -8.98 2.18
N VAL D 84 1.35 -9.02 1.24
CA VAL D 84 1.43 -7.98 0.22
C VAL D 84 0.10 -7.84 -0.52
N GLU D 85 -0.42 -8.95 -1.02
CA GLU D 85 -1.70 -8.94 -1.73
C GLU D 85 -2.86 -8.46 -0.85
N ASP D 86 -2.89 -8.87 0.42
CA ASP D 86 -3.94 -8.45 1.33
C ASP D 86 -3.92 -6.98 1.69
N THR D 87 -2.76 -6.45 2.07
CA THR D 87 -2.70 -5.02 2.43
C THR D 87 -3.01 -4.14 1.22
N LYS D 88 -2.57 -4.58 0.04
CA LYS D 88 -2.90 -3.88 -1.20
C LYS D 88 -4.41 -3.76 -1.38
N ILE D 89 -5.11 -4.90 -1.34
CA ILE D 89 -6.57 -4.91 -1.48
C ILE D 89 -7.23 -4.06 -0.40
N ASP D 90 -6.69 -4.08 0.81
CA ASP D 90 -7.26 -3.27 1.87
C ASP D 90 -7.19 -1.77 1.58
N LEU D 91 -6.03 -1.29 1.16
CA LEU D 91 -5.86 0.13 0.87
C LEU D 91 -6.76 0.59 -0.29
N TRP D 92 -6.86 -0.20 -1.37
CA TRP D 92 -7.83 0.09 -2.42
C TRP D 92 -9.26 0.07 -1.96
N SER D 93 -9.59 -0.89 -1.10
CA SER D 93 -10.93 -0.99 -0.56
C SER D 93 -11.31 0.25 0.24
N TYR D 94 -10.35 0.78 1.00
CA TYR D 94 -10.54 2.02 1.75
C TYR D 94 -10.65 3.22 0.80
N ASN D 95 -9.87 3.22 -0.27
CA ASN D 95 -9.96 4.28 -1.26
C ASN D 95 -11.31 4.34 -1.93
N ALA D 96 -11.81 3.16 -2.30
CA ALA D 96 -13.10 3.03 -2.95
C ALA D 96 -14.21 3.46 -2.01
N GLU D 97 -14.13 3.03 -0.76
CA GLU D 97 -15.14 3.36 0.23
C GLU D 97 -15.16 4.87 0.48
N LEU D 98 -13.99 5.45 0.75
CA LEU D 98 -13.86 6.88 1.02
C LEU D 98 -14.19 7.74 -0.21
N LEU D 99 -13.82 7.27 -1.40
CA LEU D 99 -14.15 7.98 -2.63
C LEU D 99 -15.65 8.29 -2.74
N VAL D 100 -16.50 7.25 -2.74
CA VAL D 100 -17.93 7.45 -2.91
C VAL D 100 -18.51 8.28 -1.76
N ALA D 101 -18.04 8.00 -0.55
CA ALA D 101 -18.48 8.72 0.64
C ALA D 101 -18.33 10.22 0.42
N LEU D 102 -17.11 10.65 0.05
CA LEU D 102 -16.82 12.04 -0.31
C LEU D 102 -17.63 12.52 -1.51
N GLU D 103 -17.49 11.82 -2.63
CA GLU D 103 -18.17 12.19 -3.86
C GLU D 103 -19.67 12.40 -3.63
N ASN D 104 -20.32 11.42 -2.99
CA ASN D 104 -21.77 11.47 -2.75
C ASN D 104 -22.20 12.65 -1.89
N GLN D 105 -21.52 12.84 -0.76
CA GLN D 105 -21.70 14.00 0.11
C GLN D 105 -21.63 15.29 -0.73
N HIS D 106 -20.63 15.36 -1.60
CA HIS D 106 -20.45 16.53 -2.46
C HIS D 106 -21.53 16.65 -3.50
N THR D 107 -21.85 15.54 -4.19
CA THR D 107 -22.89 15.55 -5.21
C THR D 107 -24.19 16.13 -4.64
N ILE D 108 -24.53 15.70 -3.42
CA ILE D 108 -25.68 16.20 -2.68
C ILE D 108 -25.61 17.71 -2.47
N ASP D 109 -24.48 18.20 -1.96
CA ASP D 109 -24.31 19.63 -1.69
C ASP D 109 -24.25 20.46 -2.97
N LEU D 110 -23.73 19.86 -4.03
CA LEU D 110 -23.67 20.48 -5.34
C LEU D 110 -25.07 20.80 -5.83
N THR D 111 -25.95 19.81 -5.76
CA THR D 111 -27.32 19.93 -6.26
C THR D 111 -28.15 20.84 -5.37
N ASP D 112 -27.94 20.76 -4.06
CA ASP D 112 -28.55 21.68 -3.11
C ASP D 112 -28.17 23.11 -3.47
N SER D 113 -26.89 23.35 -3.69
CA SER D 113 -26.39 24.65 -4.13
C SER D 113 -27.09 25.12 -5.40
N GLU D 114 -27.08 24.29 -6.44
CA GLU D 114 -27.71 24.67 -7.71
C GLU D 114 -29.17 25.12 -7.55
N MET D 115 -29.88 24.47 -6.64
CA MET D 115 -31.25 24.87 -6.26
C MET D 115 -31.28 26.23 -5.58
N ASN D 116 -30.33 26.49 -4.69
CA ASN D 116 -30.21 27.78 -4.02
C ASN D 116 -29.85 28.91 -4.99
N LYS D 117 -28.96 28.62 -5.94
CA LYS D 117 -28.55 29.58 -6.96
C LYS D 117 -29.75 30.04 -7.80
N LEU D 118 -30.64 29.10 -8.11
CA LEU D 118 -31.80 29.40 -8.93
C LEU D 118 -32.77 30.28 -8.15
N PHE D 119 -32.82 30.06 -6.84
CA PHE D 119 -33.69 30.81 -5.97
C PHE D 119 -33.21 32.24 -5.80
N GLU D 120 -31.94 32.41 -5.42
CA GLU D 120 -31.37 33.73 -5.20
C GLU D 120 -31.27 34.52 -6.51
N LYS D 121 -31.16 33.82 -7.64
CA LYS D 121 -31.12 34.49 -8.93
C LYS D 121 -32.48 35.11 -9.21
N THR D 122 -33.52 34.34 -8.91
CA THR D 122 -34.91 34.78 -9.10
C THR D 122 -35.29 35.89 -8.12
N ARG D 123 -34.84 35.75 -6.87
CA ARG D 123 -35.05 36.75 -5.81
C ARG D 123 -34.56 38.13 -6.24
N ARG D 124 -33.37 38.17 -6.82
CA ARG D 124 -32.74 39.42 -7.24
C ARG D 124 -33.43 40.00 -8.46
N GLN D 125 -33.88 39.10 -9.33
CA GLN D 125 -34.56 39.46 -10.57
C GLN D 125 -35.87 40.18 -10.27
N LEU D 126 -36.52 39.80 -9.18
CA LEU D 126 -37.80 40.39 -8.76
C LEU D 126 -37.67 41.74 -8.02
N ARG D 127 -36.54 41.94 -7.33
CA ARG D 127 -36.29 43.17 -6.56
C ARG D 127 -37.39 43.42 -5.53
N GLU D 128 -38.08 44.55 -5.64
CA GLU D 128 -39.10 44.94 -4.66
C GLU D 128 -40.51 44.45 -4.99
N ASN D 129 -40.65 43.77 -6.12
CA ASN D 129 -41.97 43.39 -6.63
C ASN D 129 -42.56 42.11 -6.03
N ALA D 130 -41.79 41.46 -5.14
CA ALA D 130 -42.21 40.18 -4.55
C ALA D 130 -41.70 39.99 -3.11
N GLU D 131 -42.17 38.93 -2.44
CA GLU D 131 -41.76 38.60 -1.07
C GLU D 131 -41.56 37.11 -0.84
N ASP D 132 -40.54 36.74 -0.07
CA ASP D 132 -40.23 35.34 0.23
C ASP D 132 -41.18 34.78 1.27
N MET D 133 -42.03 33.85 0.85
CA MET D 133 -43.04 33.23 1.73
C MET D 133 -42.38 32.30 2.76
N GLY D 134 -41.27 31.69 2.37
CA GLY D 134 -40.52 30.81 3.26
C GLY D 134 -40.36 29.42 2.71
N ASN D 135 -41.35 29.00 1.92
CA ASN D 135 -41.43 27.64 1.39
C ASN D 135 -40.88 27.50 -0.02
N GLY D 136 -40.12 28.50 -0.47
CA GLY D 136 -39.54 28.47 -1.80
C GLY D 136 -40.44 29.09 -2.86
N CYS D 137 -41.51 29.74 -2.41
CA CYS D 137 -42.39 30.48 -3.29
C CYS D 137 -42.33 31.96 -2.96
N PHE D 138 -42.42 32.79 -3.99
CA PHE D 138 -42.60 34.21 -3.80
C PHE D 138 -44.09 34.53 -3.91
N LYS D 139 -44.48 35.69 -3.38
CA LYS D 139 -45.74 36.30 -3.75
C LYS D 139 -45.40 37.52 -4.57
N ILE D 140 -45.69 37.45 -5.87
CA ILE D 140 -45.50 38.59 -6.77
C ILE D 140 -46.69 39.52 -6.54
N TYR D 141 -46.40 40.71 -6.01
CA TYR D 141 -47.46 41.62 -5.58
C TYR D 141 -48.15 42.40 -6.71
N HIS D 142 -48.01 41.92 -7.94
CA HIS D 142 -48.68 42.55 -9.08
C HIS D 142 -49.35 41.54 -10.00
N LYS D 143 -50.01 42.05 -11.04
CA LYS D 143 -50.56 41.22 -12.11
C LYS D 143 -49.45 40.58 -12.92
N CYS D 144 -49.42 39.25 -12.91
CA CYS D 144 -48.35 38.54 -13.60
C CYS D 144 -48.86 37.27 -14.31
N ASP D 145 -49.27 37.46 -15.58
CA ASP D 145 -49.82 36.40 -16.43
C ASP D 145 -48.74 35.41 -16.90
N ASN D 146 -49.13 34.45 -17.74
CA ASN D 146 -48.18 33.47 -18.28
C ASN D 146 -47.02 34.13 -19.03
N ALA D 147 -47.32 35.19 -19.77
CA ALA D 147 -46.31 35.96 -20.49
C ALA D 147 -45.35 36.68 -19.53
N CYS D 148 -45.88 37.10 -18.38
CA CYS D 148 -45.08 37.73 -17.35
C CYS D 148 -44.19 36.70 -16.65
N ILE D 149 -44.78 35.58 -16.23
CA ILE D 149 -44.05 34.48 -15.62
C ILE D 149 -42.91 34.03 -16.53
N GLU D 150 -43.23 33.89 -17.82
CA GLU D 150 -42.26 33.51 -18.84
C GLU D 150 -41.02 34.42 -18.80
N SER D 151 -41.24 35.74 -18.71
CA SER D 151 -40.15 36.71 -18.72
C SER D 151 -39.16 36.49 -17.56
N ILE D 152 -39.69 36.06 -16.42
CA ILE D 152 -38.84 35.69 -15.27
C ILE D 152 -38.03 34.45 -15.64
N ARG D 153 -38.74 33.44 -16.13
CA ARG D 153 -38.13 32.16 -16.51
C ARG D 153 -36.95 32.33 -17.46
N ASN D 154 -37.16 33.07 -18.55
CA ASN D 154 -36.12 33.26 -19.56
C ASN D 154 -35.14 34.39 -19.21
N GLY D 155 -35.29 34.96 -18.02
CA GLY D 155 -34.34 35.93 -17.49
C GLY D 155 -34.58 37.38 -17.86
N THR D 156 -35.61 37.63 -18.68
CA THR D 156 -35.86 38.96 -19.23
C THR D 156 -37.02 39.69 -18.53
N TYR D 157 -36.96 39.79 -17.21
CA TYR D 157 -38.00 40.46 -16.43
C TYR D 157 -37.57 41.89 -16.08
N ASP D 158 -38.41 42.86 -16.46
CA ASP D 158 -38.19 44.26 -16.15
C ASP D 158 -38.99 44.67 -14.91
N HIS D 159 -38.28 44.88 -13.81
CA HIS D 159 -38.91 45.16 -12.53
C HIS D 159 -39.49 46.54 -12.45
N ASP D 160 -39.00 47.48 -13.26
CA ASP D 160 -39.48 48.86 -13.26
C ASP D 160 -40.91 48.95 -13.75
N VAL D 161 -41.21 48.25 -14.84
CA VAL D 161 -42.56 48.19 -15.42
C VAL D 161 -43.61 47.95 -14.32
N TYR D 162 -43.33 46.99 -13.45
CA TYR D 162 -44.28 46.56 -12.43
C TYR D 162 -44.10 47.20 -11.06
N ARG D 163 -42.97 47.85 -10.84
CA ARG D 163 -42.61 48.37 -9.51
C ARG D 163 -43.71 49.21 -8.88
N ASP D 164 -44.12 50.29 -9.55
CA ASP D 164 -45.15 51.19 -9.03
C ASP D 164 -46.41 50.45 -8.62
N GLU D 165 -46.83 49.51 -9.45
CA GLU D 165 -48.01 48.71 -9.19
C GLU D 165 -47.80 47.73 -8.01
N ALA D 166 -46.70 46.99 -8.04
CA ALA D 166 -46.40 46.01 -6.99
C ALA D 166 -46.05 46.66 -5.66
N LEU D 167 -45.18 47.67 -5.71
CA LEU D 167 -44.78 48.42 -4.52
C LEU D 167 -46.01 48.93 -3.79
N ASN D 168 -46.90 49.56 -4.56
CA ASN D 168 -48.15 50.12 -4.04
C ASN D 168 -49.09 49.07 -3.46
N ASN D 169 -49.09 47.88 -4.06
CA ASN D 169 -49.94 46.78 -3.61
C ASN D 169 -49.39 46.13 -2.33
N ARG D 170 -48.09 46.31 -2.10
CA ARG D 170 -47.38 45.68 -1.01
C ARG D 170 -47.49 46.41 0.34
N PHE D 171 -47.94 47.67 0.33
CA PHE D 171 -47.93 48.51 1.55
C PHE D 171 -49.29 48.91 2.14
N GLN D 172 -50.38 48.53 1.49
CA GLN D 172 -51.73 48.90 1.92
C GLN D 172 -52.08 48.49 3.36
N ILE D 173 -52.88 49.32 4.03
CA ILE D 173 -53.34 49.05 5.40
C ILE D 173 -54.62 48.20 5.39
N ASP E 7 -46.97 54.62 23.26
CA ASP E 7 -47.20 53.16 23.03
C ASP E 7 -46.16 52.55 22.07
N ASN E 8 -45.28 53.40 21.53
CA ASN E 8 -44.25 53.00 20.58
C ASN E 8 -43.18 52.07 21.18
N SER E 9 -43.02 50.89 20.57
CA SER E 9 -42.06 49.87 21.05
C SER E 9 -41.54 48.96 19.93
N THR E 10 -40.26 48.59 20.05
CA THR E 10 -39.67 47.56 19.19
C THR E 10 -39.22 46.37 20.06
N ALA E 11 -38.48 45.44 19.46
CA ALA E 11 -37.94 44.26 20.15
C ALA E 11 -36.69 43.78 19.44
N THR E 12 -35.86 43.01 20.14
CA THR E 12 -34.61 42.49 19.56
C THR E 12 -34.50 40.97 19.70
N LEU E 13 -34.29 40.30 18.58
CA LEU E 13 -34.09 38.85 18.56
C LEU E 13 -32.71 38.56 18.01
N CYS E 14 -31.83 38.07 18.88
CA CYS E 14 -30.50 37.70 18.45
C CYS E 14 -30.38 36.19 18.29
N LEU E 15 -29.64 35.77 17.27
CA LEU E 15 -29.32 34.36 17.08
C LEU E 15 -27.85 34.10 17.37
N GLY E 16 -27.57 32.96 17.98
CA GLY E 16 -26.21 32.60 18.34
C GLY E 16 -25.99 31.13 18.52
N HIS E 17 -24.76 30.78 18.88
CA HIS E 17 -24.34 29.42 19.11
C HIS E 17 -23.59 29.39 20.40
N HIS E 18 -23.30 28.19 20.90
CA HIS E 18 -22.61 28.09 22.19
C HIS E 18 -21.12 28.00 22.05
N ALA E 19 -20.44 28.50 23.06
CA ALA E 19 -18.99 28.34 23.20
C ALA E 19 -18.73 27.58 24.49
N VAL E 20 -17.53 27.03 24.62
CA VAL E 20 -17.13 26.41 25.89
C VAL E 20 -15.96 27.17 26.50
N PRO E 21 -15.81 27.08 27.84
CA PRO E 21 -14.67 27.73 28.49
C PRO E 21 -13.35 27.07 28.07
N ASN E 22 -13.29 25.73 28.11
CA ASN E 22 -12.08 24.98 27.72
C ASN E 22 -11.87 24.92 26.20
N GLY E 23 -12.29 23.83 25.56
CA GLY E 23 -12.10 23.66 24.11
C GLY E 23 -10.90 22.83 23.72
N THR E 24 -10.85 22.41 22.45
CA THR E 24 -9.86 21.43 22.00
C THR E 24 -9.25 21.81 20.66
N LEU E 25 -7.94 21.66 20.56
CA LEU E 25 -7.23 21.94 19.33
C LEU E 25 -7.34 20.77 18.39
N VAL E 26 -7.49 21.09 17.10
CA VAL E 26 -7.82 20.10 16.07
C VAL E 26 -7.15 20.50 14.75
N LYS E 27 -6.72 19.51 13.98
CA LYS E 27 -6.13 19.75 12.67
C LYS E 27 -7.24 19.79 11.60
N THR E 28 -7.05 20.63 10.59
CA THR E 28 -8.06 20.86 9.58
C THR E 28 -7.37 20.85 8.21
N ILE E 29 -8.09 21.11 7.13
CA ILE E 29 -7.46 21.16 5.81
C ILE E 29 -6.65 22.44 5.59
N THR E 30 -7.10 23.53 6.22
CA THR E 30 -6.47 24.84 6.08
C THR E 30 -5.79 25.28 7.37
N ASP E 31 -5.88 24.47 8.42
CA ASP E 31 -5.41 24.87 9.74
C ASP E 31 -4.67 23.78 10.47
N ASP E 32 -3.44 24.11 10.83
CA ASP E 32 -2.58 23.25 11.64
C ASP E 32 -3.25 22.96 12.98
N GLN E 33 -3.63 24.03 13.67
CA GLN E 33 -4.42 23.90 14.87
C GLN E 33 -5.49 24.96 14.91
N ILE E 34 -6.66 24.58 15.44
CA ILE E 34 -7.85 25.43 15.45
C ILE E 34 -8.79 24.88 16.53
N GLU E 35 -9.39 25.78 17.29
CA GLU E 35 -10.14 25.36 18.47
C GLU E 35 -11.60 25.06 18.15
N VAL E 36 -12.04 23.87 18.54
CA VAL E 36 -13.46 23.53 18.43
C VAL E 36 -14.07 23.29 19.80
N THR E 37 -15.36 22.97 19.79
CA THR E 37 -16.14 22.85 20.99
C THR E 37 -15.93 21.50 21.67
N ASN E 38 -15.48 20.51 20.90
CA ASN E 38 -15.29 19.14 21.38
C ASN E 38 -14.74 18.18 20.31
N ALA E 39 -14.05 17.13 20.75
CA ALA E 39 -13.51 16.10 19.86
C ALA E 39 -13.39 14.72 20.54
N THR E 40 -12.99 13.71 19.77
CA THR E 40 -12.67 12.38 20.31
C THR E 40 -11.36 11.85 19.74
N GLU E 41 -10.68 11.02 20.52
CA GLU E 41 -9.43 10.40 20.09
C GLU E 41 -9.73 9.30 19.09
N LEU E 42 -9.05 9.34 17.95
CA LEU E 42 -9.16 8.26 16.96
C LEU E 42 -8.00 7.25 17.03
N VAL E 43 -6.93 7.62 17.75
CA VAL E 43 -5.80 6.72 17.92
C VAL E 43 -5.78 6.12 19.33
N GLN E 44 -5.95 4.81 19.40
CA GLN E 44 -5.84 4.04 20.63
C GLN E 44 -4.36 3.89 20.96
N SER E 45 -3.95 4.41 22.11
CA SER E 45 -2.52 4.53 22.41
C SER E 45 -2.06 3.93 23.74
N SER E 46 -2.98 3.34 24.50
CA SER E 46 -2.62 2.67 25.74
C SER E 46 -3.24 1.27 25.82
N SER E 47 -2.63 0.40 26.62
CA SER E 47 -3.04 -1.00 26.73
C SER E 47 -3.28 -1.40 28.18
N THR E 48 -4.08 -2.45 28.41
CA THR E 48 -4.34 -2.93 29.79
C THR E 48 -3.11 -3.56 30.41
N GLY E 49 -2.18 -3.99 29.57
CA GLY E 49 -0.96 -4.65 30.03
C GLY E 49 -1.07 -6.16 30.04
N LYS E 50 -2.29 -6.69 29.91
CA LYS E 50 -2.52 -8.14 29.89
C LYS E 50 -3.43 -8.64 28.76
N ILE E 51 -3.30 -9.93 28.44
CA ILE E 51 -4.01 -10.57 27.33
C ILE E 51 -5.25 -11.34 27.82
N CYS E 52 -6.42 -10.83 27.48
CA CYS E 52 -7.68 -11.45 27.88
C CYS E 52 -7.79 -12.85 27.28
N ASN E 53 -8.21 -13.80 28.11
CA ASN E 53 -8.38 -15.18 27.67
C ASN E 53 -9.58 -15.41 26.74
N ASN E 54 -10.29 -14.33 26.43
CA ASN E 54 -11.39 -14.35 25.46
C ASN E 54 -11.37 -13.16 24.51
N PRO E 55 -11.95 -13.33 23.31
CA PRO E 55 -12.72 -14.49 22.86
C PRO E 55 -11.87 -15.53 22.15
N HIS E 56 -10.57 -15.28 22.05
CA HIS E 56 -9.69 -16.19 21.33
C HIS E 56 -9.20 -17.26 22.25
N ARG E 57 -8.88 -18.41 21.68
CA ARG E 57 -8.27 -19.51 22.42
C ARG E 57 -6.76 -19.26 22.50
N ILE E 58 -6.33 -18.72 23.63
CA ILE E 58 -4.91 -18.39 23.85
C ILE E 58 -4.19 -19.55 24.53
N LEU E 59 -3.01 -19.90 24.03
CA LEU E 59 -2.17 -20.94 24.66
C LEU E 59 -0.83 -20.35 25.08
N ASP E 60 -0.59 -20.36 26.39
CA ASP E 60 0.63 -19.83 26.95
C ASP E 60 1.70 -20.90 26.89
N GLY E 61 2.67 -20.71 26.01
CA GLY E 61 3.80 -21.65 25.88
C GLY E 61 4.64 -21.79 27.15
N ILE E 62 4.42 -20.91 28.13
CA ILE E 62 5.30 -20.74 29.28
C ILE E 62 6.76 -20.75 28.80
N ASP E 63 7.53 -21.76 29.21
CA ASP E 63 8.95 -21.83 28.85
C ASP E 63 9.25 -22.75 27.65
N CYS E 64 8.22 -23.00 26.85
CA CYS E 64 8.38 -23.78 25.63
C CYS E 64 8.12 -22.94 24.40
N THR E 65 8.94 -23.15 23.39
CA THR E 65 8.71 -22.55 22.08
C THR E 65 7.81 -23.50 21.31
N LEU E 66 7.12 -22.98 20.30
CA LEU E 66 6.26 -23.82 19.46
C LEU E 66 7.04 -24.97 18.85
N ILE E 67 8.27 -24.70 18.41
CA ILE E 67 9.11 -25.72 17.80
C ILE E 67 9.49 -26.81 18.83
N ASP E 68 9.94 -26.41 20.02
CA ASP E 68 10.26 -27.36 21.09
C ASP E 68 9.04 -28.22 21.45
N ALA E 69 7.88 -27.59 21.52
CA ALA E 69 6.62 -28.25 21.85
C ALA E 69 6.22 -29.26 20.77
N LEU E 70 6.45 -28.86 19.53
CA LEU E 70 6.18 -29.69 18.37
C LEU E 70 6.98 -30.98 18.47
N LEU E 71 8.30 -30.83 18.42
CA LEU E 71 9.25 -31.94 18.40
C LEU E 71 9.13 -32.88 19.60
N GLY E 72 8.84 -32.32 20.77
CA GLY E 72 8.63 -33.16 21.95
C GLY E 72 9.75 -33.10 22.97
N ASP E 73 10.33 -31.90 23.14
CA ASP E 73 11.24 -31.59 24.24
C ASP E 73 10.57 -32.02 25.54
N PRO E 74 11.24 -32.86 26.35
CA PRO E 74 10.57 -33.45 27.50
C PRO E 74 9.77 -32.49 28.37
N HIS E 75 10.29 -31.30 28.67
CA HIS E 75 9.55 -30.37 29.54
C HIS E 75 8.35 -29.76 28.86
N CYS E 76 8.25 -29.96 27.55
CA CYS E 76 7.12 -29.50 26.74
C CYS E 76 6.10 -30.61 26.48
N ASP E 77 6.08 -31.62 27.35
CA ASP E 77 5.18 -32.76 27.19
C ASP E 77 3.73 -32.43 27.48
N VAL E 78 3.51 -31.27 28.11
CA VAL E 78 2.18 -30.82 28.46
C VAL E 78 1.42 -30.39 27.20
N PHE E 79 2.16 -30.06 26.15
CA PHE E 79 1.57 -29.49 24.94
C PHE E 79 1.18 -30.51 23.87
N GLN E 80 1.10 -31.78 24.24
CA GLN E 80 0.76 -32.80 23.27
C GLN E 80 -0.67 -32.64 22.78
N ASN E 81 -0.85 -32.71 21.45
CA ASN E 81 -2.16 -32.60 20.79
C ASN E 81 -2.86 -31.26 20.95
N GLU E 82 -2.14 -30.29 21.51
CA GLU E 82 -2.71 -28.98 21.84
C GLU E 82 -3.18 -28.18 20.65
N THR E 83 -3.91 -27.11 20.94
CA THR E 83 -4.68 -26.38 19.96
C THR E 83 -4.73 -24.94 20.41
N TRP E 84 -4.60 -24.00 19.48
CA TRP E 84 -4.64 -22.58 19.84
C TRP E 84 -5.19 -21.76 18.72
N ASP E 85 -5.72 -20.59 19.08
CA ASP E 85 -5.98 -19.53 18.12
C ASP E 85 -4.71 -18.69 18.11
N LEU E 86 -4.20 -18.39 19.30
CA LEU E 86 -2.93 -17.70 19.43
C LEU E 86 -1.99 -18.45 20.35
N PHE E 87 -0.80 -18.76 19.83
CA PHE E 87 0.28 -19.31 20.64
C PHE E 87 1.17 -18.17 21.09
N VAL E 88 1.30 -18.03 22.40
CA VAL E 88 2.10 -16.98 23.00
C VAL E 88 3.44 -17.56 23.42
N GLU E 89 4.51 -17.07 22.78
CA GLU E 89 5.86 -17.45 23.13
C GLU E 89 6.46 -16.47 24.12
N ARG E 90 6.95 -17.00 25.24
CA ARG E 90 7.56 -16.20 26.28
C ARG E 90 9.07 -16.12 26.01
N SER E 91 9.71 -15.07 26.50
CA SER E 91 11.16 -14.94 26.28
C SER E 91 11.96 -15.81 27.23
N LYS E 92 11.37 -16.22 28.35
CA LYS E 92 12.03 -17.14 29.29
C LYS E 92 12.06 -18.60 28.78
N ALA E 93 11.72 -18.80 27.52
CA ALA E 93 11.68 -20.14 26.94
C ALA E 93 13.07 -20.70 26.66
N PHE E 94 13.27 -21.97 27.02
CA PHE E 94 14.53 -22.69 26.79
C PHE E 94 14.33 -24.03 26.07
N SER E 95 15.41 -24.55 25.50
CA SER E 95 15.44 -25.90 24.95
C SER E 95 16.27 -26.77 25.88
N ASN E 96 15.80 -27.98 26.13
CA ASN E 96 16.50 -28.91 27.02
C ASN E 96 16.46 -30.35 26.51
N CYS E 97 16.64 -30.50 25.20
CA CYS E 97 16.78 -31.79 24.58
C CYS E 97 18.08 -31.82 23.79
N TYR E 98 18.22 -32.73 22.83
CA TYR E 98 19.41 -32.80 21.99
C TYR E 98 19.56 -31.48 21.24
N PRO E 99 20.80 -30.96 21.15
CA PRO E 99 21.01 -29.72 20.40
C PRO E 99 20.58 -29.85 18.94
N TYR E 100 19.93 -28.81 18.42
CA TYR E 100 19.38 -28.85 17.07
C TYR E 100 19.37 -27.49 16.36
N ASP E 101 19.21 -27.53 15.04
CA ASP E 101 18.95 -26.36 14.25
C ASP E 101 17.93 -26.70 13.16
N VAL E 102 17.17 -25.70 12.73
CA VAL E 102 16.19 -25.88 11.67
C VAL E 102 16.52 -24.97 10.49
N PRO E 103 17.04 -25.56 9.39
CA PRO E 103 17.08 -24.79 8.14
C PRO E 103 15.67 -24.23 7.90
N ASP E 104 15.58 -22.94 7.57
CA ASP E 104 14.32 -22.18 7.55
C ASP E 104 13.37 -22.40 8.74
N TYR E 105 13.95 -22.30 9.94
CA TYR E 105 13.23 -22.31 11.20
C TYR E 105 11.97 -21.44 11.13
N ALA E 106 12.14 -20.22 10.63
CA ALA E 106 11.08 -19.23 10.55
C ALA E 106 9.84 -19.77 9.83
N SER E 107 10.05 -20.45 8.70
CA SER E 107 8.95 -21.04 7.93
C SER E 107 8.22 -22.14 8.66
N LEU E 108 8.99 -23.03 9.29
CA LEU E 108 8.40 -24.11 10.07
C LEU E 108 7.53 -23.53 11.17
N ARG E 109 8.10 -22.59 11.94
CA ARG E 109 7.40 -21.95 13.05
C ARG E 109 6.09 -21.33 12.59
N SER E 110 6.08 -20.81 11.37
CA SER E 110 4.91 -20.14 10.82
C SER E 110 3.82 -21.13 10.37
N LEU E 111 4.19 -22.13 9.57
CA LEU E 111 3.19 -23.01 8.98
C LEU E 111 2.48 -23.81 10.06
N VAL E 112 3.21 -24.12 11.13
CA VAL E 112 2.65 -24.81 12.29
C VAL E 112 1.77 -23.85 13.11
N ALA E 113 2.24 -22.61 13.26
CA ALA E 113 1.44 -21.56 13.90
C ALA E 113 0.05 -21.50 13.29
N SER E 114 0.01 -21.37 11.95
CA SER E 114 -1.23 -21.31 11.17
C SER E 114 -2.07 -22.58 11.21
N SER E 115 -1.41 -23.73 11.35
CA SER E 115 -2.10 -25.00 11.52
C SER E 115 -2.96 -24.90 12.79
N GLY E 116 -2.38 -24.37 13.86
CA GLY E 116 -3.11 -24.17 15.11
C GLY E 116 -3.41 -25.45 15.86
N THR E 117 -2.69 -26.52 15.54
CA THR E 117 -2.85 -27.84 16.18
C THR E 117 -1.55 -28.62 16.23
N LEU E 118 -1.42 -29.46 17.25
CA LEU E 118 -0.26 -30.31 17.45
C LEU E 118 -0.67 -31.77 17.58
N GLU E 119 -1.84 -32.09 17.03
CA GLU E 119 -2.29 -33.47 16.99
C GLU E 119 -1.26 -34.26 16.21
N PHE E 120 -0.82 -35.36 16.82
CA PHE E 120 0.18 -36.22 16.23
C PHE E 120 -0.37 -37.64 16.11
N ILE E 121 -0.35 -38.18 14.90
CA ILE E 121 -0.85 -39.53 14.67
C ILE E 121 0.33 -40.50 14.54
N THR E 122 0.47 -41.41 15.51
CA THR E 122 1.51 -42.44 15.44
C THR E 122 1.22 -43.49 14.37
N GLU E 123 2.11 -43.58 13.40
CA GLU E 123 2.00 -44.54 12.30
C GLU E 123 3.01 -45.65 12.42
N GLY E 124 2.55 -46.89 12.30
CA GLY E 124 3.42 -48.06 12.41
C GLY E 124 4.39 -48.18 11.26
N PHE E 125 5.48 -47.41 11.35
CA PHE E 125 6.60 -47.52 10.41
C PHE E 125 7.38 -48.77 10.76
N THR E 126 7.92 -49.45 9.74
CA THR E 126 8.75 -50.64 9.97
C THR E 126 10.20 -50.38 9.58
N TRP E 127 11.09 -50.43 10.58
CA TRP E 127 12.52 -50.19 10.37
C TRP E 127 13.26 -51.48 10.48
N THR E 128 13.69 -52.02 9.34
CA THR E 128 14.34 -53.33 9.30
C THR E 128 15.85 -53.27 9.54
N GLY E 129 16.30 -54.05 10.53
CA GLY E 129 17.72 -54.22 10.80
C GLY E 129 18.43 -53.02 11.41
N VAL E 130 17.70 -52.22 12.18
CA VAL E 130 18.27 -51.07 12.89
C VAL E 130 17.69 -50.92 14.30
N THR E 131 18.49 -50.46 15.25
CA THR E 131 18.03 -50.22 16.63
C THR E 131 17.24 -48.91 16.73
N GLN E 132 16.10 -48.95 17.41
CA GLN E 132 15.23 -47.78 17.56
C GLN E 132 15.30 -47.17 18.96
N ASN E 133 14.66 -46.01 19.11
CA ASN E 133 14.44 -45.36 20.39
C ASN E 133 15.72 -44.91 21.08
N GLY E 134 16.67 -44.45 20.28
CA GLY E 134 17.93 -43.93 20.78
C GLY E 134 17.71 -42.72 21.65
N GLY E 135 18.35 -42.70 22.82
CA GLY E 135 18.26 -41.59 23.76
C GLY E 135 19.58 -40.87 24.01
N SER E 136 19.54 -39.84 24.86
CA SER E 136 20.72 -39.03 25.18
C SER E 136 20.56 -38.35 26.54
N ASN E 137 21.66 -38.17 27.27
CA ASN E 137 21.63 -37.47 28.55
C ASN E 137 21.32 -35.97 28.44
N ALA E 138 21.50 -35.41 27.25
CA ALA E 138 21.17 -34.01 27.01
C ALA E 138 19.68 -33.78 26.88
N CYS E 139 18.89 -34.81 27.19
CA CYS E 139 17.44 -34.79 26.98
C CYS E 139 16.76 -35.76 27.93
N LYS E 140 16.82 -35.46 29.24
CA LYS E 140 16.34 -36.36 30.29
C LYS E 140 14.81 -36.48 30.35
N ARG E 141 14.33 -37.73 30.38
CA ARG E 141 12.91 -38.03 30.54
C ARG E 141 12.65 -38.67 31.90
N GLY E 142 12.42 -37.82 32.91
CA GLY E 142 12.25 -38.32 34.28
C GLY E 142 13.55 -38.92 34.79
N PRO E 143 13.48 -40.19 35.27
CA PRO E 143 14.67 -40.84 35.86
C PRO E 143 15.82 -40.98 34.86
N SER E 144 15.68 -41.87 33.88
CA SER E 144 16.70 -42.10 32.86
C SER E 144 16.69 -41.00 31.81
N SER E 145 17.47 -41.20 30.76
CA SER E 145 17.57 -40.23 29.66
C SER E 145 16.58 -40.57 28.54
N GLY E 146 16.56 -39.74 27.49
CA GLY E 146 15.61 -39.95 26.38
C GLY E 146 15.86 -39.07 25.15
N PHE E 147 14.77 -38.69 24.49
CA PHE E 147 14.82 -37.93 23.22
C PHE E 147 13.52 -37.16 22.99
N PHE E 148 13.43 -36.43 21.87
CA PHE E 148 12.17 -35.84 21.44
C PHE E 148 11.09 -36.92 21.34
N SER E 149 9.88 -36.60 21.75
CA SER E 149 8.81 -37.61 21.77
C SER E 149 8.30 -37.95 20.36
N ARG E 150 8.34 -36.98 19.46
CA ARG E 150 7.82 -37.14 18.11
C ARG E 150 8.90 -37.62 17.11
N LEU E 151 10.00 -38.15 17.64
CA LEU E 151 11.15 -38.57 16.82
C LEU E 151 11.80 -39.88 17.29
N ASN E 152 12.22 -40.69 16.31
CA ASN E 152 12.83 -41.98 16.55
C ASN E 152 14.29 -41.99 16.10
N TRP E 153 15.20 -42.19 17.06
CA TRP E 153 16.63 -42.17 16.77
C TRP E 153 17.17 -43.54 16.45
N LEU E 154 17.56 -43.70 15.18
CA LEU E 154 17.98 -44.99 14.63
C LEU E 154 19.49 -45.20 14.65
N THR E 155 19.93 -46.21 15.42
CA THR E 155 21.31 -46.69 15.41
C THR E 155 21.35 -48.05 14.66
N LYS E 156 22.50 -48.74 14.68
CA LYS E 156 22.64 -49.97 13.90
C LYS E 156 22.34 -51.23 14.72
N SER E 157 22.13 -52.35 14.03
CA SER E 157 21.83 -53.65 14.67
C SER E 157 23.05 -54.56 14.66
N GLY E 158 23.45 -55.03 15.85
CA GLY E 158 24.66 -55.83 16.00
C GLY E 158 25.86 -55.00 15.57
N SER E 159 26.12 -55.00 14.26
CA SER E 159 27.12 -54.13 13.63
C SER E 159 26.80 -53.88 12.15
N THR E 160 25.51 -53.82 11.83
CA THR E 160 25.05 -53.61 10.45
C THR E 160 23.89 -52.60 10.37
N TYR E 161 23.97 -51.69 9.40
CA TYR E 161 22.95 -50.67 9.18
C TYR E 161 22.56 -50.69 7.69
N PRO E 162 21.55 -51.51 7.34
CA PRO E 162 21.12 -51.71 5.94
C PRO E 162 20.58 -50.44 5.30
N VAL E 163 20.38 -50.46 3.98
CA VAL E 163 19.79 -49.32 3.28
C VAL E 163 18.27 -49.27 3.53
N LEU E 164 17.85 -48.30 4.34
CA LEU E 164 16.46 -48.18 4.77
C LEU E 164 15.56 -47.73 3.63
N ASN E 165 14.55 -48.54 3.31
CA ASN E 165 13.62 -48.24 2.22
C ASN E 165 12.18 -48.49 2.69
N VAL E 166 11.48 -47.41 3.04
CA VAL E 166 10.12 -47.48 3.58
C VAL E 166 9.16 -46.50 2.90
N THR E 167 7.88 -46.86 2.88
CA THR E 167 6.83 -45.98 2.35
C THR E 167 5.68 -45.80 3.32
N MET E 168 4.97 -44.69 3.17
CA MET E 168 3.78 -44.41 3.96
C MET E 168 2.80 -43.59 3.11
N PRO E 169 1.98 -44.28 2.30
CA PRO E 169 1.07 -43.59 1.37
C PRO E 169 -0.10 -42.93 2.10
N ASN E 170 -0.37 -41.67 1.77
CA ASN E 170 -1.48 -40.94 2.36
C ASN E 170 -2.82 -41.39 1.78
N ASN E 171 -3.47 -42.30 2.48
CA ASN E 171 -4.75 -42.86 2.06
C ASN E 171 -5.94 -42.13 2.68
N ASP E 172 -5.65 -40.98 3.28
CA ASP E 172 -6.68 -40.15 3.91
C ASP E 172 -7.01 -38.99 2.99
N ASN E 173 -7.89 -38.11 3.45
CA ASN E 173 -8.32 -36.95 2.66
C ASN E 173 -7.77 -35.61 3.18
N PHE E 174 -6.93 -35.67 4.20
CA PHE E 174 -6.28 -34.48 4.74
C PHE E 174 -4.78 -34.49 4.46
N ASP E 175 -4.15 -33.34 4.61
CA ASP E 175 -2.71 -33.22 4.43
C ASP E 175 -1.97 -33.74 5.65
N LYS E 176 -0.84 -34.41 5.41
CA LYS E 176 0.01 -34.93 6.48
C LYS E 176 1.28 -34.08 6.65
N LEU E 177 1.67 -33.80 7.90
CA LEU E 177 2.92 -33.11 8.16
C LEU E 177 3.94 -34.00 8.88
N TYR E 178 4.96 -34.39 8.14
CA TYR E 178 6.04 -35.21 8.69
C TYR E 178 7.24 -34.38 9.09
N ILE E 179 7.67 -34.54 10.34
CA ILE E 179 8.84 -33.87 10.88
C ILE E 179 9.88 -34.93 11.17
N TRP E 180 11.03 -34.79 10.51
CA TRP E 180 12.11 -35.77 10.55
C TRP E 180 13.43 -35.08 10.57
N GLY E 181 14.48 -35.81 10.94
CA GLY E 181 15.81 -35.23 11.12
C GLY E 181 16.97 -35.95 10.47
N VAL E 182 18.16 -35.37 10.64
CA VAL E 182 19.42 -35.88 10.12
C VAL E 182 20.51 -35.60 11.16
N HIS E 183 21.26 -36.62 11.52
CA HIS E 183 22.29 -36.46 12.54
C HIS E 183 23.62 -36.05 11.98
N HIS E 184 24.25 -35.07 12.64
CA HIS E 184 25.60 -34.64 12.32
C HIS E 184 26.50 -34.93 13.48
N PRO E 185 27.25 -36.04 13.41
CA PRO E 185 28.17 -36.43 14.50
C PRO E 185 29.41 -35.52 14.58
N SER E 186 29.99 -35.45 15.78
CA SER E 186 31.20 -34.66 16.04
C SER E 186 32.42 -35.26 15.34
N THR E 187 32.64 -36.56 15.54
CA THR E 187 33.83 -37.25 15.07
C THR E 187 33.48 -38.44 14.15
N ASN E 188 34.41 -38.81 13.26
CA ASN E 188 34.27 -40.02 12.42
C ASN E 188 34.21 -41.27 13.29
N GLN E 189 34.79 -41.16 14.48
CA GLN E 189 34.75 -42.18 15.53
C GLN E 189 33.31 -42.43 16.01
N GLU E 190 32.56 -41.35 16.18
CA GLU E 190 31.15 -41.40 16.57
C GLU E 190 30.29 -41.88 15.40
N GLN E 191 30.49 -41.27 14.24
CA GLN E 191 29.75 -41.58 13.01
C GLN E 191 29.60 -43.08 12.75
N THR E 192 30.71 -43.81 12.81
CA THR E 192 30.72 -45.24 12.51
C THR E 192 30.15 -46.09 13.64
N SER E 193 30.38 -45.68 14.89
CA SER E 193 29.89 -46.39 16.06
C SER E 193 28.37 -46.51 16.12
N LEU E 194 27.68 -45.57 15.46
CA LEU E 194 26.23 -45.55 15.44
C LEU E 194 25.66 -46.04 14.11
N TYR E 195 26.33 -45.71 13.02
CA TYR E 195 25.75 -45.88 11.70
C TYR E 195 26.53 -46.78 10.74
N VAL E 196 27.69 -47.27 11.18
CA VAL E 196 28.59 -48.10 10.37
C VAL E 196 29.21 -47.30 9.21
N GLN E 197 28.47 -47.15 8.11
CA GLN E 197 28.93 -46.42 6.93
C GLN E 197 29.36 -44.98 7.29
N ALA E 198 30.65 -44.70 7.16
CA ALA E 198 31.23 -43.40 7.57
C ALA E 198 30.65 -42.18 6.85
N SER E 199 29.86 -42.45 5.81
CA SER E 199 29.15 -41.39 5.08
C SER E 199 27.68 -41.76 4.88
N GLY E 200 26.83 -41.26 5.78
CA GLY E 200 25.38 -41.48 5.71
C GLY E 200 24.71 -40.65 4.64
N ARG E 201 23.39 -40.79 4.53
CA ARG E 201 22.59 -40.06 3.53
C ARG E 201 21.09 -40.29 3.79
N VAL E 202 20.31 -39.21 3.76
CA VAL E 202 18.87 -39.29 3.98
C VAL E 202 18.12 -38.63 2.81
N THR E 203 17.26 -39.41 2.15
CA THR E 203 16.35 -38.88 1.13
C THR E 203 14.90 -39.08 1.57
N VAL E 204 14.13 -38.00 1.52
CA VAL E 204 12.70 -38.02 1.81
C VAL E 204 11.99 -37.33 0.64
N SER E 205 10.96 -37.99 0.13
CA SER E 205 10.34 -37.58 -1.13
C SER E 205 8.88 -37.98 -1.25
N THR E 206 8.12 -37.20 -2.01
CA THR E 206 6.78 -37.57 -2.43
C THR E 206 6.88 -37.98 -3.90
N ARG E 207 5.77 -37.95 -4.64
CA ARG E 207 5.86 -38.10 -6.09
C ARG E 207 6.13 -36.78 -6.79
N ARG E 208 5.81 -35.67 -6.13
CA ARG E 208 5.98 -34.34 -6.73
C ARG E 208 7.40 -33.80 -6.56
N SER E 209 7.95 -33.88 -5.35
CA SER E 209 9.29 -33.36 -5.09
C SER E 209 10.08 -34.22 -4.11
N GLN E 210 11.29 -33.76 -3.78
CA GLN E 210 12.26 -34.54 -3.05
C GLN E 210 13.25 -33.63 -2.34
N GLN E 211 14.10 -34.25 -1.51
CA GLN E 211 15.23 -33.59 -0.87
C GLN E 211 16.12 -34.62 -0.22
N THR E 212 17.40 -34.59 -0.59
CA THR E 212 18.41 -35.43 0.06
C THR E 212 19.29 -34.56 0.95
N ILE E 213 19.52 -35.00 2.18
CA ILE E 213 20.46 -34.31 3.04
C ILE E 213 21.65 -35.20 3.36
N ILE E 214 22.83 -34.73 2.95
CA ILE E 214 24.08 -35.39 3.31
C ILE E 214 24.59 -34.81 4.65
N PRO E 215 24.93 -35.70 5.60
CA PRO E 215 25.38 -35.28 6.92
C PRO E 215 26.79 -34.71 6.85
N ASN E 216 27.15 -33.87 7.82
CA ASN E 216 28.46 -33.23 7.84
C ASN E 216 29.14 -33.35 9.20
N ILE E 217 30.17 -34.19 9.25
CA ILE E 217 30.90 -34.48 10.47
C ILE E 217 31.78 -33.29 10.86
N GLY E 218 31.96 -33.10 12.16
CA GLY E 218 32.76 -31.99 12.68
C GLY E 218 32.25 -31.48 14.00
N SER E 219 33.09 -30.67 14.66
CA SER E 219 32.74 -30.07 15.94
C SER E 219 31.86 -28.84 15.78
N ARG E 220 30.90 -28.70 16.70
CA ARG E 220 30.18 -27.46 16.93
C ARG E 220 30.47 -27.09 18.39
N PRO E 221 30.04 -25.89 18.83
CA PRO E 221 30.29 -25.56 20.23
C PRO E 221 29.43 -26.37 21.19
N TRP E 222 29.95 -26.55 22.42
CA TRP E 222 29.25 -27.23 23.51
C TRP E 222 27.89 -26.66 23.78
N VAL E 223 26.85 -27.39 23.38
CA VAL E 223 25.47 -27.13 23.77
C VAL E 223 24.95 -28.36 24.48
N ARG E 224 24.66 -28.21 25.77
CA ARG E 224 24.34 -29.33 26.69
C ARG E 224 25.38 -30.45 26.62
N GLY E 225 26.65 -30.07 26.76
CA GLY E 225 27.77 -31.02 26.81
C GLY E 225 28.07 -31.78 25.53
N LEU E 226 27.53 -31.32 24.41
CA LEU E 226 27.64 -32.03 23.13
C LEU E 226 28.15 -31.16 21.98
N SER E 227 28.86 -31.79 21.06
CA SER E 227 29.34 -31.13 19.84
C SER E 227 28.50 -31.53 18.64
N SER E 228 27.73 -32.62 18.77
CA SER E 228 26.89 -33.10 17.68
C SER E 228 25.63 -32.24 17.53
N ARG E 229 24.99 -32.33 16.36
CA ARG E 229 23.74 -31.61 16.10
C ARG E 229 22.74 -32.49 15.38
N ILE E 230 21.47 -32.10 15.44
CA ILE E 230 20.45 -32.71 14.59
C ILE E 230 19.76 -31.59 13.81
N SER E 231 19.77 -31.72 12.48
CA SER E 231 19.05 -30.80 11.62
C SER E 231 17.62 -31.29 11.41
N ILE E 232 16.66 -30.37 11.50
CA ILE E 232 15.26 -30.72 11.39
C ILE E 232 14.68 -30.29 10.05
N TYR E 233 13.93 -31.20 9.43
CA TYR E 233 13.29 -30.94 8.15
C TYR E 233 11.82 -31.36 8.18
N TRP E 234 11.05 -30.87 7.21
CA TRP E 234 9.61 -31.16 7.10
C TRP E 234 9.19 -31.50 5.71
N THR E 235 8.22 -32.42 5.60
CA THR E 235 7.62 -32.77 4.31
C THR E 235 6.11 -32.95 4.48
N ILE E 236 5.36 -32.20 3.69
CA ILE E 236 3.91 -32.32 3.66
C ILE E 236 3.51 -33.31 2.56
N VAL E 237 2.55 -34.19 2.88
CA VAL E 237 2.09 -35.22 1.94
C VAL E 237 0.60 -35.06 1.62
N LYS E 238 0.29 -34.69 0.38
CA LYS E 238 -1.09 -34.51 -0.09
C LYS E 238 -1.87 -35.83 -0.15
N PRO E 239 -3.20 -35.78 0.00
CA PRO E 239 -4.05 -36.97 -0.11
C PRO E 239 -3.82 -37.71 -1.43
N GLY E 240 -3.44 -38.98 -1.34
CA GLY E 240 -3.16 -39.79 -2.52
C GLY E 240 -1.68 -40.02 -2.72
N ASP E 241 -0.87 -39.01 -2.41
CA ASP E 241 0.59 -39.08 -2.57
C ASP E 241 1.20 -40.12 -1.62
N VAL E 242 2.49 -40.38 -1.79
CA VAL E 242 3.22 -41.34 -0.97
C VAL E 242 4.48 -40.69 -0.40
N LEU E 243 4.78 -41.01 0.86
CA LEU E 243 6.04 -40.60 1.47
C LEU E 243 7.03 -41.76 1.39
N VAL E 244 8.18 -41.52 0.75
CA VAL E 244 9.28 -42.51 0.72
C VAL E 244 10.47 -41.97 1.51
N ILE E 245 11.10 -42.87 2.27
CA ILE E 245 12.27 -42.55 3.08
C ILE E 245 13.40 -43.55 2.81
N ASN E 246 14.51 -43.03 2.30
CA ASN E 246 15.74 -43.80 2.08
C ASN E 246 16.85 -43.34 3.01
N SER E 247 17.67 -44.28 3.48
CA SER E 247 18.85 -43.92 4.26
C SER E 247 19.83 -45.06 4.50
N ASN E 248 21.11 -44.78 4.26
CA ASN E 248 22.21 -45.66 4.61
C ASN E 248 22.92 -45.17 5.88
N GLY E 249 22.21 -44.35 6.67
CA GLY E 249 22.71 -43.85 7.95
C GLY E 249 22.24 -42.45 8.30
N ASN E 250 22.38 -42.11 9.58
CA ASN E 250 22.14 -40.75 10.11
C ASN E 250 20.69 -40.24 10.03
N LEU E 251 19.73 -41.17 10.08
CA LEU E 251 18.31 -40.84 9.92
C LEU E 251 17.63 -40.72 11.28
N ILE E 252 17.03 -39.56 11.52
CA ILE E 252 16.16 -39.35 12.69
C ILE E 252 14.73 -39.53 12.22
N ALA E 253 14.22 -40.74 12.44
CA ALA E 253 12.92 -41.17 11.96
C ALA E 253 11.74 -40.40 12.55
N PRO E 254 10.70 -40.12 11.73
CA PRO E 254 9.43 -39.62 12.26
C PRO E 254 8.59 -40.78 12.81
N ARG E 255 7.90 -40.55 13.94
CA ARG E 255 7.04 -41.57 14.54
C ARG E 255 5.65 -41.62 13.90
N GLY E 256 5.37 -40.60 13.09
CA GLY E 256 4.07 -40.39 12.45
C GLY E 256 3.95 -38.96 11.94
N TYR E 257 2.73 -38.46 11.83
CA TYR E 257 2.51 -37.13 11.26
C TYR E 257 1.66 -36.24 12.15
N PHE E 258 1.70 -34.95 11.84
CA PHE E 258 0.85 -33.95 12.45
C PHE E 258 -0.29 -33.62 11.51
N LYS E 259 -1.46 -33.33 12.07
CA LYS E 259 -2.58 -32.92 11.25
C LYS E 259 -2.44 -31.44 10.88
N MET E 260 -3.14 -31.05 9.83
CA MET E 260 -3.08 -29.67 9.35
C MET E 260 -4.47 -29.06 9.33
N ARG E 261 -4.56 -27.80 9.74
CA ARG E 261 -5.82 -27.06 9.70
C ARG E 261 -5.56 -25.68 9.09
N THR E 262 -6.38 -25.31 8.11
CA THR E 262 -6.37 -23.95 7.57
C THR E 262 -7.30 -23.15 8.47
N GLY E 263 -6.72 -22.35 9.34
CA GLY E 263 -7.52 -21.63 10.31
C GLY E 263 -7.14 -20.17 10.45
N LYS E 264 -7.67 -19.57 11.49
CA LYS E 264 -7.36 -18.20 11.82
C LYS E 264 -6.24 -18.16 12.89
N SER E 265 -5.61 -19.30 13.13
CA SER E 265 -4.62 -19.39 14.22
C SER E 265 -3.26 -18.80 13.86
N SER E 266 -2.54 -18.35 14.88
CA SER E 266 -1.24 -17.70 14.72
C SER E 266 -0.41 -17.74 16.01
N ILE E 267 0.74 -17.06 15.99
CA ILE E 267 1.70 -17.07 17.10
C ILE E 267 2.16 -15.66 17.38
N MET E 268 2.63 -15.41 18.60
CA MET E 268 3.06 -14.07 19.02
C MET E 268 4.04 -14.09 20.18
N ARG E 269 5.12 -13.33 20.05
CA ARG E 269 6.09 -13.21 21.12
C ARG E 269 5.59 -12.14 22.08
N SER E 270 5.43 -12.49 23.35
CA SER E 270 5.04 -11.52 24.38
C SER E 270 5.18 -12.06 25.79
N ASP E 271 5.46 -11.16 26.73
CA ASP E 271 5.58 -11.52 28.14
C ASP E 271 4.44 -10.96 28.98
N ALA E 272 3.38 -10.48 28.34
CA ALA E 272 2.22 -9.95 29.04
C ALA E 272 1.49 -11.09 29.76
N PRO E 273 1.09 -10.87 31.03
CA PRO E 273 0.30 -11.89 31.74
C PRO E 273 -1.02 -12.13 31.02
N ILE E 274 -1.69 -13.22 31.38
CA ILE E 274 -2.95 -13.54 30.75
C ILE E 274 -4.05 -13.39 31.78
N ASP E 275 -5.16 -12.80 31.38
CA ASP E 275 -6.21 -12.45 32.32
C ASP E 275 -7.57 -13.03 31.94
N THR E 276 -8.51 -12.93 32.88
CA THR E 276 -9.89 -13.29 32.62
C THR E 276 -10.69 -12.05 32.21
N CYS E 277 -10.84 -11.88 30.90
CA CYS E 277 -11.66 -10.81 30.33
C CYS E 277 -11.92 -11.12 28.87
N ILE E 278 -12.69 -10.26 28.22
CA ILE E 278 -12.97 -10.40 26.79
C ILE E 278 -12.44 -9.18 26.04
N SER E 279 -11.43 -9.39 25.22
CA SER E 279 -10.96 -8.34 24.32
C SER E 279 -10.60 -8.94 22.97
N GLU E 280 -11.39 -8.56 21.96
CA GLU E 280 -11.22 -9.08 20.60
C GLU E 280 -9.82 -8.84 20.02
N CYS E 281 -9.21 -7.70 20.36
CA CYS E 281 -7.95 -7.33 19.75
C CYS E 281 -6.79 -7.52 20.73
N ILE E 282 -5.77 -8.23 20.26
CA ILE E 282 -4.61 -8.57 21.07
C ILE E 282 -3.36 -7.93 20.46
N THR E 283 -2.47 -7.49 21.34
CA THR E 283 -1.20 -6.91 20.95
C THR E 283 -0.13 -7.41 21.93
N PRO E 284 1.15 -7.46 21.53
CA PRO E 284 2.15 -7.98 22.46
C PRO E 284 2.22 -7.21 23.79
N ASN E 285 1.75 -5.97 23.79
CA ASN E 285 1.68 -5.13 24.99
C ASN E 285 0.51 -5.53 25.91
N GLY E 286 -0.40 -6.34 25.38
CA GLY E 286 -1.63 -6.73 26.08
C GLY E 286 -2.78 -6.55 25.12
N SER E 287 -3.99 -6.91 25.53
CA SER E 287 -5.18 -6.67 24.73
C SER E 287 -5.52 -5.18 24.69
N ILE E 288 -6.07 -4.71 23.58
CA ILE E 288 -6.51 -3.31 23.43
C ILE E 288 -7.93 -3.25 22.89
N PRO E 289 -8.69 -2.19 23.26
CA PRO E 289 -10.04 -2.08 22.71
C PRO E 289 -9.99 -1.66 21.26
N ASN E 290 -11.03 -1.99 20.50
CA ASN E 290 -11.06 -1.62 19.08
C ASN E 290 -12.12 -0.58 18.73
N ASP E 291 -12.57 0.18 19.74
CA ASP E 291 -13.58 1.21 19.53
C ASP E 291 -13.05 2.37 18.68
N LYS E 292 -11.74 2.41 18.48
CA LYS E 292 -11.12 3.41 17.63
C LYS E 292 -10.64 2.79 16.31
N PRO E 293 -10.67 3.58 15.23
CA PRO E 293 -10.24 3.05 13.92
C PRO E 293 -8.72 2.92 13.80
N PHE E 294 -8.00 3.70 14.60
CA PHE E 294 -6.53 3.69 14.56
C PHE E 294 -5.88 3.40 15.90
N GLN E 295 -4.65 2.90 15.85
CA GLN E 295 -3.93 2.49 17.04
C GLN E 295 -2.43 2.75 16.90
N ASN E 296 -1.81 3.07 18.02
CA ASN E 296 -0.39 3.42 18.08
C ASN E 296 0.41 2.51 19.01
N VAL E 297 -0.25 1.46 19.50
CA VAL E 297 0.35 0.58 20.51
C VAL E 297 1.44 -0.29 19.88
N ASN E 298 1.10 -1.05 18.84
CA ASN E 298 2.05 -1.96 18.22
C ASN E 298 1.58 -2.38 16.85
N LYS E 299 2.50 -2.49 15.91
CA LYS E 299 2.18 -2.94 14.56
C LYS E 299 1.77 -4.41 14.53
N ILE E 300 2.32 -5.20 15.46
CA ILE E 300 1.97 -6.61 15.63
C ILE E 300 0.65 -6.75 16.40
N THR E 301 -0.37 -7.30 15.73
CA THR E 301 -1.68 -7.48 16.35
C THR E 301 -2.32 -8.83 15.99
N TYR E 302 -3.34 -9.21 16.74
CA TYR E 302 -4.14 -10.37 16.40
C TYR E 302 -5.60 -10.12 16.76
N GLY E 303 -6.50 -10.50 15.86
CA GLY E 303 -7.94 -10.27 16.05
C GLY E 303 -8.47 -9.08 15.26
N ALA E 304 -9.72 -8.71 15.49
CA ALA E 304 -10.30 -7.53 14.85
C ALA E 304 -9.75 -6.24 15.47
N CYS E 305 -8.68 -5.72 14.88
CA CYS E 305 -7.92 -4.63 15.46
C CYS E 305 -8.04 -3.30 14.69
N PRO E 306 -7.74 -2.17 15.38
CA PRO E 306 -7.61 -0.91 14.66
C PRO E 306 -6.34 -0.90 13.81
N LYS E 307 -6.28 -0.02 12.82
CA LYS E 307 -5.10 0.04 11.97
C LYS E 307 -3.92 0.65 12.72
N TYR E 308 -2.76 0.01 12.63
CA TYR E 308 -1.58 0.64 13.20
C TYR E 308 -1.20 1.86 12.39
N VAL E 309 -0.91 2.94 13.11
CA VAL E 309 -0.64 4.24 12.51
C VAL E 309 0.47 4.91 13.30
N LYS E 310 1.27 5.74 12.63
CA LYS E 310 2.43 6.39 13.26
C LYS E 310 2.11 7.44 14.32
N GLN E 311 0.96 8.10 14.19
CA GLN E 311 0.53 9.15 15.13
C GLN E 311 0.08 8.60 16.47
N ASN E 312 0.43 9.30 17.54
CA ASN E 312 -0.04 8.92 18.89
C ASN E 312 -1.43 9.49 19.19
N THR E 313 -1.81 10.51 18.44
CA THR E 313 -3.08 11.21 18.64
C THR E 313 -3.63 11.74 17.33
N LEU E 314 -4.97 11.78 17.24
CA LEU E 314 -5.67 12.21 16.05
C LEU E 314 -7.10 12.57 16.43
N LYS E 315 -7.30 13.83 16.83
CA LYS E 315 -8.59 14.29 17.33
C LYS E 315 -9.55 14.51 16.17
N LEU E 316 -10.77 13.98 16.30
CA LEU E 316 -11.84 14.21 15.33
C LEU E 316 -12.93 15.08 15.96
N ALA E 317 -13.07 16.30 15.45
CA ALA E 317 -14.03 17.28 15.97
C ALA E 317 -15.45 16.72 16.04
N THR E 318 -16.08 16.88 17.20
CA THR E 318 -17.47 16.46 17.42
C THR E 318 -18.32 17.66 17.79
N GLY E 319 -17.90 18.84 17.33
CA GLY E 319 -18.63 20.07 17.59
C GLY E 319 -18.17 21.21 16.70
N MET E 320 -18.92 22.31 16.74
CA MET E 320 -18.62 23.50 15.95
C MET E 320 -17.32 24.17 16.34
N ARG E 321 -16.92 25.17 15.57
CA ARG E 321 -15.80 26.01 15.93
C ARG E 321 -16.14 26.70 17.26
N ASN E 322 -15.14 26.84 18.12
CA ASN E 322 -15.31 27.54 19.37
C ASN E 322 -14.89 29.01 19.27
N VAL E 323 -15.83 29.91 19.52
CA VAL E 323 -15.54 31.34 19.56
C VAL E 323 -16.04 31.89 20.89
N PRO E 324 -15.12 32.20 21.81
CA PRO E 324 -15.49 32.58 23.17
C PRO E 324 -15.66 34.09 23.35
N GLU E 325 -16.29 34.46 24.47
CA GLU E 325 -16.49 35.86 24.85
C GLU E 325 -15.16 36.50 25.28
N GLY F 1 -15.28 29.17 8.45
CA GLY F 1 -16.39 28.42 7.83
C GLY F 1 -16.91 29.07 6.57
N LEU F 2 -17.33 28.24 5.61
CA LEU F 2 -17.73 28.71 4.29
C LEU F 2 -18.95 29.63 4.27
N PHE F 3 -19.72 29.61 5.36
CA PHE F 3 -20.96 30.37 5.41
C PHE F 3 -20.85 31.68 6.18
N GLY F 4 -19.74 31.86 6.88
CA GLY F 4 -19.42 33.12 7.57
C GLY F 4 -20.36 33.49 8.69
N ALA F 5 -20.93 32.49 9.36
CA ALA F 5 -21.84 32.74 10.45
C ALA F 5 -21.09 32.62 11.78
N ILE F 6 -20.74 31.39 12.14
CA ILE F 6 -19.90 31.15 13.30
C ILE F 6 -18.51 31.66 12.99
N ALA F 7 -17.99 32.54 13.86
CA ALA F 7 -16.73 33.25 13.61
C ALA F 7 -16.84 34.18 12.40
N GLY F 8 -18.06 34.46 11.97
CA GLY F 8 -18.34 35.38 10.88
C GLY F 8 -19.13 36.56 11.39
N PHE F 9 -20.33 36.77 10.81
CA PHE F 9 -21.18 37.89 11.22
C PHE F 9 -21.77 37.77 12.63
N ILE F 10 -21.53 36.63 13.27
CA ILE F 10 -21.82 36.45 14.69
C ILE F 10 -20.46 36.46 15.39
N GLU F 11 -20.15 37.56 16.07
CA GLU F 11 -18.78 37.80 16.55
C GLU F 11 -18.28 36.82 17.62
N ASN F 12 -19.20 36.34 18.47
CA ASN F 12 -18.88 35.28 19.42
C ASN F 12 -20.05 34.34 19.76
N GLY F 13 -19.70 33.19 20.34
CA GLY F 13 -20.69 32.25 20.84
C GLY F 13 -21.17 32.63 22.23
N TRP F 14 -21.91 31.72 22.86
CA TRP F 14 -22.50 31.98 24.16
C TRP F 14 -22.18 30.87 25.13
N GLU F 15 -21.22 31.13 26.01
CA GLU F 15 -20.82 30.17 27.04
C GLU F 15 -21.96 29.87 28.02
N GLY F 16 -22.94 30.75 28.07
CA GLY F 16 -24.13 30.57 28.89
C GLY F 16 -25.04 29.47 28.37
N MET F 17 -25.15 29.36 27.04
CA MET F 17 -26.08 28.41 26.43
C MET F 17 -25.69 26.95 26.67
N ILE F 18 -26.22 26.39 27.75
CA ILE F 18 -25.98 24.99 28.12
C ILE F 18 -27.00 24.07 27.45
N ASP F 19 -28.24 24.56 27.33
CA ASP F 19 -29.38 23.76 26.89
C ASP F 19 -29.34 23.27 25.43
N GLY F 20 -28.43 23.82 24.62
CA GLY F 20 -28.31 23.42 23.21
C GLY F 20 -27.22 24.14 22.45
N TRP F 21 -27.17 23.89 21.15
CA TRP F 21 -26.07 24.35 20.28
C TRP F 21 -26.33 25.68 19.62
N TYR F 22 -27.57 25.88 19.18
CA TYR F 22 -28.00 27.12 18.57
C TYR F 22 -29.18 27.67 19.37
N GLY F 23 -29.47 28.96 19.23
CA GLY F 23 -30.60 29.53 19.95
C GLY F 23 -30.83 31.02 19.83
N PHE F 24 -31.58 31.54 20.80
CA PHE F 24 -32.06 32.91 20.76
C PHE F 24 -31.83 33.64 22.09
N ARG F 25 -31.16 34.80 22.01
CA ARG F 25 -31.13 35.77 23.10
C ARG F 25 -32.00 36.95 22.68
N HIS F 26 -33.04 37.24 23.46
CA HIS F 26 -33.92 38.36 23.12
C HIS F 26 -34.00 39.47 24.11
N GLN F 27 -34.56 40.60 23.66
CA GLN F 27 -34.72 41.80 24.46
C GLN F 27 -35.99 42.51 23.99
N ASN F 28 -37.05 42.39 24.76
CA ASN F 28 -38.30 43.09 24.44
C ASN F 28 -38.68 44.11 25.50
N SER F 29 -39.89 44.64 25.38
CA SER F 29 -40.43 45.56 26.37
C SER F 29 -40.59 44.88 27.72
N GLU F 30 -41.13 43.67 27.72
CA GLU F 30 -41.41 42.94 28.96
C GLU F 30 -40.20 42.23 29.57
N GLY F 31 -39.02 42.37 28.96
CA GLY F 31 -37.78 41.89 29.58
C GLY F 31 -36.75 41.20 28.71
N THR F 32 -36.31 40.02 29.15
CA THR F 32 -35.21 39.28 28.53
C THR F 32 -35.47 37.78 28.49
N GLY F 33 -35.11 37.18 27.37
CA GLY F 33 -35.24 35.73 27.19
C GLY F 33 -33.98 35.11 26.62
N GLN F 34 -33.98 33.78 26.59
CA GLN F 34 -32.84 33.00 26.16
C GLN F 34 -33.29 31.55 26.08
N ALA F 35 -33.35 31.02 24.86
CA ALA F 35 -33.67 29.61 24.68
C ALA F 35 -32.81 29.03 23.57
N ALA F 36 -32.68 27.71 23.57
CA ALA F 36 -31.95 26.98 22.54
C ALA F 36 -32.92 26.32 21.55
N ASP F 37 -32.58 26.35 20.26
CA ASP F 37 -33.41 25.77 19.23
C ASP F 37 -33.08 24.29 19.09
N LEU F 38 -34.09 23.43 19.26
CA LEU F 38 -33.89 21.99 19.18
C LEU F 38 -33.64 21.47 17.75
N LYS F 39 -34.50 21.84 16.81
CA LYS F 39 -34.44 21.30 15.45
C LYS F 39 -33.09 21.47 14.76
N SER F 40 -32.52 22.67 14.84
CA SER F 40 -31.20 22.93 14.23
C SER F 40 -30.08 22.25 15.00
N THR F 41 -30.18 22.20 16.33
CA THR F 41 -29.21 21.49 17.16
C THR F 41 -29.21 20.00 16.85
N GLN F 42 -30.40 19.42 16.72
CA GLN F 42 -30.55 18.01 16.40
C GLN F 42 -29.92 17.69 15.03
N ALA F 43 -30.29 18.46 14.01
CA ALA F 43 -29.70 18.32 12.67
C ALA F 43 -28.17 18.28 12.77
N ALA F 44 -27.61 19.22 13.51
CA ALA F 44 -26.18 19.31 13.69
C ALA F 44 -25.60 18.17 14.55
N ILE F 45 -26.41 17.61 15.45
CA ILE F 45 -25.94 16.50 16.29
C ILE F 45 -26.02 15.16 15.52
N ASP F 46 -27.13 14.93 14.83
CA ASP F 46 -27.33 13.69 14.08
C ASP F 46 -26.27 13.48 13.01
N GLN F 47 -25.91 14.56 12.32
CA GLN F 47 -24.91 14.52 11.24
C GLN F 47 -23.52 14.17 11.77
N ILE F 48 -23.10 14.88 12.81
CA ILE F 48 -21.83 14.60 13.51
C ILE F 48 -21.83 13.18 14.08
N ASN F 49 -22.95 12.75 14.66
CA ASN F 49 -23.11 11.35 15.05
C ASN F 49 -23.04 10.41 13.86
N GLY F 50 -23.79 10.74 12.81
CA GLY F 50 -23.80 9.96 11.58
C GLY F 50 -22.41 9.75 11.02
N LYS F 51 -21.56 10.77 11.12
CA LYS F 51 -20.22 10.67 10.57
C LYS F 51 -19.23 10.01 11.52
N LEU F 52 -19.41 10.23 12.82
CA LEU F 52 -18.62 9.53 13.84
C LEU F 52 -18.79 8.02 13.66
N ASN F 53 -20.04 7.58 13.52
CA ASN F 53 -20.35 6.18 13.27
C ASN F 53 -19.70 5.63 12.01
N ARG F 54 -19.72 6.40 10.92
CA ARG F 54 -19.06 5.99 9.68
C ARG F 54 -17.56 5.72 9.88
N VAL F 55 -16.91 6.61 10.65
CA VAL F 55 -15.49 6.52 10.96
C VAL F 55 -15.17 5.36 11.91
N ILE F 56 -15.98 5.17 12.94
CA ILE F 56 -15.76 4.09 13.91
C ILE F 56 -16.15 2.73 13.34
N GLU F 57 -17.05 2.71 12.35
CA GLU F 57 -17.43 1.49 11.61
C GLU F 57 -16.29 0.49 11.50
N LYS F 58 -16.47 -0.67 12.12
CA LYS F 58 -15.51 -1.78 12.15
C LYS F 58 -14.66 -1.89 10.88
N THR F 59 -13.41 -1.46 10.95
CA THR F 59 -12.45 -1.74 9.87
C THR F 59 -12.16 -3.25 9.89
N ASN F 60 -11.31 -3.72 8.97
CA ASN F 60 -11.10 -5.16 8.79
C ASN F 60 -10.35 -5.87 9.93
N GLU F 61 -10.03 -7.14 9.69
CA GLU F 61 -9.35 -7.99 10.67
C GLU F 61 -8.44 -9.02 10.00
N LYS F 62 -7.20 -9.08 10.47
CA LYS F 62 -6.22 -10.04 9.96
C LYS F 62 -5.95 -11.07 11.05
N PHE F 63 -5.23 -12.13 10.69
CA PHE F 63 -4.87 -13.14 11.68
C PHE F 63 -3.40 -13.46 11.58
N HIS F 64 -3.04 -14.46 10.79
CA HIS F 64 -1.63 -14.73 10.53
C HIS F 64 -1.14 -13.79 9.49
N GLN F 65 -0.20 -12.95 9.89
CA GLN F 65 0.42 -11.99 9.01
C GLN F 65 1.88 -12.38 8.88
N ILE F 66 2.68 -11.49 8.32
CA ILE F 66 4.13 -11.68 8.35
C ILE F 66 4.68 -11.32 9.72
N GLU F 67 5.89 -11.78 9.99
CA GLU F 67 6.64 -11.36 11.16
C GLU F 67 7.12 -9.91 10.96
N LYS F 68 7.21 -9.18 12.05
CA LYS F 68 7.45 -7.74 11.98
C LYS F 68 8.65 -7.32 12.85
N GLU F 69 9.19 -8.28 13.59
CA GLU F 69 10.40 -8.08 14.38
C GLU F 69 11.36 -9.25 14.24
N PHE F 70 12.65 -8.92 14.22
CA PHE F 70 13.70 -9.88 13.88
C PHE F 70 14.89 -9.69 14.82
N SER F 71 15.41 -10.79 15.36
CA SER F 71 16.54 -10.71 16.26
C SER F 71 17.86 -10.86 15.50
N GLU F 72 17.79 -11.49 14.33
CA GLU F 72 18.95 -11.73 13.46
C GLU F 72 18.99 -10.78 12.27
N VAL F 73 20.17 -10.62 11.68
CA VAL F 73 20.32 -9.89 10.42
C VAL F 73 20.33 -10.91 9.29
N GLU F 74 19.48 -10.70 8.29
CA GLU F 74 19.29 -11.71 7.25
C GLU F 74 19.51 -11.20 5.84
N GLY F 75 19.29 -9.91 5.62
CA GLY F 75 19.44 -9.34 4.29
C GLY F 75 18.16 -9.28 3.48
N ARG F 76 18.21 -9.85 2.28
CA ARG F 76 17.22 -9.59 1.22
C ARG F 76 15.77 -9.82 1.59
N ILE F 77 15.44 -11.03 2.04
CA ILE F 77 14.07 -11.39 2.39
C ILE F 77 13.57 -10.52 3.57
N GLN F 78 14.43 -10.32 4.56
CA GLN F 78 14.08 -9.48 5.70
C GLN F 78 13.91 -8.02 5.28
N ASP F 79 14.81 -7.56 4.39
CA ASP F 79 14.70 -6.22 3.81
C ASP F 79 13.30 -6.02 3.24
N LEU F 80 12.88 -6.98 2.41
CA LEU F 80 11.56 -6.96 1.77
C LEU F 80 10.40 -7.02 2.77
N GLU F 81 10.56 -7.79 3.85
CA GLU F 81 9.53 -7.90 4.88
C GLU F 81 9.29 -6.58 5.60
N LYS F 82 10.38 -5.89 5.92
CA LYS F 82 10.35 -4.62 6.63
C LYS F 82 9.76 -3.49 5.80
N TYR F 83 10.19 -3.43 4.53
CA TYR F 83 9.77 -2.41 3.58
C TYR F 83 8.28 -2.53 3.28
N VAL F 84 7.79 -3.76 3.12
CA VAL F 84 6.37 -4.01 2.96
C VAL F 84 5.60 -3.47 4.16
N GLU F 85 6.06 -3.80 5.36
CA GLU F 85 5.42 -3.33 6.58
C GLU F 85 5.49 -1.80 6.72
N ASP F 86 6.66 -1.22 6.48
CA ASP F 86 6.83 0.23 6.54
C ASP F 86 5.97 1.02 5.57
N THR F 87 5.91 0.60 4.30
CA THR F 87 5.10 1.32 3.35
C THR F 87 3.62 1.15 3.64
N LYS F 88 3.24 -0.02 4.16
CA LYS F 88 1.86 -0.22 4.62
C LYS F 88 1.50 0.78 5.69
N ILE F 89 2.32 0.86 6.74
CA ILE F 89 2.08 1.81 7.83
C ILE F 89 1.99 3.26 7.32
N ASP F 90 2.83 3.63 6.37
CA ASP F 90 2.83 4.99 5.86
C ASP F 90 1.51 5.35 5.12
N LEU F 91 1.06 4.46 4.25
CA LEU F 91 -0.20 4.69 3.55
C LEU F 91 -1.40 4.82 4.50
N TRP F 92 -1.40 4.02 5.58
CA TRP F 92 -2.41 4.16 6.64
C TRP F 92 -2.30 5.43 7.42
N SER F 93 -1.06 5.85 7.69
CA SER F 93 -0.81 7.06 8.45
C SER F 93 -1.28 8.28 7.69
N TYR F 94 -1.12 8.24 6.36
CA TYR F 94 -1.58 9.31 5.49
C TYR F 94 -3.10 9.30 5.41
N ASN F 95 -3.69 8.11 5.33
CA ASN F 95 -5.15 8.01 5.32
C ASN F 95 -5.77 8.59 6.58
N ALA F 96 -5.14 8.29 7.72
CA ALA F 96 -5.58 8.74 9.03
C ALA F 96 -5.45 10.25 9.18
N GLU F 97 -4.34 10.79 8.70
CA GLU F 97 -4.11 12.23 8.75
C GLU F 97 -5.13 12.93 7.85
N LEU F 98 -5.21 12.48 6.58
CA LEU F 98 -6.10 13.10 5.61
C LEU F 98 -7.58 12.95 5.98
N LEU F 99 -7.91 11.85 6.67
CA LEU F 99 -9.30 11.64 7.10
C LEU F 99 -9.77 12.75 8.03
N VAL F 100 -9.05 12.99 9.11
CA VAL F 100 -9.49 13.97 10.10
C VAL F 100 -9.42 15.37 9.52
N ALA F 101 -8.43 15.60 8.65
CA ALA F 101 -8.28 16.88 8.00
C ALA F 101 -9.55 17.23 7.24
N LEU F 102 -9.98 16.31 6.38
CA LEU F 102 -11.25 16.44 5.65
C LEU F 102 -12.45 16.52 6.59
N GLU F 103 -12.56 15.51 7.46
CA GLU F 103 -13.68 15.43 8.40
C GLU F 103 -13.85 16.71 9.20
N ASN F 104 -12.76 17.17 9.80
CA ASN F 104 -12.77 18.37 10.63
C ASN F 104 -13.12 19.66 9.90
N GLN F 105 -12.54 19.84 8.72
CA GLN F 105 -12.91 20.93 7.81
C GLN F 105 -14.42 20.90 7.56
N HIS F 106 -14.95 19.70 7.31
CA HIS F 106 -16.36 19.56 7.03
C HIS F 106 -17.23 19.80 8.24
N THR F 107 -16.86 19.21 9.37
CA THR F 107 -17.65 19.38 10.60
C THR F 107 -17.85 20.87 10.89
N ILE F 108 -16.76 21.64 10.81
CA ILE F 108 -16.80 23.08 10.97
C ILE F 108 -17.78 23.76 9.99
N ASP F 109 -17.67 23.45 8.70
CA ASP F 109 -18.57 24.02 7.70
C ASP F 109 -20.03 23.60 7.89
N LEU F 110 -20.22 22.37 8.36
CA LEU F 110 -21.53 21.82 8.59
C LEU F 110 -22.28 22.58 9.67
N THR F 111 -21.59 22.84 10.78
CA THR F 111 -22.17 23.57 11.91
C THR F 111 -22.34 25.06 11.61
N ASP F 112 -21.43 25.61 10.82
CA ASP F 112 -21.58 26.96 10.31
C ASP F 112 -22.86 27.05 9.49
N SER F 113 -23.06 26.06 8.61
CA SER F 113 -24.26 25.97 7.79
C SER F 113 -25.53 25.88 8.62
N GLU F 114 -25.58 24.96 9.58
CA GLU F 114 -26.76 24.80 10.43
C GLU F 114 -27.17 26.09 11.14
N MET F 115 -26.17 26.88 11.54
CA MET F 115 -26.37 28.21 12.10
C MET F 115 -26.99 29.15 11.07
N ASN F 116 -26.43 29.17 9.86
CA ASN F 116 -26.97 29.96 8.76
C ASN F 116 -28.40 29.55 8.36
N LYS F 117 -28.67 28.24 8.35
CA LYS F 117 -30.01 27.72 8.09
C LYS F 117 -31.05 28.26 9.07
N LEU F 118 -30.69 28.27 10.35
CA LEU F 118 -31.58 28.76 11.41
C LEU F 118 -31.83 30.25 11.22
N PHE F 119 -30.78 30.96 10.82
CA PHE F 119 -30.86 32.39 10.62
C PHE F 119 -31.81 32.74 9.48
N GLU F 120 -31.58 32.15 8.30
CA GLU F 120 -32.40 32.45 7.14
C GLU F 120 -33.84 31.98 7.33
N LYS F 121 -34.02 30.92 8.11
CA LYS F 121 -35.37 30.40 8.40
C LYS F 121 -36.14 31.42 9.21
N THR F 122 -35.46 32.07 10.14
CA THR F 122 -36.05 33.12 10.97
C THR F 122 -36.31 34.39 10.14
N ARG F 123 -35.32 34.81 9.36
CA ARG F 123 -35.43 35.93 8.42
C ARG F 123 -36.69 35.82 7.56
N ARG F 124 -36.94 34.62 7.06
CA ARG F 124 -38.08 34.35 6.18
C ARG F 124 -39.39 34.35 6.94
N GLN F 125 -39.32 33.92 8.19
CA GLN F 125 -40.49 33.83 9.05
C GLN F 125 -41.02 35.24 9.33
N LEU F 126 -40.11 36.17 9.58
CA LEU F 126 -40.45 37.54 9.94
C LEU F 126 -40.99 38.39 8.78
N ARG F 127 -40.63 38.02 7.55
CA ARG F 127 -41.06 38.73 6.34
C ARG F 127 -40.70 40.22 6.39
N GLU F 128 -41.70 41.07 6.59
CA GLU F 128 -41.50 42.53 6.54
C GLU F 128 -41.42 43.20 7.91
N ASN F 129 -41.63 42.41 8.97
CA ASN F 129 -41.78 42.94 10.32
C ASN F 129 -40.46 43.18 11.07
N ALA F 130 -39.34 42.96 10.40
CA ALA F 130 -38.00 43.07 11.02
C ALA F 130 -36.89 43.45 10.02
N GLU F 131 -35.72 43.82 10.55
CA GLU F 131 -34.55 44.15 9.73
C GLU F 131 -33.26 43.58 10.31
N ASP F 132 -32.38 43.09 9.43
CA ASP F 132 -31.09 42.50 9.82
C ASP F 132 -30.08 43.58 10.22
N MET F 133 -29.68 43.57 11.49
CA MET F 133 -28.76 44.56 12.05
C MET F 133 -27.32 44.36 11.60
N GLY F 134 -26.98 43.13 11.22
CA GLY F 134 -25.65 42.81 10.72
C GLY F 134 -24.90 41.84 11.61
N ASN F 135 -25.29 41.78 12.88
CA ASN F 135 -24.63 40.93 13.86
C ASN F 135 -25.46 39.72 14.28
N GLY F 136 -26.34 39.27 13.39
CA GLY F 136 -27.16 38.11 13.68
C GLY F 136 -28.33 38.43 14.58
N CYS F 137 -28.68 39.71 14.66
CA CYS F 137 -29.87 40.14 15.37
C CYS F 137 -30.81 40.87 14.43
N PHE F 138 -32.10 40.65 14.64
CA PHE F 138 -33.11 41.43 13.96
C PHE F 138 -33.61 42.52 14.91
N LYS F 139 -34.09 43.62 14.35
CA LYS F 139 -34.92 44.53 15.12
C LYS F 139 -36.34 44.23 14.68
N ILE F 140 -37.14 43.71 15.61
CA ILE F 140 -38.56 43.50 15.36
C ILE F 140 -39.27 44.84 15.55
N TYR F 141 -39.74 45.42 14.46
CA TYR F 141 -40.27 46.78 14.46
C TYR F 141 -41.66 46.92 15.05
N HIS F 142 -42.17 45.84 15.64
CA HIS F 142 -43.43 45.90 16.39
C HIS F 142 -43.26 45.49 17.83
N LYS F 143 -44.36 45.51 18.58
CA LYS F 143 -44.38 45.05 19.95
C LYS F 143 -44.39 43.52 19.97
N CYS F 144 -43.46 42.94 20.72
CA CYS F 144 -43.27 41.49 20.69
C CYS F 144 -42.83 40.91 22.05
N ASP F 145 -43.82 40.59 22.88
CA ASP F 145 -43.59 40.07 24.24
C ASP F 145 -43.02 38.64 24.23
N ASN F 146 -42.95 38.02 25.40
CA ASN F 146 -42.43 36.65 25.52
C ASN F 146 -43.28 35.63 24.74
N ALA F 147 -44.59 35.81 24.76
CA ALA F 147 -45.51 34.97 24.01
C ALA F 147 -45.33 35.13 22.50
N CYS F 148 -44.93 36.33 22.08
CA CYS F 148 -44.68 36.62 20.68
C CYS F 148 -43.35 35.99 20.23
N ILE F 149 -42.30 36.18 21.03
CA ILE F 149 -40.98 35.58 20.76
C ILE F 149 -41.11 34.07 20.64
N GLU F 150 -41.88 33.48 21.55
CA GLU F 150 -42.13 32.05 21.57
C GLU F 150 -42.68 31.55 20.22
N SER F 151 -43.62 32.30 19.66
CA SER F 151 -44.25 31.93 18.38
C SER F 151 -43.22 31.79 17.26
N ILE F 152 -42.22 32.68 17.25
CA ILE F 152 -41.12 32.62 16.30
C ILE F 152 -40.31 31.36 16.57
N ARG F 153 -39.93 31.16 17.83
CA ARG F 153 -39.15 30.03 18.29
C ARG F 153 -39.72 28.68 17.84
N ASN F 154 -41.02 28.49 18.06
CA ASN F 154 -41.67 27.21 17.72
C ASN F 154 -42.19 27.15 16.27
N GLY F 155 -41.92 28.19 15.49
CA GLY F 155 -42.25 28.21 14.08
C GLY F 155 -43.63 28.73 13.70
N THR F 156 -44.48 28.99 14.69
CA THR F 156 -45.85 29.41 14.45
C THR F 156 -46.04 30.93 14.59
N TYR F 157 -45.28 31.68 13.80
CA TYR F 157 -45.37 33.13 13.80
C TYR F 157 -46.20 33.59 12.60
N ASP F 158 -47.22 34.40 12.88
CA ASP F 158 -48.08 34.96 11.83
C ASP F 158 -47.74 36.42 11.57
N HIS F 159 -47.10 36.68 10.44
CA HIS F 159 -46.61 38.02 10.11
C HIS F 159 -47.72 38.98 9.75
N ASP F 160 -48.86 38.46 9.31
CA ASP F 160 -50.02 39.30 8.95
C ASP F 160 -50.53 40.08 10.15
N VAL F 161 -50.67 39.39 11.29
CA VAL F 161 -51.14 39.99 12.53
C VAL F 161 -50.37 41.28 12.84
N TYR F 162 -49.04 41.22 12.68
CA TYR F 162 -48.17 42.31 13.08
C TYR F 162 -47.78 43.25 11.93
N ARG F 163 -47.98 42.81 10.69
CA ARG F 163 -47.49 43.56 9.53
C ARG F 163 -47.84 45.05 9.58
N ASP F 164 -49.12 45.37 9.71
CA ASP F 164 -49.56 46.76 9.67
C ASP F 164 -48.86 47.65 10.70
N GLU F 165 -48.83 47.19 11.94
CA GLU F 165 -48.14 47.89 13.02
C GLU F 165 -46.63 48.04 12.75
N ALA F 166 -46.00 46.93 12.38
CA ALA F 166 -44.55 46.90 12.14
C ALA F 166 -44.17 47.70 10.89
N LEU F 167 -44.82 47.38 9.77
CA LEU F 167 -44.59 48.08 8.50
C LEU F 167 -44.70 49.59 8.70
N ASN F 168 -45.72 50.00 9.45
CA ASN F 168 -45.95 51.40 9.76
C ASN F 168 -44.88 52.01 10.67
N ASN F 169 -44.39 51.20 11.61
CA ASN F 169 -43.35 51.63 12.54
C ASN F 169 -41.99 51.75 11.86
N ARG F 170 -41.82 50.98 10.79
CA ARG F 170 -40.56 50.86 10.09
C ARG F 170 -40.22 52.06 9.19
N PHE F 171 -41.23 52.81 8.75
CA PHE F 171 -41.04 53.87 7.75
C PHE F 171 -41.16 55.32 8.22
N GLN F 172 -41.53 55.53 9.47
CA GLN F 172 -41.75 56.88 10.01
C GLN F 172 -40.55 57.81 9.91
N ILE F 173 -40.81 59.06 9.50
CA ILE F 173 -39.77 60.09 9.35
C ILE F 173 -39.35 60.66 10.70
C1 NAG G . 41.75 -0.16 10.66
C2 NAG G . 43.19 0.31 10.71
C3 NAG G . 44.12 -0.67 11.45
C4 NAG G . 43.48 -1.46 12.62
C5 NAG G . 41.98 -1.69 12.41
C6 NAG G . 41.32 -2.05 13.72
C7 NAG G . 43.89 1.76 8.90
C8 NAG G . 44.30 1.85 7.45
N2 NAG G . 43.60 0.54 9.35
O3 NAG G . 45.22 0.07 11.92
O4 NAG G . 44.11 -2.72 12.76
O5 NAG G . 41.33 -0.52 11.95
O6 NAG G . 41.53 -1.01 14.62
O7 NAG G . 43.84 2.77 9.60
C1 NAG G . 45.37 -2.64 13.47
C2 NAG G . 45.56 -3.87 14.34
C3 NAG G . 46.96 -3.90 14.96
C4 NAG G . 48.07 -3.63 13.95
C5 NAG G . 47.74 -2.36 13.16
C6 NAG G . 48.76 -2.03 12.05
C7 NAG G . 43.38 -4.55 15.30
C8 NAG G . 42.48 -4.40 16.49
N2 NAG G . 44.54 -3.88 15.38
O3 NAG G . 47.18 -5.17 15.55
O4 NAG G . 49.29 -3.48 14.66
O5 NAG G . 46.45 -2.52 12.58
O6 NAG G . 48.15 -1.28 11.00
O7 NAG G . 43.03 -5.25 14.35
C1 BMA G . 50.29 -4.48 14.36
C2 BMA G . 51.64 -3.76 14.40
C3 BMA G . 52.88 -4.66 14.49
C4 BMA G . 52.67 -5.89 15.36
C5 BMA G . 51.33 -6.54 15.03
C6 BMA G . 51.09 -7.76 15.91
O2 BMA G . 51.61 -2.89 15.54
O3 BMA G . 53.90 -3.90 15.14
O4 BMA G . 53.77 -6.79 15.21
O5 BMA G . 50.29 -5.59 15.27
O6 BMA G . 49.70 -8.10 15.82
C1 MAN G . 49.08 -8.61 17.04
C2 MAN G . 49.31 -7.77 18.31
C3 MAN G . 50.56 -8.20 19.09
C4 MAN G . 50.65 -9.72 19.21
C5 MAN G . 50.50 -10.37 17.84
C6 MAN G . 50.59 -11.90 17.87
O2 MAN G . 48.21 -7.93 19.18
O3 MAN G . 50.57 -7.60 20.35
O4 MAN G . 51.89 -10.08 19.78
O5 MAN G . 49.26 -10.00 17.27
O6 MAN G . 51.09 -12.34 16.62
C1 NAG G . 47.18 -6.93 18.97
C2 NAG G . 45.84 -7.50 19.48
C3 NAG G . 44.73 -6.47 19.34
C4 NAG G . 45.12 -5.09 19.90
C5 NAG G . 46.52 -4.66 19.43
C6 NAG G . 47.03 -3.40 20.12
C7 NAG G . 45.73 -9.96 19.24
C8 NAG G . 45.30 -11.09 18.36
N2 NAG G . 45.50 -8.73 18.77
O3 NAG G . 43.58 -6.94 20.02
O4 NAG G . 44.18 -4.14 19.44
O5 NAG G . 47.48 -5.70 19.61
O6 NAG G . 46.90 -3.50 21.52
O7 NAG G . 46.26 -10.23 20.32
C1 GAL G . 43.36 -3.59 20.49
C2 GAL G . 42.61 -2.36 19.96
C3 GAL G . 41.70 -1.78 21.06
C4 GAL G . 40.77 -2.87 21.60
C5 GAL G . 41.59 -4.07 22.08
C6 GAL G . 40.71 -5.21 22.56
O2 GAL G . 43.51 -1.38 19.49
O3 GAL G . 40.98 -0.67 20.57
O4 GAL G . 39.85 -3.28 20.60
O5 GAL G . 42.44 -4.54 21.03
O6 GAL G . 40.55 -5.13 23.96
C1 MAN G . 55.02 -3.60 14.28
C2 MAN G . 56.29 -3.70 15.13
C3 MAN G . 56.29 -2.55 16.13
C4 MAN G . 56.31 -1.23 15.37
C5 MAN G . 55.11 -1.16 14.42
C6 MAN G . 55.26 0.04 13.50
O2 MAN G . 57.43 -3.62 14.33
O3 MAN G . 57.39 -2.62 17.00
O4 MAN G . 56.30 -0.15 16.30
O5 MAN G . 54.94 -2.33 13.63
O6 MAN G . 53.99 0.39 13.00
C1 NAG G . 57.80 -4.88 13.74
C2 NAG G . 58.42 -4.55 12.37
C3 NAG G . 59.29 -5.67 11.78
C4 NAG G . 60.14 -6.36 12.85
C5 NAG G . 59.25 -6.78 14.03
C6 NAG G . 60.01 -7.49 15.15
C7 NAG G . 57.11 -2.94 11.00
C8 NAG G . 55.94 -2.78 10.07
N2 NAG G . 57.34 -4.18 11.44
O3 NAG G . 60.13 -5.12 10.79
O4 NAG G . 60.84 -7.46 12.31
O5 NAG G . 58.65 -5.62 14.59
O6 NAG G . 60.08 -8.88 14.87
O7 NAG G . 57.78 -1.94 11.30
C1 FUC G . 40.32 -0.62 15.24
C2 FUC G . 40.66 0.15 16.50
C3 FUC G . 41.21 1.55 16.16
C4 FUC G . 40.24 2.32 15.19
C5 FUC G . 39.93 1.43 13.99
C6 FUC G . 38.91 2.11 13.07
O2 FUC G . 41.63 -0.51 17.28
O3 FUC G . 41.44 2.32 17.29
O4 FUC G . 39.08 2.65 15.88
O5 FUC G . 39.46 0.16 14.33
C1 NAG H . 37.64 -28.84 18.25
C2 NAG H . 37.66 -30.08 19.16
C3 NAG H . 36.78 -29.96 20.41
C4 NAG H . 36.73 -28.56 21.03
C5 NAG H . 36.63 -27.50 19.94
C6 NAG H . 36.71 -26.08 20.47
C7 NAG H . 38.07 -32.08 17.78
C8 NAG H . 37.43 -33.20 17.02
N2 NAG H . 37.23 -31.22 18.39
O3 NAG H . 37.23 -30.89 21.37
O4 NAG H . 35.62 -28.49 21.91
O5 NAG H . 37.69 -27.65 19.02
O6 NAG H . 38.01 -25.81 20.93
O7 NAG H . 39.29 -31.97 17.82
C1 NAG H . 35.98 -28.16 23.28
C2 NAG H . 34.87 -27.24 23.83
C3 NAG H . 35.02 -26.97 25.32
C4 NAG H . 35.12 -28.29 26.07
C5 NAG H . 36.27 -29.13 25.51
C6 NAG H . 36.34 -30.49 26.21
C7 NAG H . 33.66 -25.70 22.37
C8 NAG H . 33.65 -24.38 21.65
N2 NAG H . 34.76 -25.99 23.09
O3 NAG H . 33.90 -26.24 25.79
O4 NAG H . 35.27 -28.05 27.46
O5 NAG H . 36.13 -29.32 24.10
O6 NAG H . 36.98 -31.44 25.40
O7 NAG H . 32.69 -26.45 22.28
C1 NAG I . 16.40 9.82 -13.71
C2 NAG I . 15.47 10.16 -14.89
C3 NAG I . 14.51 9.00 -15.11
C4 NAG I . 15.31 7.71 -15.36
C5 NAG I . 16.18 7.45 -14.12
C6 NAG I . 17.09 6.23 -14.27
C7 NAG I . 15.21 12.61 -14.77
C8 NAG I . 14.25 13.73 -14.46
N2 NAG I . 14.71 11.38 -14.65
O3 NAG I . 13.63 9.30 -16.16
O4 NAG I . 14.43 6.63 -15.66
O5 NAG I . 17.03 8.55 -13.88
O6 NAG I . 17.95 6.43 -15.36
O7 NAG I . 16.36 12.88 -15.10
C1 NAG I . 14.85 5.88 -16.84
C2 NAG I . 14.02 4.59 -17.00
C3 NAG I . 14.57 3.75 -18.15
C4 NAG I . 14.84 4.55 -19.45
C5 NAG I . 15.36 5.97 -19.18
C6 NAG I . 15.15 6.88 -20.39
C7 NAG I . 12.93 3.08 -15.38
C8 NAG I . 13.08 2.33 -14.09
N2 NAG I . 13.98 3.81 -15.77
O3 NAG I . 13.66 2.70 -18.41
O4 NAG I . 15.83 3.88 -20.24
O5 NAG I . 14.76 6.60 -18.06
O6 NAG I . 16.18 6.64 -21.31
O7 NAG I . 11.86 2.99 -16.00
C1 BMA I . 15.47 3.14 -21.45
C2 BMA I . 14.32 2.11 -21.35
C3 BMA I . 14.37 1.15 -22.53
C4 BMA I . 14.45 1.90 -23.87
C5 BMA I . 15.48 3.04 -23.86
C6 BMA I . 15.32 3.90 -25.12
O2 BMA I . 13.03 2.76 -21.32
O3 BMA I . 13.23 0.30 -22.51
O4 BMA I . 14.77 0.95 -24.90
O5 BMA I . 15.34 3.88 -22.68
O6 BMA I . 16.49 3.86 -25.96
C1 MAN I . 16.36 2.87 -27.04
C2 MAN I . 17.65 2.83 -27.87
C3 MAN I . 17.61 3.76 -29.09
C4 MAN I . 16.27 3.66 -29.84
C5 MAN I . 15.13 3.93 -28.86
C6 MAN I . 13.77 3.92 -29.53
O2 MAN I . 17.89 1.50 -28.28
O3 MAN I . 18.67 3.45 -29.96
O4 MAN I . 16.22 4.60 -30.90
O5 MAN I . 15.17 2.95 -27.82
O6 MAN I . 13.48 5.22 -30.00
C1 NAG J . 11.51 -23.51 -34.21
C2 NAG J . 11.26 -24.28 -35.49
C3 NAG J . 12.55 -24.91 -36.05
C4 NAG J . 13.83 -24.07 -35.89
C5 NAG J . 13.78 -23.22 -34.61
C6 NAG J . 14.80 -22.08 -34.73
C7 NAG J . 9.11 -25.37 -35.80
C8 NAG J . 8.20 -26.49 -35.37
N2 NAG J . 10.29 -25.30 -35.18
O3 NAG J . 12.32 -25.17 -37.41
O4 NAG J . 14.96 -24.93 -35.80
O5 NAG J . 12.53 -22.58 -34.45
O6 NAG J . 14.35 -21.26 -35.72
O7 NAG J . 8.78 -24.57 -36.68
C1 NAG J . 15.45 -25.40 -37.07
C2 NAG J . 16.97 -25.52 -37.02
C3 NAG J . 17.51 -26.15 -38.31
C4 NAG J . 16.80 -27.46 -38.65
C5 NAG J . 15.29 -27.18 -38.68
C6 NAG J . 14.45 -28.43 -39.02
C7 NAG J . 17.85 -23.75 -35.56
C8 NAG J . 18.46 -22.37 -35.52
N2 NAG J . 17.57 -24.22 -36.78
O3 NAG J . 18.88 -26.40 -38.19
O4 NAG J . 17.24 -27.91 -39.91
O5 NAG J . 14.90 -26.66 -37.41
O6 NAG J . 13.19 -28.39 -38.38
O7 NAG J . 17.64 -24.35 -34.51
C1 BMA J . 17.90 -29.19 -39.94
C2 BMA J . 17.67 -29.77 -41.34
C3 BMA J . 18.57 -30.97 -41.68
C4 BMA J . 20.01 -30.73 -41.26
C5 BMA J . 20.06 -30.30 -39.80
C6 BMA J . 21.49 -30.01 -39.38
O2 BMA J . 17.89 -28.72 -42.29
O3 BMA J . 18.62 -31.11 -43.10
O4 BMA J . 20.80 -31.90 -41.55
O5 BMA J . 19.30 -29.09 -39.66
O6 BMA J . 21.45 -28.82 -38.57
C1 MAN J . 22.68 -28.08 -38.42
C2 MAN J . 22.99 -27.20 -39.66
C3 MAN J . 24.05 -27.81 -40.57
C4 MAN J . 25.20 -28.40 -39.77
C5 MAN J . 24.63 -29.45 -38.82
C6 MAN J . 25.69 -30.25 -38.05
O2 MAN J . 23.46 -25.93 -39.25
O3 MAN J . 24.54 -26.81 -41.45
O4 MAN J . 26.14 -28.99 -40.64
O5 MAN J . 23.78 -28.81 -37.89
O6 MAN J . 25.07 -31.42 -37.53
C1 NAG J . 22.41 -25.01 -38.92
C2 NAG J . 22.94 -24.11 -37.81
C3 NAG J . 21.99 -22.95 -37.47
C4 NAG J . 21.38 -22.27 -38.72
C5 NAG J . 20.96 -23.30 -39.79
C6 NAG J . 20.58 -22.66 -41.11
C7 NAG J . 24.36 -25.49 -36.32
C8 NAG J . 24.35 -26.36 -35.10
N2 NAG J . 23.18 -24.95 -36.65
O3 NAG J . 22.64 -21.99 -36.68
O4 NAG J . 20.25 -21.55 -38.28
O5 NAG J . 21.99 -24.25 -40.04
O6 NAG J . 21.74 -22.17 -41.76
O7 NAG J . 25.41 -25.30 -36.95
C1 GAL J . 20.28 -20.16 -38.65
C2 GAL J . 18.85 -19.59 -38.57
C3 GAL J . 18.87 -18.12 -38.99
C4 GAL J . 19.86 -17.35 -38.11
C5 GAL J . 21.25 -18.02 -38.21
C6 GAL J . 22.29 -17.30 -37.36
O2 GAL J . 17.96 -20.34 -39.36
O3 GAL J . 17.57 -17.54 -38.97
O4 GAL J . 19.44 -17.31 -36.76
O5 GAL J . 21.16 -19.39 -37.84
O6 GAL J . 23.37 -16.90 -38.18
C1 MAN J . 17.95 -32.30 -43.55
C2 MAN J . 18.68 -32.80 -44.80
C3 MAN J . 18.47 -31.77 -45.91
C4 MAN J . 16.98 -31.55 -46.17
C5 MAN J . 16.21 -31.23 -44.88
C6 MAN J . 14.72 -31.34 -45.11
O2 MAN J . 18.20 -34.06 -45.22
O3 MAN J . 19.12 -32.18 -47.10
O4 MAN J . 16.80 -30.53 -47.14
O5 MAN J . 16.56 -32.08 -43.79
O6 MAN J . 14.04 -30.37 -44.34
C1 NAG J . 18.86 -35.16 -44.57
C2 NAG J . 17.80 -36.18 -44.11
C3 NAG J . 18.48 -37.40 -43.48
C4 NAG J . 19.53 -37.98 -44.44
C5 NAG J . 20.53 -36.89 -44.85
C6 NAG J . 21.54 -37.40 -45.88
C7 NAG J . 15.61 -35.21 -43.52
C8 NAG J . 14.78 -34.63 -42.40
N2 NAG J . 16.86 -35.60 -43.19
O3 NAG J . 17.54 -38.38 -43.14
O4 NAG J . 20.19 -39.08 -43.81
O5 NAG J . 19.83 -35.78 -45.42
O6 NAG J . 22.45 -38.30 -45.26
O7 NAG J . 15.13 -35.31 -44.64
C1 FUC J . 14.44 -19.88 -35.40
C2 FUC J . 14.72 -19.13 -36.68
C3 FUC J . 13.49 -19.20 -37.58
C4 FUC J . 12.24 -18.73 -36.83
C5 FUC J . 12.07 -19.49 -35.53
C6 FUC J . 10.90 -18.94 -34.72
O2 FUC J . 15.83 -19.73 -37.29
O3 FUC J . 13.67 -18.43 -38.74
O4 FUC J . 12.29 -17.34 -36.59
O5 FUC J . 13.25 -19.37 -34.76
C1 NAG K . 37.79 -27.23 -20.52
C2 NAG K . 39.33 -27.18 -20.44
C3 NAG K . 39.96 -25.78 -20.55
C4 NAG K . 39.20 -24.79 -21.43
C5 NAG K . 37.69 -24.94 -21.19
C6 NAG K . 36.85 -24.07 -22.11
C7 NAG K . 39.98 -29.05 -18.98
C8 NAG K . 40.41 -29.44 -17.59
N2 NAG K . 39.76 -27.75 -19.18
O3 NAG K . 41.28 -25.90 -21.07
O4 NAG K . 39.63 -23.47 -21.13
O5 NAG K . 37.30 -26.28 -21.44
O6 NAG K . 37.19 -24.34 -23.45
O7 NAG K . 39.84 -29.91 -19.84
C1 NAG K . 40.30 -22.80 -22.23
C2 NAG K . 39.86 -21.32 -22.25
C3 NAG K . 40.66 -20.49 -23.26
C4 NAG K . 42.15 -20.67 -23.01
C5 NAG K . 42.51 -22.16 -23.07
C6 NAG K . 44.01 -22.36 -22.78
C7 NAG K . 37.59 -20.63 -21.62
C8 NAG K . 36.15 -20.53 -22.02
N2 NAG K . 38.43 -21.18 -22.50
O3 NAG K . 40.32 -19.13 -23.12
O4 NAG K . 42.88 -19.91 -23.95
O5 NAG K . 41.73 -22.91 -22.14
O6 NAG K . 44.29 -23.72 -22.55
O7 NAG K . 37.94 -20.18 -20.52
C1 NAG L . -14.55 -15.81 -9.65
C2 NAG L . -15.68 -15.65 -8.62
C3 NAG L . -15.06 -15.57 -7.22
C4 NAG L . -14.25 -16.85 -6.96
C5 NAG L . -13.14 -16.87 -8.03
C6 NAG L . -12.17 -18.04 -7.92
C7 NAG L . -17.41 -14.39 -9.85
C8 NAG L . -18.16 -13.09 -9.94
N2 NAG L . -16.50 -14.48 -8.88
O3 NAG L . -16.05 -15.35 -6.25
O4 NAG L . -13.79 -16.88 -5.62
O5 NAG L . -13.71 -16.91 -9.34
O6 NAG L . -12.88 -19.25 -8.10
O7 NAG L . -17.66 -15.28 -10.67
C1 NAG L . -13.86 -18.21 -5.02
C2 NAG L . -12.96 -18.25 -3.78
C3 NAG L . -12.89 -19.68 -3.22
C4 NAG L . -14.27 -20.31 -2.98
C5 NAG L . -15.25 -19.98 -4.12
C6 NAG L . -16.69 -20.20 -3.65
C7 NAG L . -11.21 -16.59 -3.54
C8 NAG L . -9.82 -16.18 -3.92
N2 NAG L . -11.64 -17.74 -4.06
O3 NAG L . -12.13 -19.65 -2.02
O4 NAG L . -14.16 -21.73 -2.88
O5 NAG L . -15.16 -18.63 -4.62
O6 NAG L . -17.29 -21.18 -4.46
O7 NAG L . -11.87 -15.87 -2.78
C1 BMA L . -14.31 -22.40 -1.58
C2 BMA L . -13.70 -21.71 -0.34
C3 BMA L . -13.56 -22.75 0.77
C4 BMA L . -14.89 -23.47 1.04
C5 BMA L . -15.62 -23.91 -0.23
C6 BMA L . -17.06 -24.30 0.12
O2 BMA L . -14.54 -20.65 0.12
O3 BMA L . -13.07 -22.12 1.95
O4 BMA L . -14.66 -24.59 1.90
O5 BMA L . -15.62 -22.89 -1.25
O6 BMA L . -17.50 -25.48 -0.56
C1 MAN L . -17.60 -26.63 0.33
C2 MAN L . -18.35 -27.76 -0.41
C3 MAN L . -19.82 -27.95 0.01
C4 MAN L . -20.03 -27.77 1.52
C5 MAN L . -19.46 -26.41 1.92
C6 MAN L . -19.74 -26.06 3.38
O2 MAN L . -17.63 -28.96 -0.22
O3 MAN L . -20.28 -29.22 -0.39
O4 MAN L . -21.39 -27.86 1.88
O5 MAN L . -18.06 -26.38 1.67
O6 MAN L . -20.97 -25.38 3.44
C1 NAG M . -2.75 -37.42 21.26
C2 NAG M . -2.93 -38.35 22.44
C3 NAG M . -2.58 -39.80 22.07
C4 NAG M . -3.02 -40.25 20.66
C5 NAG M . -2.89 -39.08 19.65
C6 NAG M . -3.67 -39.39 18.35
C7 NAG M . -2.57 -37.35 24.63
C8 NAG M . -1.54 -36.84 25.60
N2 NAG M . -2.08 -37.83 23.48
O3 NAG M . -3.18 -40.63 23.03
O4 NAG M . -2.18 -41.32 20.24
O5 NAG M . -3.50 -37.93 20.17
O6 NAG M . -4.99 -39.45 18.67
O7 NAG M . -3.78 -37.31 24.91
C1 NAG M . -2.62 -42.61 20.72
C2 NAG M . -2.31 -43.66 19.66
C3 NAG M . -2.51 -45.08 20.17
C4 NAG M . -1.92 -45.33 21.57
C5 NAG M . -2.39 -44.20 22.51
C6 NAG M . -1.85 -44.35 23.93
C7 NAG M . -2.73 -42.75 17.41
C8 NAG M . -3.75 -42.58 16.33
N2 NAG M . -3.15 -43.41 18.51
O3 NAG M . -1.90 -46.00 19.29
O4 NAG M . -2.38 -46.59 22.03
O5 NAG M . -1.99 -42.95 21.94
O6 NAG M . -1.66 -43.10 24.56
O7 NAG M . -1.58 -42.31 17.28
C1 BMA M . -1.33 -47.55 22.28
C2 BMA M . -1.76 -48.31 23.54
C3 BMA M . -1.05 -49.64 23.77
C4 BMA M . -0.85 -50.44 22.49
C5 BMA M . -0.25 -49.56 21.41
C6 BMA M . -0.09 -50.33 20.12
O2 BMA M . -3.17 -48.56 23.45
O3 BMA M . -1.92 -50.43 24.59
O4 BMA M . -0.08 -51.63 22.77
O5 BMA M . -1.12 -48.45 21.18
O6 BMA M . 0.16 -49.38 19.07
C1 MAN M . -0.42 -49.68 17.77
C2 MAN M . -1.91 -50.09 17.78
C3 MAN M . -2.10 -51.60 17.92
C4 MAN M . -1.18 -52.36 16.95
C5 MAN M . 0.27 -51.91 17.18
C6 MAN M . 1.26 -52.65 16.29
O2 MAN M . -2.50 -49.72 16.55
O3 MAN M . -3.44 -51.95 17.68
O4 MAN M . -1.32 -53.74 17.16
O5 MAN M . 0.38 -50.52 16.94
O6 MAN M . 2.57 -52.23 16.60
C1 NAG M . -3.18 -48.45 16.60
C2 NAG M . -3.32 -47.94 15.17
C3 NAG M . -4.05 -46.59 15.17
C4 NAG M . -5.36 -46.63 15.97
C5 NAG M . -5.21 -47.35 17.32
C6 NAG M . -6.57 -47.70 17.94
C7 NAG M . -1.46 -48.81 13.79
C8 NAG M . -0.12 -48.51 13.19
N2 NAG M . -2.03 -47.83 14.51
O3 NAG M . -4.33 -46.19 13.84
O4 NAG M . -5.77 -45.29 16.19
O5 NAG M . -4.44 -48.54 17.23
O6 NAG M . -7.43 -48.21 16.95
O7 NAG M . -1.96 -49.91 13.57
C1 GAL M . -7.04 -44.96 15.59
C2 GAL M . -7.54 -43.65 16.20
C3 GAL M . -8.88 -43.24 15.57
C4 GAL M . -8.76 -43.19 14.04
C5 GAL M . -8.22 -44.54 13.54
C6 GAL M . -8.07 -44.57 12.03
O2 GAL M . -7.66 -43.75 17.61
O3 GAL M . -9.36 -42.02 16.10
O4 GAL M . -7.91 -42.14 13.62
O5 GAL M . -6.99 -44.85 14.17
O6 GAL M . -8.84 -45.63 11.50
C1 MAN M . -1.33 -50.74 25.85
C2 MAN M . -1.71 -52.19 26.18
C3 MAN M . -3.22 -52.20 26.41
C4 MAN M . -3.57 -51.28 27.58
C5 MAN M . -3.06 -49.86 27.29
C6 MAN M . -3.21 -48.98 28.52
O2 MAN M . -1.06 -52.66 27.35
O3 MAN M . -3.69 -53.52 26.63
O4 MAN M . -4.96 -51.31 27.84
O5 MAN M . -1.70 -49.83 26.88
O6 MAN M . -3.71 -47.73 28.12
C1 NAG M . 0.29 -53.10 27.11
C2 NAG M . 1.17 -52.52 28.24
C3 NAG M . 2.56 -53.14 28.28
C4 NAG M . 2.51 -54.66 28.16
C5 NAG M . 1.68 -55.06 26.93
C6 NAG M . 1.56 -56.57 26.75
C7 NAG M . 0.77 -50.22 29.03
C8 NAG M . 0.97 -48.76 28.75
N2 NAG M . 1.26 -51.08 28.13
O3 NAG M . 3.20 -52.77 29.48
O4 NAG M . 3.81 -55.20 28.11
O5 NAG M . 0.38 -54.50 27.04
O6 NAG M . 2.83 -57.18 26.63
O7 NAG M . 0.17 -50.56 30.06
C1 FUC M . -5.83 -38.74 17.75
C2 FUC M . -7.21 -39.41 17.84
C3 FUC M . -7.79 -39.14 19.22
C4 FUC M . -7.88 -37.63 19.49
C5 FUC M . -6.52 -36.97 19.28
C6 FUC M . -6.66 -35.44 19.34
O2 FUC M . -7.08 -40.79 17.58
O3 FUC M . -9.05 -39.75 19.39
O4 FUC M . -8.87 -37.02 18.68
O5 FUC M . -5.92 -37.35 18.05
C1 NAG N . 11.69 -49.37 -2.06
C2 NAG N . 11.94 -50.40 -3.17
C3 NAG N . 10.84 -50.52 -4.24
C4 NAG N . 9.40 -50.17 -3.79
C5 NAG N . 9.40 -49.07 -2.72
C6 NAG N . 8.03 -48.93 -2.06
C7 NAG N . 14.36 -50.66 -3.54
C8 NAG N . 15.55 -50.23 -4.33
N2 NAG N . 13.20 -50.09 -3.85
O3 NAG N . 10.84 -51.85 -4.72
O4 NAG N . 8.67 -49.74 -4.93
O5 NAG N . 10.32 -49.35 -1.69
O6 NAG N . 7.86 -49.91 -1.07
O7 NAG N . 14.49 -51.51 -2.65
C1 NAG N . 7.48 -50.51 -5.22
C2 NAG N . 6.38 -49.55 -5.73
C3 NAG N . 5.13 -50.29 -6.20
C4 NAG N . 5.49 -51.41 -7.18
C5 NAG N . 6.58 -52.30 -6.57
C6 NAG N . 6.97 -53.45 -7.50
C7 NAG N . 6.43 -47.27 -4.78
C8 NAG N . 5.95 -46.37 -3.68
N2 NAG N . 6.02 -48.54 -4.74
O3 NAG N . 4.25 -49.39 -6.83
O4 NAG N . 4.33 -52.14 -7.51
O5 NAG N . 7.71 -51.52 -6.19
O6 NAG N . 8.36 -53.43 -7.78
O7 NAG N . 7.20 -46.83 -5.63
C1 NAG O . 4.29 -1.51 23.06
C2 NAG O . 4.78 -0.07 23.30
C3 NAG O . 5.74 0.37 22.19
C4 NAG O . 6.89 -0.63 22.08
C5 NAG O . 6.27 -2.01 21.78
C6 NAG O . 7.28 -3.13 21.61
C7 NAG O . 2.89 1.08 24.44
C8 NAG O . 1.82 2.11 24.27
N2 NAG O . 3.67 0.88 23.37
O3 NAG O . 6.21 1.67 22.42
O4 NAG O . 7.82 -0.19 21.08
O5 NAG O . 5.39 -2.38 22.84
O6 NAG O . 7.97 -3.30 22.83
O7 NAG O . 2.99 0.47 25.51
C1 NAG O . 9.20 -0.27 21.52
C2 NAG O . 10.13 -0.14 20.30
C3 NAG O . 11.59 -0.39 20.71
C4 NAG O . 12.03 0.43 21.95
C5 NAG O . 10.92 0.57 23.00
C6 NAG O . 11.22 1.80 23.86
C7 NAG O . 9.74 -0.67 17.94
C8 NAG O . 9.33 -1.72 16.95
N2 NAG O . 9.75 -1.05 19.22
O3 NAG O . 12.43 -0.11 19.61
O4 NAG O . 13.15 -0.20 22.55
O5 NAG O . 9.60 0.71 22.47
O6 NAG O . 10.40 1.79 25.02
O7 NAG O . 10.05 0.45 17.54
C1 BMA O . 14.45 0.46 22.50
C2 BMA O . 14.94 0.88 21.10
C3 BMA O . 16.43 1.21 21.16
C4 BMA O . 16.74 2.20 22.28
C5 BMA O . 16.08 1.78 23.61
C6 BMA O . 16.32 2.85 24.69
O2 BMA O . 14.23 2.04 20.63
O3 BMA O . 16.86 1.73 19.89
O4 BMA O . 18.17 2.32 22.43
O5 BMA O . 14.69 1.53 23.43
O6 BMA O . 16.91 2.30 25.87
C1 MAN O . 18.36 2.29 25.84
C2 MAN O . 18.92 1.84 27.21
C3 MAN O . 19.24 3.00 28.16
C4 MAN O . 19.96 4.16 27.46
C5 MAN O . 19.16 4.58 26.23
C6 MAN O . 19.81 5.75 25.50
O2 MAN O . 20.05 1.03 27.01
O3 MAN O . 20.00 2.54 29.25
O4 MAN O . 20.12 5.27 28.33
O5 MAN O . 19.01 3.47 25.34
O6 MAN O . 19.40 6.95 26.11
C1 NAG P . 1.93 32.23 -8.03
C2 NAG P . 2.44 33.47 -8.79
C3 NAG P . 1.98 34.78 -8.12
C4 NAG P . 1.07 34.58 -6.90
C5 NAG P . 1.50 33.44 -5.96
C6 NAG P . 0.35 32.90 -5.10
C7 NAG P . 5.00 33.71 -8.44
C8 NAG P . 4.98 34.14 -7.00
N2 NAG P . 3.87 33.42 -9.13
O3 NAG P . 1.31 35.52 -9.11
O4 NAG P . 0.95 35.77 -6.16
O5 NAG P . 2.19 32.38 -6.65
O6 NAG P . -0.92 33.38 -5.51
O7 NAG P . 6.11 33.60 -8.97
C1 NAG Q . -13.80 55.48 7.73
C2 NAG Q . -12.80 55.97 8.79
C3 NAG Q . -12.71 57.49 8.97
C4 NAG Q . -13.57 58.39 8.07
C5 NAG Q . -14.48 57.66 7.08
C6 NAG Q . -14.75 58.51 5.84
C7 NAG Q . -12.21 54.95 10.98
C8 NAG Q . -12.74 54.30 12.23
N2 NAG Q . -13.12 55.32 10.06
O3 NAG Q . -11.36 57.88 8.78
O4 NAG Q . -14.33 59.27 8.86
O5 NAG Q . -13.94 56.40 6.67
O6 NAG Q . -13.53 58.83 5.18
O7 NAG Q . -11.00 55.12 10.86
C1 NAG R . -29.21 6.76 -13.96
C2 NAG R . -30.54 6.27 -14.55
C3 NAG R . -31.35 7.40 -15.20
C4 NAG R . -30.64 8.77 -15.18
C5 NAG R . -29.11 8.72 -15.42
C6 NAG R . -28.38 9.95 -14.88
C7 NAG R . -30.16 4.81 -16.67
C8 NAG R . -29.80 5.93 -17.62
N2 NAG R . -30.46 5.05 -15.37
O3 NAG R . -32.58 7.49 -14.51
O4 NAG R . -31.22 9.64 -16.12
O5 NAG R . -28.50 7.51 -14.95
O6 NAG R . -29.01 10.51 -13.75
O7 NAG R . -30.16 3.67 -17.12
C1 NAG S . -38.72 35.99 -22.92
C2 NAG S . -38.47 36.07 -24.44
C3 NAG S . -39.66 36.55 -25.30
C4 NAG S . -40.88 37.14 -24.57
C5 NAG S . -40.83 37.06 -23.04
C6 NAG S . -42.24 36.99 -22.46
C7 NAG S . -36.36 36.64 -25.60
C8 NAG S . -35.25 37.64 -25.74
N2 NAG S . -37.32 36.93 -24.71
O3 NAG S . -40.10 35.46 -26.11
O4 NAG S . -41.08 38.48 -24.98
O5 NAG S . -40.09 35.92 -22.60
O6 NAG S . -42.84 35.75 -22.78
O7 NAG S . -36.36 35.63 -26.29
C1 NAG T . -17.47 15.42 23.91
C2 NAG T . -17.60 15.84 25.39
C3 NAG T . -18.98 16.43 25.71
C4 NAG T . -19.90 16.56 24.49
C5 NAG T . -19.88 15.34 23.56
C6 NAG T . -20.39 15.65 22.13
C7 NAG T . -17.71 13.75 26.91
C8 NAG T . -19.10 13.30 26.53
N2 NAG T . -17.14 14.84 26.38
O3 NAG T . -18.77 17.70 26.29
O4 NAG T . -21.23 16.81 24.91
O5 NAG T . -18.62 14.66 23.53
O6 NAG T . -19.83 16.84 21.61
O7 NAG T . -17.11 13.06 27.74
C1 NAG U . -46.12 28.26 19.85
C2 NAG U . -47.10 27.14 20.25
C3 NAG U . -48.39 27.65 20.93
C4 NAG U . -48.28 28.95 21.70
C5 NAG U . -47.27 29.93 21.10
C6 NAG U . -47.00 31.10 22.04
C7 NAG U . -47.43 25.02 19.03
C8 NAG U . -47.83 24.39 17.72
N2 NAG U . -47.46 26.36 19.07
O3 NAG U . -48.84 26.65 21.83
O4 NAG U . -49.56 29.56 21.75
O5 NAG U . -46.03 29.28 20.82
O6 NAG U . -46.37 30.64 23.22
O7 NAG U . -47.10 24.31 19.97
#